data_3S4R
# 
_entry.id   3S4R 
# 
_audit_conform.dict_name       mmcif_pdbx.dic 
_audit_conform.dict_version    5.387 
_audit_conform.dict_location   http://mmcif.pdb.org/dictionaries/ascii/mmcif_pdbx.dic 
# 
loop_
_database_2.database_id 
_database_2.database_code 
_database_2.pdbx_database_accession 
_database_2.pdbx_DOI 
PDB   3S4R         pdb_00003s4r 10.2210/pdb3s4r/pdb 
RCSB  RCSB065759   ?            ?                   
WWPDB D_1000065759 ?            ?                   
# 
loop_
_pdbx_audit_revision_history.ordinal 
_pdbx_audit_revision_history.data_content_type 
_pdbx_audit_revision_history.major_revision 
_pdbx_audit_revision_history.minor_revision 
_pdbx_audit_revision_history.revision_date 
1 'Structure model' 1 0 2012-08-15 
2 'Structure model' 1 1 2013-07-03 
3 'Structure model' 1 2 2024-02-28 
# 
_pdbx_audit_revision_details.ordinal             1 
_pdbx_audit_revision_details.revision_ordinal    1 
_pdbx_audit_revision_details.data_content_type   'Structure model' 
_pdbx_audit_revision_details.provider            repository 
_pdbx_audit_revision_details.type                'Initial release' 
_pdbx_audit_revision_details.description         ? 
_pdbx_audit_revision_details.details             ? 
# 
loop_
_pdbx_audit_revision_group.ordinal 
_pdbx_audit_revision_group.revision_ordinal 
_pdbx_audit_revision_group.data_content_type 
_pdbx_audit_revision_group.group 
1 2 'Structure model' 'Database references'  
2 3 'Structure model' 'Data collection'      
3 3 'Structure model' 'Database references'  
4 3 'Structure model' 'Derived calculations' 
# 
loop_
_pdbx_audit_revision_category.ordinal 
_pdbx_audit_revision_category.revision_ordinal 
_pdbx_audit_revision_category.data_content_type 
_pdbx_audit_revision_category.category 
1 3 'Structure model' chem_comp_atom     
2 3 'Structure model' chem_comp_bond     
3 3 'Structure model' database_2         
4 3 'Structure model' struct_ref_seq_dif 
5 3 'Structure model' struct_site        
# 
loop_
_pdbx_audit_revision_item.ordinal 
_pdbx_audit_revision_item.revision_ordinal 
_pdbx_audit_revision_item.data_content_type 
_pdbx_audit_revision_item.item 
1 3 'Structure model' '_database_2.pdbx_DOI'                
2 3 'Structure model' '_database_2.pdbx_database_accession' 
3 3 'Structure model' '_struct_ref_seq_dif.details'         
4 3 'Structure model' '_struct_site.pdbx_auth_asym_id'      
5 3 'Structure model' '_struct_site.pdbx_auth_comp_id'      
6 3 'Structure model' '_struct_site.pdbx_auth_seq_id'       
# 
_pdbx_database_status.entry_id                        3S4R 
_pdbx_database_status.status_code                     REL 
_pdbx_database_status.deposit_site                    RCSB 
_pdbx_database_status.process_site                    RCSB 
_pdbx_database_status.recvd_initial_deposition_date   2011-05-20 
_pdbx_database_status.status_code_sf                  REL 
_pdbx_database_status.status_code_mr                  ? 
_pdbx_database_status.SG_entry                        ? 
_pdbx_database_status.status_code_cs                  ? 
_pdbx_database_status.methods_development_category    ? 
_pdbx_database_status.pdb_format_compatible           Y 
_pdbx_database_status.status_code_nmr_data            ? 
# 
loop_
_pdbx_database_related.db_name 
_pdbx_database_related.db_id 
_pdbx_database_related.details 
_pdbx_database_related.content_type 
PDB 3SSU . unspecified 
PDB 3SWK . unspecified 
# 
loop_
_audit_author.name 
_audit_author.pdbx_ordinal 
'Chernyatina, A.A.' 1 
'Strelkov, S.V.'    2 
# 
_citation.id                        primary 
_citation.title                     
'Atomic structure of the vimentin central alpha-helical domain and its implications for intermediate filament assembly.' 
_citation.journal_abbrev            Proc.Natl.Acad.Sci.USA 
_citation.journal_volume            109 
_citation.page_first                13620 
_citation.page_last                 13625 
_citation.year                      2012 
_citation.journal_id_ASTM           PNASA6 
_citation.country                   US 
_citation.journal_id_ISSN           0027-8424 
_citation.journal_id_CSD            0040 
_citation.book_publisher            ? 
_citation.pdbx_database_id_PubMed   22869704 
_citation.pdbx_database_id_DOI      10.1073/pnas.1206836109 
# 
loop_
_citation_author.citation_id 
_citation_author.name 
_citation_author.ordinal 
_citation_author.identifier_ORCID 
primary 'Chernyatina, A.A.' 1 ? 
primary 'Nicolet, S.'       2 ? 
primary 'Aebi, U.'          3 ? 
primary 'Herrmann, H.'      4 ? 
primary 'Strelkov, S.V.'    5 ? 
# 
loop_
_entity.id 
_entity.type 
_entity.src_method 
_entity.pdbx_description 
_entity.formula_weight 
_entity.pdbx_number_of_molecules 
_entity.pdbx_ec 
_entity.pdbx_mutation 
_entity.pdbx_fragment 
_entity.details 
1 polymer     man Vimentin 11088.521 2 ? Y117L 'coil 1A/1B fragment (UNP residues 99-189)' ? 
2 non-polymer syn GLYCEROL 92.094    2 ? ?     ?                                           ? 
3 water       nat water    18.015    4 ? ?     ?                                           ? 
# 
_entity_poly.entity_id                      1 
_entity_poly.type                           'polypeptide(L)' 
_entity_poly.nstd_linkage                   no 
_entity_poly.nstd_monomer                   no 
_entity_poly.pdbx_seq_one_letter_code       
;GSTRTNEKVELQELNDRFANLIDKVRFLEQQNKILLAELEQLKGQGKSRLGDLYEEEMRELRRQVDQLTNDKARVEVERD
NLAEDIMRLREKL
;
_entity_poly.pdbx_seq_one_letter_code_can   
;GSTRTNEKVELQELNDRFANLIDKVRFLEQQNKILLAELEQLKGQGKSRLGDLYEEEMRELRRQVDQLTNDKARVEVERD
NLAEDIMRLREKL
;
_entity_poly.pdbx_strand_id                 A,B 
_entity_poly.pdbx_target_identifier         ? 
# 
loop_
_pdbx_entity_nonpoly.entity_id 
_pdbx_entity_nonpoly.name 
_pdbx_entity_nonpoly.comp_id 
2 GLYCEROL GOL 
3 water    HOH 
# 
loop_
_entity_poly_seq.entity_id 
_entity_poly_seq.num 
_entity_poly_seq.mon_id 
_entity_poly_seq.hetero 
1 1  GLY n 
1 2  SER n 
1 3  THR n 
1 4  ARG n 
1 5  THR n 
1 6  ASN n 
1 7  GLU n 
1 8  LYS n 
1 9  VAL n 
1 10 GLU n 
1 11 LEU n 
1 12 GLN n 
1 13 GLU n 
1 14 LEU n 
1 15 ASN n 
1 16 ASP n 
1 17 ARG n 
1 18 PHE n 
1 19 ALA n 
1 20 ASN n 
1 21 LEU n 
1 22 ILE n 
1 23 ASP n 
1 24 LYS n 
1 25 VAL n 
1 26 ARG n 
1 27 PHE n 
1 28 LEU n 
1 29 GLU n 
1 30 GLN n 
1 31 GLN n 
1 32 ASN n 
1 33 LYS n 
1 34 ILE n 
1 35 LEU n 
1 36 LEU n 
1 37 ALA n 
1 38 GLU n 
1 39 LEU n 
1 40 GLU n 
1 41 GLN n 
1 42 LEU n 
1 43 LYS n 
1 44 GLY n 
1 45 GLN n 
1 46 GLY n 
1 47 LYS n 
1 48 SER n 
1 49 ARG n 
1 50 LEU n 
1 51 GLY n 
1 52 ASP n 
1 53 LEU n 
1 54 TYR n 
1 55 GLU n 
1 56 GLU n 
1 57 GLU n 
1 58 MET n 
1 59 ARG n 
1 60 GLU n 
1 61 LEU n 
1 62 ARG n 
1 63 ARG n 
1 64 GLN n 
1 65 VAL n 
1 66 ASP n 
1 67 GLN n 
1 68 LEU n 
1 69 THR n 
1 70 ASN n 
1 71 ASP n 
1 72 LYS n 
1 73 ALA n 
1 74 ARG n 
1 75 VAL n 
1 76 GLU n 
1 77 VAL n 
1 78 GLU n 
1 79 ARG n 
1 80 ASP n 
1 81 ASN n 
1 82 LEU n 
1 83 ALA n 
1 84 GLU n 
1 85 ASP n 
1 86 ILE n 
1 87 MET n 
1 88 ARG n 
1 89 LEU n 
1 90 ARG n 
1 91 GLU n 
1 92 LYS n 
1 93 LEU n 
# 
_entity_src_gen.entity_id                          1 
_entity_src_gen.pdbx_src_id                        1 
_entity_src_gen.pdbx_alt_source_flag               sample 
_entity_src_gen.pdbx_seq_type                      ? 
_entity_src_gen.pdbx_beg_seq_num                   ? 
_entity_src_gen.pdbx_end_seq_num                   ? 
_entity_src_gen.gene_src_common_name               human 
_entity_src_gen.gene_src_genus                     ? 
_entity_src_gen.pdbx_gene_src_gene                 'FLJ36605, VIM' 
_entity_src_gen.gene_src_species                   ? 
_entity_src_gen.gene_src_strain                    ? 
_entity_src_gen.gene_src_tissue                    ? 
_entity_src_gen.gene_src_tissue_fraction           ? 
_entity_src_gen.gene_src_details                   ? 
_entity_src_gen.pdbx_gene_src_fragment             ? 
_entity_src_gen.pdbx_gene_src_scientific_name      'Homo sapiens' 
_entity_src_gen.pdbx_gene_src_ncbi_taxonomy_id     9606 
_entity_src_gen.pdbx_gene_src_variant              ? 
_entity_src_gen.pdbx_gene_src_cell_line            ? 
_entity_src_gen.pdbx_gene_src_atcc                 ? 
_entity_src_gen.pdbx_gene_src_organ                ? 
_entity_src_gen.pdbx_gene_src_organelle            ? 
_entity_src_gen.pdbx_gene_src_cell                 ? 
_entity_src_gen.pdbx_gene_src_cellular_location    ? 
_entity_src_gen.host_org_common_name               ? 
_entity_src_gen.pdbx_host_org_scientific_name      'Escherichia coli' 
_entity_src_gen.pdbx_host_org_ncbi_taxonomy_id     562 
_entity_src_gen.host_org_genus                     ? 
_entity_src_gen.pdbx_host_org_gene                 ? 
_entity_src_gen.pdbx_host_org_organ                ? 
_entity_src_gen.host_org_species                   ? 
_entity_src_gen.pdbx_host_org_tissue               ? 
_entity_src_gen.pdbx_host_org_tissue_fraction      ? 
_entity_src_gen.pdbx_host_org_strain               'BL21(DE3)' 
_entity_src_gen.pdbx_host_org_variant              ? 
_entity_src_gen.pdbx_host_org_cell_line            ? 
_entity_src_gen.pdbx_host_org_atcc                 ? 
_entity_src_gen.pdbx_host_org_culture_collection   ? 
_entity_src_gen.pdbx_host_org_cell                 ? 
_entity_src_gen.pdbx_host_org_organelle            ? 
_entity_src_gen.pdbx_host_org_cellular_location    ? 
_entity_src_gen.pdbx_host_org_vector_type          plasmid 
_entity_src_gen.pdbx_host_org_vector               ? 
_entity_src_gen.host_org_details                   ? 
_entity_src_gen.expression_system_id               ? 
_entity_src_gen.plasmid_name                       pPEP-TEV 
_entity_src_gen.plasmid_details                    ? 
_entity_src_gen.pdbx_description                   ? 
# 
loop_
_chem_comp.id 
_chem_comp.type 
_chem_comp.mon_nstd_flag 
_chem_comp.name 
_chem_comp.pdbx_synonyms 
_chem_comp.formula 
_chem_comp.formula_weight 
ALA 'L-peptide linking' y ALANINE         ?                               'C3 H7 N O2'     89.093  
ARG 'L-peptide linking' y ARGININE        ?                               'C6 H15 N4 O2 1' 175.209 
ASN 'L-peptide linking' y ASPARAGINE      ?                               'C4 H8 N2 O3'    132.118 
ASP 'L-peptide linking' y 'ASPARTIC ACID' ?                               'C4 H7 N O4'     133.103 
GLN 'L-peptide linking' y GLUTAMINE       ?                               'C5 H10 N2 O3'   146.144 
GLU 'L-peptide linking' y 'GLUTAMIC ACID' ?                               'C5 H9 N O4'     147.129 
GLY 'peptide linking'   y GLYCINE         ?                               'C2 H5 N O2'     75.067  
GOL non-polymer         . GLYCEROL        'GLYCERIN; PROPANE-1,2,3-TRIOL' 'C3 H8 O3'       92.094  
HOH non-polymer         . WATER           ?                               'H2 O'           18.015  
ILE 'L-peptide linking' y ISOLEUCINE      ?                               'C6 H13 N O2'    131.173 
LEU 'L-peptide linking' y LEUCINE         ?                               'C6 H13 N O2'    131.173 
LYS 'L-peptide linking' y LYSINE          ?                               'C6 H15 N2 O2 1' 147.195 
MET 'L-peptide linking' y METHIONINE      ?                               'C5 H11 N O2 S'  149.211 
PHE 'L-peptide linking' y PHENYLALANINE   ?                               'C9 H11 N O2'    165.189 
SER 'L-peptide linking' y SERINE          ?                               'C3 H7 N O3'     105.093 
THR 'L-peptide linking' y THREONINE       ?                               'C4 H9 N O3'     119.119 
TYR 'L-peptide linking' y TYROSINE        ?                               'C9 H11 N O3'    181.189 
VAL 'L-peptide linking' y VALINE          ?                               'C5 H11 N O2'    117.146 
# 
loop_
_pdbx_poly_seq_scheme.asym_id 
_pdbx_poly_seq_scheme.entity_id 
_pdbx_poly_seq_scheme.seq_id 
_pdbx_poly_seq_scheme.mon_id 
_pdbx_poly_seq_scheme.ndb_seq_num 
_pdbx_poly_seq_scheme.pdb_seq_num 
_pdbx_poly_seq_scheme.auth_seq_num 
_pdbx_poly_seq_scheme.pdb_mon_id 
_pdbx_poly_seq_scheme.auth_mon_id 
_pdbx_poly_seq_scheme.pdb_strand_id 
_pdbx_poly_seq_scheme.pdb_ins_code 
_pdbx_poly_seq_scheme.hetero 
A 1 1  GLY 1  97  ?   ?   ?   A . n 
A 1 2  SER 2  98  ?   ?   ?   A . n 
A 1 3  THR 3  99  ?   ?   ?   A . n 
A 1 4  ARG 4  100 ?   ?   ?   A . n 
A 1 5  THR 5  101 ?   ?   ?   A . n 
A 1 6  ASN 6  102 102 ASN ASN A . n 
A 1 7  GLU 7  103 103 GLU GLU A . n 
A 1 8  LYS 8  104 104 LYS LYS A . n 
A 1 9  VAL 9  105 105 VAL VAL A . n 
A 1 10 GLU 10 106 106 GLU GLU A . n 
A 1 11 LEU 11 107 107 LEU LEU A . n 
A 1 12 GLN 12 108 108 GLN GLN A . n 
A 1 13 GLU 13 109 109 GLU GLU A . n 
A 1 14 LEU 14 110 110 LEU LEU A . n 
A 1 15 ASN 15 111 111 ASN ASN A . n 
A 1 16 ASP 16 112 112 ASP ASP A . n 
A 1 17 ARG 17 113 113 ARG ARG A . n 
A 1 18 PHE 18 114 114 PHE PHE A . n 
A 1 19 ALA 19 115 115 ALA ALA A . n 
A 1 20 ASN 20 116 116 ASN ASN A . n 
A 1 21 LEU 21 117 117 LEU LEU A . n 
A 1 22 ILE 22 118 118 ILE ILE A . n 
A 1 23 ASP 23 119 119 ASP ASP A . n 
A 1 24 LYS 24 120 120 LYS LYS A . n 
A 1 25 VAL 25 121 121 VAL VAL A . n 
A 1 26 ARG 26 122 122 ARG ARG A . n 
A 1 27 PHE 27 123 123 PHE PHE A . n 
A 1 28 LEU 28 124 124 LEU LEU A . n 
A 1 29 GLU 29 125 125 GLU GLU A . n 
A 1 30 GLN 30 126 126 GLN GLN A . n 
A 1 31 GLN 31 127 127 GLN GLN A . n 
A 1 32 ASN 32 128 128 ASN ASN A . n 
A 1 33 LYS 33 129 129 LYS LYS A . n 
A 1 34 ILE 34 130 130 ILE ILE A . n 
A 1 35 LEU 35 131 131 LEU LEU A . n 
A 1 36 LEU 36 132 132 LEU LEU A . n 
A 1 37 ALA 37 133 133 ALA ALA A . n 
A 1 38 GLU 38 134 134 GLU GLU A . n 
A 1 39 LEU 39 135 135 LEU LEU A . n 
A 1 40 GLU 40 136 136 GLU GLU A . n 
A 1 41 GLN 41 137 137 GLN GLN A . n 
A 1 42 LEU 42 138 138 LEU LEU A . n 
A 1 43 LYS 43 139 139 LYS LYS A . n 
A 1 44 GLY 44 140 140 GLY GLY A . n 
A 1 45 GLN 45 141 141 GLN GLN A . n 
A 1 46 GLY 46 142 142 GLY GLY A . n 
A 1 47 LYS 47 143 143 LYS LYS A . n 
A 1 48 SER 48 144 144 SER SER A . n 
A 1 49 ARG 49 145 145 ARG ARG A . n 
A 1 50 LEU 50 146 146 LEU LEU A . n 
A 1 51 GLY 51 147 147 GLY GLY A . n 
A 1 52 ASP 52 148 148 ASP ASP A . n 
A 1 53 LEU 53 149 149 LEU LEU A . n 
A 1 54 TYR 54 150 150 TYR TYR A . n 
A 1 55 GLU 55 151 151 GLU GLU A . n 
A 1 56 GLU 56 152 152 GLU GLU A . n 
A 1 57 GLU 57 153 153 GLU GLU A . n 
A 1 58 MET 58 154 154 MET MET A . n 
A 1 59 ARG 59 155 155 ARG ARG A . n 
A 1 60 GLU 60 156 156 GLU GLU A . n 
A 1 61 LEU 61 157 157 LEU LEU A . n 
A 1 62 ARG 62 158 158 ARG ARG A . n 
A 1 63 ARG 63 159 159 ARG ARG A . n 
A 1 64 GLN 64 160 160 GLN GLN A . n 
A 1 65 VAL 65 161 161 VAL VAL A . n 
A 1 66 ASP 66 162 162 ASP ASP A . n 
A 1 67 GLN 67 163 163 GLN GLN A . n 
A 1 68 LEU 68 164 164 LEU LEU A . n 
A 1 69 THR 69 165 165 THR THR A . n 
A 1 70 ASN 70 166 166 ASN ASN A . n 
A 1 71 ASP 71 167 167 ASP ASP A . n 
A 1 72 LYS 72 168 168 LYS LYS A . n 
A 1 73 ALA 73 169 169 ALA ALA A . n 
A 1 74 ARG 74 170 170 ARG ARG A . n 
A 1 75 VAL 75 171 171 VAL VAL A . n 
A 1 76 GLU 76 172 172 GLU GLU A . n 
A 1 77 VAL 77 173 173 VAL VAL A . n 
A 1 78 GLU 78 174 174 GLU GLU A . n 
A 1 79 ARG 79 175 175 ARG ARG A . n 
A 1 80 ASP 80 176 176 ASP ASP A . n 
A 1 81 ASN 81 177 177 ASN ASN A . n 
A 1 82 LEU 82 178 178 LEU LEU A . n 
A 1 83 ALA 83 179 179 ALA ALA A . n 
A 1 84 GLU 84 180 180 GLU GLU A . n 
A 1 85 ASP 85 181 181 ASP ASP A . n 
A 1 86 ILE 86 182 182 ILE ILE A . n 
A 1 87 MET 87 183 183 MET MET A . n 
A 1 88 ARG 88 184 184 ARG ARG A . n 
A 1 89 LEU 89 185 185 LEU LEU A . n 
A 1 90 ARG 90 186 186 ARG ARG A . n 
A 1 91 GLU 91 187 187 GLU GLU A . n 
A 1 92 LYS 92 188 188 LYS LYS A . n 
A 1 93 LEU 93 189 189 LEU LEU A . n 
B 1 1  GLY 1  97  ?   ?   ?   B . n 
B 1 2  SER 2  98  ?   ?   ?   B . n 
B 1 3  THR 3  99  99  THR THR B . n 
B 1 4  ARG 4  100 100 ARG ARG B . n 
B 1 5  THR 5  101 101 THR THR B . n 
B 1 6  ASN 6  102 102 ASN ASN B . n 
B 1 7  GLU 7  103 103 GLU GLU B . n 
B 1 8  LYS 8  104 104 LYS LYS B . n 
B 1 9  VAL 9  105 105 VAL VAL B . n 
B 1 10 GLU 10 106 106 GLU GLU B . n 
B 1 11 LEU 11 107 107 LEU LEU B . n 
B 1 12 GLN 12 108 108 GLN GLN B . n 
B 1 13 GLU 13 109 109 GLU GLU B . n 
B 1 14 LEU 14 110 110 LEU LEU B . n 
B 1 15 ASN 15 111 111 ASN ASN B . n 
B 1 16 ASP 16 112 112 ASP ASP B . n 
B 1 17 ARG 17 113 113 ARG ARG B . n 
B 1 18 PHE 18 114 114 PHE PHE B . n 
B 1 19 ALA 19 115 115 ALA ALA B . n 
B 1 20 ASN 20 116 116 ASN ASN B . n 
B 1 21 LEU 21 117 117 LEU LEU B . n 
B 1 22 ILE 22 118 118 ILE ILE B . n 
B 1 23 ASP 23 119 119 ASP ASP B . n 
B 1 24 LYS 24 120 120 LYS LYS B . n 
B 1 25 VAL 25 121 121 VAL VAL B . n 
B 1 26 ARG 26 122 122 ARG ARG B . n 
B 1 27 PHE 27 123 123 PHE PHE B . n 
B 1 28 LEU 28 124 124 LEU LEU B . n 
B 1 29 GLU 29 125 125 GLU GLU B . n 
B 1 30 GLN 30 126 126 GLN GLN B . n 
B 1 31 GLN 31 127 127 GLN GLN B . n 
B 1 32 ASN 32 128 128 ASN ASN B . n 
B 1 33 LYS 33 129 129 LYS LYS B . n 
B 1 34 ILE 34 130 130 ILE ILE B . n 
B 1 35 LEU 35 131 131 LEU LEU B . n 
B 1 36 LEU 36 132 132 LEU LEU B . n 
B 1 37 ALA 37 133 133 ALA ALA B . n 
B 1 38 GLU 38 134 134 GLU GLU B . n 
B 1 39 LEU 39 135 135 LEU LEU B . n 
B 1 40 GLU 40 136 136 GLU GLU B . n 
B 1 41 GLN 41 137 137 GLN GLN B . n 
B 1 42 LEU 42 138 138 LEU LEU B . n 
B 1 43 LYS 43 139 139 LYS LYS B . n 
B 1 44 GLY 44 140 140 GLY GLY B . n 
B 1 45 GLN 45 141 141 GLN GLN B . n 
B 1 46 GLY 46 142 142 GLY GLY B . n 
B 1 47 LYS 47 143 143 LYS LYS B . n 
B 1 48 SER 48 144 144 SER SER B . n 
B 1 49 ARG 49 145 145 ARG ARG B . n 
B 1 50 LEU 50 146 146 LEU LEU B . n 
B 1 51 GLY 51 147 147 GLY GLY B . n 
B 1 52 ASP 52 148 148 ASP ASP B . n 
B 1 53 LEU 53 149 149 LEU LEU B . n 
B 1 54 TYR 54 150 150 TYR TYR B . n 
B 1 55 GLU 55 151 151 GLU GLU B . n 
B 1 56 GLU 56 152 152 GLU GLU B . n 
B 1 57 GLU 57 153 153 GLU GLU B . n 
B 1 58 MET 58 154 154 MET MET B . n 
B 1 59 ARG 59 155 155 ARG ARG B . n 
B 1 60 GLU 60 156 156 GLU GLU B . n 
B 1 61 LEU 61 157 157 LEU LEU B . n 
B 1 62 ARG 62 158 158 ARG ARG B . n 
B 1 63 ARG 63 159 159 ARG ARG B . n 
B 1 64 GLN 64 160 160 GLN GLN B . n 
B 1 65 VAL 65 161 161 VAL VAL B . n 
B 1 66 ASP 66 162 162 ASP ASP B . n 
B 1 67 GLN 67 163 163 GLN GLN B . n 
B 1 68 LEU 68 164 164 LEU LEU B . n 
B 1 69 THR 69 165 165 THR THR B . n 
B 1 70 ASN 70 166 166 ASN ASN B . n 
B 1 71 ASP 71 167 167 ASP ASP B . n 
B 1 72 LYS 72 168 168 LYS LYS B . n 
B 1 73 ALA 73 169 169 ALA ALA B . n 
B 1 74 ARG 74 170 170 ARG ARG B . n 
B 1 75 VAL 75 171 171 VAL VAL B . n 
B 1 76 GLU 76 172 172 GLU GLU B . n 
B 1 77 VAL 77 173 173 VAL VAL B . n 
B 1 78 GLU 78 174 174 GLU GLU B . n 
B 1 79 ARG 79 175 175 ARG ARG B . n 
B 1 80 ASP 80 176 176 ASP ASP B . n 
B 1 81 ASN 81 177 177 ASN ASN B . n 
B 1 82 LEU 82 178 178 LEU LEU B . n 
B 1 83 ALA 83 179 179 ALA ALA B . n 
B 1 84 GLU 84 180 180 GLU GLU B . n 
B 1 85 ASP 85 181 181 ASP ASP B . n 
B 1 86 ILE 86 182 182 ILE ILE B . n 
B 1 87 MET 87 183 183 MET MET B . n 
B 1 88 ARG 88 184 184 ARG ARG B . n 
B 1 89 LEU 89 185 185 LEU LEU B . n 
B 1 90 ARG 90 186 186 ARG ARG B . n 
B 1 91 GLU 91 187 187 GLU GLU B . n 
B 1 92 LYS 92 188 188 LYS LYS B . n 
B 1 93 LEU 93 189 189 LEU LEU B . n 
# 
loop_
_pdbx_nonpoly_scheme.asym_id 
_pdbx_nonpoly_scheme.entity_id 
_pdbx_nonpoly_scheme.mon_id 
_pdbx_nonpoly_scheme.ndb_seq_num 
_pdbx_nonpoly_scheme.pdb_seq_num 
_pdbx_nonpoly_scheme.auth_seq_num 
_pdbx_nonpoly_scheme.pdb_mon_id 
_pdbx_nonpoly_scheme.auth_mon_id 
_pdbx_nonpoly_scheme.pdb_strand_id 
_pdbx_nonpoly_scheme.pdb_ins_code 
C 2 GOL 1 202 202 GOL GOL A . 
D 2 GOL 1 201 201 GOL GOL B . 
E 3 HOH 1 206 206 HOH HOH A . 
F 3 HOH 1 203 203 HOH HOH B . 
F 3 HOH 2 204 204 HOH HOH B . 
F 3 HOH 3 205 205 HOH HOH B . 
# 
loop_
_software.pdbx_ordinal 
_software.name 
_software.version 
_software.date 
_software.type 
_software.contact_author 
_software.contact_author_email 
_software.classification 
_software.location 
_software.language 
_software.citation_id 
1 DENZO       .                 ?               program 'Zbyszek Otwinowski' hkl@hkl-xray.com         'data reduction'  
http://www.hkl-xray.com/                  ?   ? 
2 SCALEPACK   .                 ?               program 'Zbyszek Otwinowski' hkl@hkl-xray.com         'data scaling'    
http://www.hkl-xray.com/                  ?   ? 
3 PHENIX      1.6.4_486         ?               package 'Paul D. Adams'      PDAdams@lbl.gov          refinement        
http://www.phenix-online.org/             C++ ? 
4 PDB_EXTRACT 3.10              'June 10, 2010' package PDB                  deposit@deposit.rcsb.org 'data extraction' 
http://sw-tools.pdb.org/apps/PDB_EXTRACT/ C++ ? 
5 beam        'line - specific' ?               ?       ?                    ?                        'data collection' ? ?   ? 
6 SHELXS      .                 ?               ?       ?                    ?                        phasing           ? ?   ? 
# 
_cell.length_a           65.329 
_cell.length_b           65.329 
_cell.length_c           377.339 
_cell.angle_alpha        90.000 
_cell.angle_beta         90.000 
_cell.angle_gamma        120.000 
_cell.entry_id           3S4R 
_cell.pdbx_unique_axis   ? 
_cell.Z_PDB              36 
_cell.length_a_esd       ? 
_cell.length_b_esd       ? 
_cell.length_c_esd       ? 
_cell.angle_alpha_esd    ? 
_cell.angle_beta_esd     ? 
_cell.angle_gamma_esd    ? 
# 
_symmetry.space_group_name_H-M             'H 3 2' 
_symmetry.entry_id                         3S4R 
_symmetry.Int_Tables_number                155 
_symmetry.pdbx_full_space_group_name_H-M   ? 
_symmetry.cell_setting                     ? 
_symmetry.space_group_name_Hall            ? 
# 
_exptl.crystals_number   2 
_exptl.entry_id          3S4R 
_exptl.method            'X-RAY DIFFRACTION' 
# 
loop_
_exptl_crystal.id 
_exptl_crystal.density_Matthews 
_exptl_crystal.density_meas 
_exptl_crystal.density_percent_sol 
_exptl_crystal.description 
_exptl_crystal.F_000 
_exptl_crystal.preparation 
1 3.49 ? 64.79 ? ? ? 
2 ?    ? ?     ? ? ? 
# 
loop_
_exptl_crystal_grow.crystal_id 
_exptl_crystal_grow.method 
_exptl_crystal_grow.pH 
_exptl_crystal_grow.temp 
_exptl_crystal_grow.pdbx_details 
_exptl_crystal_grow.temp_details 
_exptl_crystal_grow.pdbx_pH_range 
1 'VAPOR DIFFUSION, SITTING DROP' 6 277 
'0.1M Na cacodylate, MPD 20%, Mg acetate 0.45M, pH 6, VAPOR DIFFUSION, SITTING DROP, temperature 277K' ? ? 
2 'VAPOR DIFFUSION, SITTING DROP' 6 277 '0.1M MES, MPD 35%, 0.35M Li2SO4, pH 6, VAPOR DIFFUSION, SITTING DROP, temperature 277K' ? 
? 
# 
loop_
_diffrn.id 
_diffrn.ambient_temp 
_diffrn.ambient_temp_details 
_diffrn.crystal_id 
1 100 ? 1 
2 100 ? 1 
3 100 ? 1 
# 
loop_
_diffrn_detector.diffrn_id 
_diffrn_detector.detector 
_diffrn_detector.type 
_diffrn_detector.pdbx_collection_date 
_diffrn_detector.details 
1 CCD 'MARMOSAIC 225 mm CCD' 2009-05-29 ? 
2 CCD 'MARMOSAIC 225 mm CCD' 2009-07-16 ? 
3 CCD 'MARMOSAIC 225 mm CCD' 2009-07-16 ? 
# 
loop_
_diffrn_radiation.diffrn_id 
_diffrn_radiation.pdbx_diffrn_protocol 
_diffrn_radiation.monochromator 
_diffrn_radiation.wavelength_id 
_diffrn_radiation.pdbx_monochromatic_or_laue_m_l 
_diffrn_radiation.pdbx_scattering_type 
1 'SINGLE WAVELENGTH' ? 1 M x-ray 
2 'SINGLE WAVELENGTH' ? 2 M x-ray 
3 'SINGLE WAVELENGTH' ? 3 M x-ray 
# 
loop_
_diffrn_radiation_wavelength.id 
_diffrn_radiation_wavelength.wavelength 
_diffrn_radiation_wavelength.wt 
1 1.000  1.0 
2 0.9796 1.0 
3 0.9798 1.0 
# 
loop_
_diffrn_source.diffrn_id 
_diffrn_source.source 
_diffrn_source.type 
_diffrn_source.pdbx_wavelength_list 
_diffrn_source.pdbx_wavelength 
_diffrn_source.pdbx_synchrotron_site 
_diffrn_source.pdbx_synchrotron_beamline 
1 SYNCHROTRON 'SLS BEAMLINE X06DA' 1.000  ? SLS X06DA 
2 SYNCHROTRON 'SLS BEAMLINE X06DA' 0.9796 ? SLS X06DA 
3 SYNCHROTRON 'SLS BEAMLINE X06DA' 0.9798 ? SLS X06DA 
# 
_reflns.entry_id                     3S4R 
_reflns.d_resolution_high            2.450 
_reflns.d_resolution_low             50.000 
_reflns.number_obs                   11209 
_reflns.pdbx_Rmerge_I_obs            ? 
_reflns.pdbx_netI_over_sigmaI        14.500 
_reflns.pdbx_chi_squared             1.765 
_reflns.pdbx_redundancy              10.900 
_reflns.percent_possible_obs         93.700 
_reflns.observed_criterion_sigma_F   -6 
_reflns.observed_criterion_sigma_I   -6 
_reflns.number_all                   11209 
_reflns.pdbx_Rsym_value              0.071 
_reflns.B_iso_Wilson_estimate        ? 
_reflns.R_free_details               ? 
_reflns.limit_h_max                  ? 
_reflns.limit_h_min                  ? 
_reflns.limit_k_max                  ? 
_reflns.limit_k_min                  ? 
_reflns.limit_l_max                  ? 
_reflns.limit_l_min                  ? 
_reflns.observed_criterion_F_max     ? 
_reflns.observed_criterion_F_min     ? 
_reflns.pdbx_scaling_rejects         ? 
_reflns.pdbx_ordinal                 1 
_reflns.pdbx_diffrn_id               1,2,1 
# 
loop_
_reflns_shell.d_res_high 
_reflns_shell.d_res_low 
_reflns_shell.number_measured_obs 
_reflns_shell.number_measured_all 
_reflns_shell.number_unique_obs 
_reflns_shell.Rmerge_I_obs 
_reflns_shell.meanI_over_sigI_obs 
_reflns_shell.pdbx_Rsym_value 
_reflns_shell.pdbx_chi_squared 
_reflns_shell.pdbx_redundancy 
_reflns_shell.percent_possible_obs 
_reflns_shell.number_unique_all 
_reflns_shell.percent_possible_all 
_reflns_shell.pdbx_ordinal 
_reflns_shell.pdbx_diffrn_id 
2.450 2.490  ? ? ? 0.420 1.7 ? 1.563 8.500  ? 325 55.900  1  1,2,1 
2.490 2.540  ? ? ? 0.295 ?   ? 1.440 8.300  ? 369 62.200  2  1,2,1 
2.540 2.590  ? ? ? 0.328 ?   ? 1.523 7.800  ? 424 72.600  3  1,2,1 
2.590 2.640  ? ? ? 0.343 ?   ? 1.601 7.400  ? 496 85.400  4  1,2,1 
2.640 2.700  ? ? ? 0.413 ?   ? 1.458 8.000  ? 563 96.100  5  1,2,1 
2.700 2.760  ? ? ? 0.435 ?   ? 1.434 9.700  ? 590 100.000 6  1,2,1 
2.760 2.830  ? ? ? 0.368 ?   ? 1.465 11.200 ? 592 100.000 7  1,2,1 
2.830 2.900  ? ? ? 0.282 ?   ? 1.520 12.000 ? 577 100.000 8  1,2,1 
2.900 2.990  ? ? ? 0.184 ?   ? 1.542 11.900 ? 594 100.000 9  1,2,1 
2.990 3.090  ? ? ? 0.206 ?   ? 1.561 12.200 ? 588 100.000 10 1,2,1 
3.090 3.200  ? ? ? 0.177 ?   ? 1.534 12.000 ? 591 100.000 11 1,2,1 
3.200 3.320  ? ? ? 0.152 ?   ? 1.604 12.000 ? 586 100.000 12 1,2,1 
3.320 3.480  ? ? ? 0.131 ?   ? 1.670 12.100 ? 592 100.000 13 1,2,1 
3.480 3.660  ? ? ? 0.106 ?   ? 2.015 12.000 ? 603 100.000 14 1,2,1 
3.660 3.890  ? ? ? 0.085 ?   ? 2.356 11.900 ? 586 100.000 15 1,2,1 
3.890 4.190  ? ? ? 0.062 ?   ? 2.665 11.600 ? 609 100.000 16 1,2,1 
4.190 4.610  ? ? ? 0.052 ?   ? 2.528 11.700 ? 609 100.000 17 1,2,1 
4.610 5.280  ? ? ? 0.038 ?   ? 1.702 11.600 ? 610 100.000 18 1,2,1 
5.280 6.650  ? ? ? 0.042 ?   ? 1.644 11.500 ? 635 100.000 19 1,2,1 
6.650 50.000 ? ? ? 0.026 ?   ? 1.737 10.200 ? 670 99.100  20 1,2,1 
# 
_refine.entry_id                                 3S4R 
_refine.ls_d_res_high                            2.4520 
_refine.ls_d_res_low                             48.5200 
_refine.pdbx_ls_sigma_F                          0.000 
_refine.pdbx_data_cutoff_high_absF               ? 
_refine.pdbx_data_cutoff_low_absF                ? 
_refine.ls_percent_reflns_obs                    92.5700 
_refine.ls_number_reflns_obs                     11076 
_refine.ls_number_reflns_all                     11151 
_refine.pdbx_ls_cross_valid_method               ? 
_refine.pdbx_R_Free_selection_details            RANDOM 
_refine.details                                  ? 
_refine.ls_R_factor_all                          0.2929 
_refine.ls_R_factor_obs                          0.2929 
_refine.ls_R_factor_R_work                       0.2917 
_refine.ls_wR_factor_R_work                      ? 
_refine.ls_R_factor_R_free                       0.3147 
_refine.ls_wR_factor_R_free                      ? 
_refine.ls_percent_reflns_R_free                 4.8000 
_refine.ls_number_reflns_R_free                  532 
_refine.ls_R_factor_R_free_error                 ? 
_refine.B_iso_mean                               78.2650 
_refine.solvent_model_param_bsol                 58.6090 
_refine.solvent_model_param_ksol                 0.3330 
_refine.pdbx_isotropic_thermal_model             ? 
_refine.aniso_B[1][1]                            23.2798 
_refine.aniso_B[2][2]                            23.2798 
_refine.aniso_B[3][3]                            -42.9403 
_refine.aniso_B[1][2]                            0.0000 
_refine.aniso_B[1][3]                            -0.0000 
_refine.aniso_B[2][3]                            0.0000 
_refine.correlation_coeff_Fo_to_Fc               ? 
_refine.correlation_coeff_Fo_to_Fc_free          ? 
_refine.overall_SU_R_Cruickshank_DPI             ? 
_refine.overall_SU_R_free                        ? 
_refine.pdbx_overall_ESU_R_Free                  ? 
_refine.overall_SU_ML                            0.3800 
_refine.overall_SU_B                             ? 
_refine.solvent_model_details                    'FLAT BULK SOLVENT MODEL' 
_refine.pdbx_solvent_vdw_probe_radii             0.9000 
_refine.pdbx_solvent_ion_probe_radii             ? 
_refine.pdbx_solvent_shrinkage_radii             0.6100 
_refine.ls_number_parameters                     ? 
_refine.ls_number_restraints                     ? 
_refine.pdbx_starting_model                      ? 
_refine.pdbx_method_to_determine_struct          MAD 
_refine.pdbx_stereochemistry_target_values       ML 
_refine.pdbx_stereochem_target_val_spec_case     ? 
_refine.overall_FOM_work_R_set                   ? 
_refine.B_iso_max                                153.940 
_refine.B_iso_min                                39.700 
_refine.pdbx_overall_phase_error                 43.7300 
_refine.occupancy_max                            1.000 
_refine.occupancy_min                            0.690 
_refine.pdbx_ls_sigma_I                          ? 
_refine.ls_redundancy_reflns_obs                 ? 
_refine.ls_R_factor_R_free_error_details         ? 
_refine.pdbx_data_cutoff_high_rms_absF           ? 
_refine.overall_FOM_free_R_set                   ? 
_refine.pdbx_diffrn_id                           1,2,1 
_refine.pdbx_refine_id                           'X-RAY DIFFRACTION' 
_refine.pdbx_overall_ESU_R                       ? 
_refine.pdbx_TLS_residual_ADP_flag               ? 
_refine.pdbx_overall_SU_R_free_Cruickshank_DPI   ? 
_refine.pdbx_overall_SU_R_Blow_DPI               ? 
_refine.pdbx_overall_SU_R_free_Blow_DPI          ? 
# 
_refine_hist.pdbx_refine_id                   'X-RAY DIFFRACTION' 
_refine_hist.cycle_id                         LAST 
_refine_hist.pdbx_number_atoms_protein        1505 
_refine_hist.pdbx_number_atoms_nucleic_acid   0 
_refine_hist.pdbx_number_atoms_ligand         12 
_refine_hist.number_atoms_solvent             4 
_refine_hist.number_atoms_total               1521 
_refine_hist.d_res_high                       2.4520 
_refine_hist.d_res_low                        48.5200 
# 
loop_
_refine_ls_restr.type 
_refine_ls_restr.number 
_refine_ls_restr.dev_ideal 
_refine_ls_restr.dev_ideal_target 
_refine_ls_restr.weight 
_refine_ls_restr.pdbx_restraint_function 
_refine_ls_restr.pdbx_refine_id 
f_bond_d           1519 0.011  ? ? ? 'X-RAY DIFFRACTION' 
f_angle_d          2020 1.217  ? ? ? 'X-RAY DIFFRACTION' 
f_chiral_restr     223  0.077  ? ? ? 'X-RAY DIFFRACTION' 
f_plane_restr      272  0.003  ? ? ? 'X-RAY DIFFRACTION' 
f_dihedral_angle_d 634  17.074 ? ? ? 'X-RAY DIFFRACTION' 
# 
loop_
_refine_ls_shell.d_res_high 
_refine_ls_shell.d_res_low 
_refine_ls_shell.pdbx_total_number_of_bins_used 
_refine_ls_shell.percent_reflns_obs 
_refine_ls_shell.number_reflns_R_work 
_refine_ls_shell.R_factor_all 
_refine_ls_shell.R_factor_R_work 
_refine_ls_shell.R_factor_R_free 
_refine_ls_shell.percent_reflns_R_free 
_refine_ls_shell.number_reflns_R_free 
_refine_ls_shell.R_factor_R_free_error 
_refine_ls_shell.number_reflns_all 
_refine_ls_shell.number_reflns_obs 
_refine_ls_shell.redundancy_reflns_obs 
_refine_ls_shell.pdbx_refine_id 
2.4522 2.6990  4 74.0000 2041 . 0.3882 0.4613 . 113 . 2154 . . 'X-RAY DIFFRACTION' 
2.6990 3.0895  4 99.0000 2773 . 0.3508 0.4364 . 130 . 2903 . . 'X-RAY DIFFRACTION' 
3.0895 3.8921  4 99.0000 2780 . 0.3035 0.3538 . 145 . 2925 . . 'X-RAY DIFFRACTION' 
3.8921 48.5290 4 99.0000 2950 . 0.2589 0.2538 . 144 . 3094 . . 'X-RAY DIFFRACTION' 
# 
_struct.entry_id                  3S4R 
_struct.title                     'Crystal structure of vimentin coil1A/1B fragment with a stabilizing mutation' 
_struct.pdbx_model_details        ? 
_struct.pdbx_CASP_flag            ? 
_struct.pdbx_model_type_details   ? 
# 
_struct_keywords.entry_id        3S4R 
_struct_keywords.text            'alpha-helix, cytoskeleton, intermediate filament, STRUCTURAL PROTEIN' 
_struct_keywords.pdbx_keywords   'STRUCTURAL PROTEIN' 
# 
loop_
_struct_asym.id 
_struct_asym.pdbx_blank_PDB_chainid_flag 
_struct_asym.pdbx_modified 
_struct_asym.entity_id 
_struct_asym.details 
A N N 1 ? 
B N N 1 ? 
C N N 2 ? 
D N N 2 ? 
E N N 3 ? 
F N N 3 ? 
# 
_struct_ref.id                         1 
_struct_ref.db_name                    UNP 
_struct_ref.db_code                    VIME_HUMAN 
_struct_ref.pdbx_db_accession          P08670 
_struct_ref.entity_id                  1 
_struct_ref.pdbx_seq_one_letter_code   
;TRTNEKVELQELNDRFANYIDKVRFLEQQNKILLAELEQLKGQGKSRLGDLYEEEMRELRRQVDQLTNDKARVEVERDNL
AEDIMRLREKL
;
_struct_ref.pdbx_align_begin           99 
_struct_ref.pdbx_db_isoform            ? 
# 
loop_
_struct_ref_seq.align_id 
_struct_ref_seq.ref_id 
_struct_ref_seq.pdbx_PDB_id_code 
_struct_ref_seq.pdbx_strand_id 
_struct_ref_seq.seq_align_beg 
_struct_ref_seq.pdbx_seq_align_beg_ins_code 
_struct_ref_seq.seq_align_end 
_struct_ref_seq.pdbx_seq_align_end_ins_code 
_struct_ref_seq.pdbx_db_accession 
_struct_ref_seq.db_align_beg 
_struct_ref_seq.pdbx_db_align_beg_ins_code 
_struct_ref_seq.db_align_end 
_struct_ref_seq.pdbx_db_align_end_ins_code 
_struct_ref_seq.pdbx_auth_seq_align_beg 
_struct_ref_seq.pdbx_auth_seq_align_end 
1 1 3S4R A 3 ? 93 ? P08670 99 ? 189 ? 99 189 
2 1 3S4R B 3 ? 93 ? P08670 99 ? 189 ? 99 189 
# 
loop_
_struct_ref_seq_dif.align_id 
_struct_ref_seq_dif.pdbx_pdb_id_code 
_struct_ref_seq_dif.mon_id 
_struct_ref_seq_dif.pdbx_pdb_strand_id 
_struct_ref_seq_dif.seq_num 
_struct_ref_seq_dif.pdbx_pdb_ins_code 
_struct_ref_seq_dif.pdbx_seq_db_name 
_struct_ref_seq_dif.pdbx_seq_db_accession_code 
_struct_ref_seq_dif.db_mon_id 
_struct_ref_seq_dif.pdbx_seq_db_seq_num 
_struct_ref_seq_dif.details 
_struct_ref_seq_dif.pdbx_auth_seq_num 
_struct_ref_seq_dif.pdbx_ordinal 
1 3S4R GLY A 1  ? UNP P08670 ?   ?   'expression tag'      97  1 
1 3S4R SER A 2  ? UNP P08670 ?   ?   'expression tag'      98  2 
1 3S4R LEU A 21 ? UNP P08670 TYR 117 'engineered mutation' 117 3 
2 3S4R GLY B 1  ? UNP P08670 ?   ?   'expression tag'      97  4 
2 3S4R SER B 2  ? UNP P08670 ?   ?   'expression tag'      98  5 
2 3S4R LEU B 21 ? UNP P08670 TYR 117 'engineered mutation' 117 6 
# 
_pdbx_struct_assembly.id                   1 
_pdbx_struct_assembly.details              author_and_software_defined_assembly 
_pdbx_struct_assembly.method_details       PISA 
_pdbx_struct_assembly.oligomeric_details   dimeric 
_pdbx_struct_assembly.oligomeric_count     2 
# 
loop_
_pdbx_struct_assembly_prop.biol_id 
_pdbx_struct_assembly_prop.type 
_pdbx_struct_assembly_prop.value 
_pdbx_struct_assembly_prop.details 
1 'ABSA (A^2)' 2650  ? 
1 MORE         -24   ? 
1 'SSA (A^2)'  16100 ? 
# 
_pdbx_struct_assembly_gen.assembly_id       1 
_pdbx_struct_assembly_gen.oper_expression   1 
_pdbx_struct_assembly_gen.asym_id_list      A,B,C,D,E,F 
# 
_pdbx_struct_oper_list.id                   1 
_pdbx_struct_oper_list.type                 'identity operation' 
_pdbx_struct_oper_list.name                 1_555 
_pdbx_struct_oper_list.symmetry_operation   x,y,z 
_pdbx_struct_oper_list.matrix[1][1]         1.0000000000 
_pdbx_struct_oper_list.matrix[1][2]         0.0000000000 
_pdbx_struct_oper_list.matrix[1][3]         0.0000000000 
_pdbx_struct_oper_list.vector[1]            0.0000000000 
_pdbx_struct_oper_list.matrix[2][1]         0.0000000000 
_pdbx_struct_oper_list.matrix[2][2]         1.0000000000 
_pdbx_struct_oper_list.matrix[2][3]         0.0000000000 
_pdbx_struct_oper_list.vector[2]            0.0000000000 
_pdbx_struct_oper_list.matrix[3][1]         0.0000000000 
_pdbx_struct_oper_list.matrix[3][2]         0.0000000000 
_pdbx_struct_oper_list.matrix[3][3]         1.0000000000 
_pdbx_struct_oper_list.vector[3]            0.0000000000 
# 
_struct_biol.id        1 
_struct_biol.details   ? 
# 
loop_
_struct_conf.conf_type_id 
_struct_conf.id 
_struct_conf.pdbx_PDB_helix_id 
_struct_conf.beg_label_comp_id 
_struct_conf.beg_label_asym_id 
_struct_conf.beg_label_seq_id 
_struct_conf.pdbx_beg_PDB_ins_code 
_struct_conf.end_label_comp_id 
_struct_conf.end_label_asym_id 
_struct_conf.end_label_seq_id 
_struct_conf.pdbx_end_PDB_ins_code 
_struct_conf.beg_auth_comp_id 
_struct_conf.beg_auth_asym_id 
_struct_conf.beg_auth_seq_id 
_struct_conf.end_auth_comp_id 
_struct_conf.end_auth_asym_id 
_struct_conf.end_auth_seq_id 
_struct_conf.pdbx_PDB_helix_class 
_struct_conf.details 
_struct_conf.pdbx_PDB_helix_length 
HELX_P HELX_P1 1 GLU A 10 ? LEU A 93 ? GLU A 106 LEU A 189 1 ? 84 
HELX_P HELX_P2 2 THR B 3  ? GLU B 91 ? THR B 99  GLU B 187 1 ? 89 
# 
_struct_conf_type.id          HELX_P 
_struct_conf_type.criteria    ? 
_struct_conf_type.reference   ? 
# 
loop_
_struct_site.id 
_struct_site.pdbx_evidence_code 
_struct_site.pdbx_auth_asym_id 
_struct_site.pdbx_auth_comp_id 
_struct_site.pdbx_auth_seq_id 
_struct_site.pdbx_auth_ins_code 
_struct_site.pdbx_num_residues 
_struct_site.details 
AC1 Software A GOL 202 ? 3 'BINDING SITE FOR RESIDUE GOL A 202' 
AC2 Software B GOL 201 ? 2 'BINDING SITE FOR RESIDUE GOL B 201' 
# 
loop_
_struct_site_gen.id 
_struct_site_gen.site_id 
_struct_site_gen.pdbx_num_res 
_struct_site_gen.label_comp_id 
_struct_site_gen.label_asym_id 
_struct_site_gen.label_seq_id 
_struct_site_gen.pdbx_auth_ins_code 
_struct_site_gen.auth_comp_id 
_struct_site_gen.auth_asym_id 
_struct_site_gen.auth_seq_id 
_struct_site_gen.label_atom_id 
_struct_site_gen.label_alt_id 
_struct_site_gen.symmetry 
_struct_site_gen.details 
1 AC1 3 LYS A 24 ? LYS A 120 . ? 12_555 ? 
2 AC1 3 VAL A 25 ? VAL A 121 . ? 12_555 ? 
3 AC1 3 ASN A 32 ? ASN A 128 . ? 1_555  ? 
4 AC2 2 ARG A 17 ? ARG A 113 . ? 10_455 ? 
5 AC2 2 GLU A 38 ? GLU A 134 . ? 3_565  ? 
# 
loop_
_pdbx_validate_torsion.id 
_pdbx_validate_torsion.PDB_model_num 
_pdbx_validate_torsion.auth_comp_id 
_pdbx_validate_torsion.auth_asym_id 
_pdbx_validate_torsion.auth_seq_id 
_pdbx_validate_torsion.PDB_ins_code 
_pdbx_validate_torsion.label_alt_id 
_pdbx_validate_torsion.phi 
_pdbx_validate_torsion.psi 
1 1 GLN A 127 ? ? -57.61 -73.31 
2 1 ASN A 128 ? ? -32.26 -37.87 
3 1 LYS A 139 ? ? -42.22 -70.96 
# 
_pdbx_struct_special_symmetry.id              1 
_pdbx_struct_special_symmetry.PDB_model_num   1 
_pdbx_struct_special_symmetry.auth_asym_id    B 
_pdbx_struct_special_symmetry.auth_comp_id    HOH 
_pdbx_struct_special_symmetry.auth_seq_id     205 
_pdbx_struct_special_symmetry.PDB_ins_code    ? 
_pdbx_struct_special_symmetry.label_asym_id   F 
_pdbx_struct_special_symmetry.label_comp_id   HOH 
_pdbx_struct_special_symmetry.label_seq_id    . 
# 
_diffrn_reflns.diffrn_id                   1 
_diffrn_reflns.pdbx_d_res_high             2.700 
_diffrn_reflns.pdbx_d_res_low              50.000 
_diffrn_reflns.pdbx_number_obs             7749 
_diffrn_reflns.pdbx_Rmerge_I_obs           0.088 
_diffrn_reflns.pdbx_Rsym_value             ? 
_diffrn_reflns.pdbx_chi_squared            1.50 
_diffrn_reflns.av_sigmaI_over_netI         43.18 
_diffrn_reflns.pdbx_redundancy             9.20 
_diffrn_reflns.pdbx_percent_possible_obs   86.90 
_diffrn_reflns.number                      71320 
_diffrn_reflns.pdbx_observed_criterion     ? 
_diffrn_reflns.limit_h_max                 ? 
_diffrn_reflns.limit_h_min                 ? 
_diffrn_reflns.limit_k_max                 ? 
_diffrn_reflns.limit_k_min                 ? 
_diffrn_reflns.limit_l_max                 ? 
_diffrn_reflns.limit_l_min                 ? 
# 
loop_
_pdbx_diffrn_reflns_shell.diffrn_id 
_pdbx_diffrn_reflns_shell.d_res_high 
_pdbx_diffrn_reflns_shell.d_res_low 
_pdbx_diffrn_reflns_shell.number_obs 
_pdbx_diffrn_reflns_shell.rejects 
_pdbx_diffrn_reflns_shell.Rmerge_I_obs 
_pdbx_diffrn_reflns_shell.Rsym_value 
_pdbx_diffrn_reflns_shell.chi_squared 
_pdbx_diffrn_reflns_shell.redundancy 
_pdbx_diffrn_reflns_shell.percent_possible_obs 
1 7.32 50.00 ? ? 0.057 ? 3.915 9.00  99.40  
1 5.81 7.32  ? ? 0.089 ? 2.058 10.20 100.00 
1 5.08 5.81  ? ? 0.074 ? 1.585 10.50 100.00 
1 4.62 5.08  ? ? 0.064 ? 1.542 10.50 100.00 
1 4.29 4.62  ? ? 0.078 ? 1.679 10.70 100.00 
1 4.03 4.29  ? ? 0.098 ? 1.929 10.80 100.00 
1 3.83 4.03  ? ? 0.105 ? 1.800 10.60 100.00 
1 3.66 3.83  ? ? 0.142 ? 1.503 10.80 100.00 
1 3.52 3.66  ? ? 0.158 ? 1.204 10.60 100.00 
1 3.40 3.52  ? ? 0.179 ? 0.986 10.30 100.00 
1 3.30 3.40  ? ? 0.187 ? 0.940 9.80  100.00 
1 3.20 3.30  ? ? 0.215 ? 0.850 9.00  100.00 
1 3.12 3.20  ? ? 0.178 ? 0.792 8.10  99.10  
1 3.04 3.12  ? ? 0.170 ? 0.813 6.80  95.90  
1 2.97 3.04  ? ? 0.143 ? 0.849 6.10  86.20  
1 2.91 2.97  ? ? 0.130 ? 0.846 6.10  67.90  
1 2.85 2.91  ? ? 0.157 ? 0.918 6.50  51.90  
1 2.80 2.85  ? ? 0.162 ? 0.888 6.70  45.50  
1 2.75 2.80  ? ? 0.222 ? 0.744 6.70  42.90  
1 2.70 2.75  ? ? 0.256 ? 0.764 6.60  41.00  
# 
loop_
_pdbx_unobs_or_zero_occ_residues.id 
_pdbx_unobs_or_zero_occ_residues.PDB_model_num 
_pdbx_unobs_or_zero_occ_residues.polymer_flag 
_pdbx_unobs_or_zero_occ_residues.occupancy_flag 
_pdbx_unobs_or_zero_occ_residues.auth_asym_id 
_pdbx_unobs_or_zero_occ_residues.auth_comp_id 
_pdbx_unobs_or_zero_occ_residues.auth_seq_id 
_pdbx_unobs_or_zero_occ_residues.PDB_ins_code 
_pdbx_unobs_or_zero_occ_residues.label_asym_id 
_pdbx_unobs_or_zero_occ_residues.label_comp_id 
_pdbx_unobs_or_zero_occ_residues.label_seq_id 
1 1 Y 1 A GLY 97  ? A GLY 1 
2 1 Y 1 A SER 98  ? A SER 2 
3 1 Y 1 A THR 99  ? A THR 3 
4 1 Y 1 A ARG 100 ? A ARG 4 
5 1 Y 1 A THR 101 ? A THR 5 
6 1 Y 1 B GLY 97  ? B GLY 1 
7 1 Y 1 B SER 98  ? B SER 2 
# 
loop_
_chem_comp_atom.comp_id 
_chem_comp_atom.atom_id 
_chem_comp_atom.type_symbol 
_chem_comp_atom.pdbx_aromatic_flag 
_chem_comp_atom.pdbx_stereo_config 
_chem_comp_atom.pdbx_ordinal 
ALA N    N N N 1   
ALA CA   C N S 2   
ALA C    C N N 3   
ALA O    O N N 4   
ALA CB   C N N 5   
ALA OXT  O N N 6   
ALA H    H N N 7   
ALA H2   H N N 8   
ALA HA   H N N 9   
ALA HB1  H N N 10  
ALA HB2  H N N 11  
ALA HB3  H N N 12  
ALA HXT  H N N 13  
ARG N    N N N 14  
ARG CA   C N S 15  
ARG C    C N N 16  
ARG O    O N N 17  
ARG CB   C N N 18  
ARG CG   C N N 19  
ARG CD   C N N 20  
ARG NE   N N N 21  
ARG CZ   C N N 22  
ARG NH1  N N N 23  
ARG NH2  N N N 24  
ARG OXT  O N N 25  
ARG H    H N N 26  
ARG H2   H N N 27  
ARG HA   H N N 28  
ARG HB2  H N N 29  
ARG HB3  H N N 30  
ARG HG2  H N N 31  
ARG HG3  H N N 32  
ARG HD2  H N N 33  
ARG HD3  H N N 34  
ARG HE   H N N 35  
ARG HH11 H N N 36  
ARG HH12 H N N 37  
ARG HH21 H N N 38  
ARG HH22 H N N 39  
ARG HXT  H N N 40  
ASN N    N N N 41  
ASN CA   C N S 42  
ASN C    C N N 43  
ASN O    O N N 44  
ASN CB   C N N 45  
ASN CG   C N N 46  
ASN OD1  O N N 47  
ASN ND2  N N N 48  
ASN OXT  O N N 49  
ASN H    H N N 50  
ASN H2   H N N 51  
ASN HA   H N N 52  
ASN HB2  H N N 53  
ASN HB3  H N N 54  
ASN HD21 H N N 55  
ASN HD22 H N N 56  
ASN HXT  H N N 57  
ASP N    N N N 58  
ASP CA   C N S 59  
ASP C    C N N 60  
ASP O    O N N 61  
ASP CB   C N N 62  
ASP CG   C N N 63  
ASP OD1  O N N 64  
ASP OD2  O N N 65  
ASP OXT  O N N 66  
ASP H    H N N 67  
ASP H2   H N N 68  
ASP HA   H N N 69  
ASP HB2  H N N 70  
ASP HB3  H N N 71  
ASP HD2  H N N 72  
ASP HXT  H N N 73  
GLN N    N N N 74  
GLN CA   C N S 75  
GLN C    C N N 76  
GLN O    O N N 77  
GLN CB   C N N 78  
GLN CG   C N N 79  
GLN CD   C N N 80  
GLN OE1  O N N 81  
GLN NE2  N N N 82  
GLN OXT  O N N 83  
GLN H    H N N 84  
GLN H2   H N N 85  
GLN HA   H N N 86  
GLN HB2  H N N 87  
GLN HB3  H N N 88  
GLN HG2  H N N 89  
GLN HG3  H N N 90  
GLN HE21 H N N 91  
GLN HE22 H N N 92  
GLN HXT  H N N 93  
GLU N    N N N 94  
GLU CA   C N S 95  
GLU C    C N N 96  
GLU O    O N N 97  
GLU CB   C N N 98  
GLU CG   C N N 99  
GLU CD   C N N 100 
GLU OE1  O N N 101 
GLU OE2  O N N 102 
GLU OXT  O N N 103 
GLU H    H N N 104 
GLU H2   H N N 105 
GLU HA   H N N 106 
GLU HB2  H N N 107 
GLU HB3  H N N 108 
GLU HG2  H N N 109 
GLU HG3  H N N 110 
GLU HE2  H N N 111 
GLU HXT  H N N 112 
GLY N    N N N 113 
GLY CA   C N N 114 
GLY C    C N N 115 
GLY O    O N N 116 
GLY OXT  O N N 117 
GLY H    H N N 118 
GLY H2   H N N 119 
GLY HA2  H N N 120 
GLY HA3  H N N 121 
GLY HXT  H N N 122 
GOL C1   C N N 123 
GOL O1   O N N 124 
GOL C2   C N N 125 
GOL O2   O N N 126 
GOL C3   C N N 127 
GOL O3   O N N 128 
GOL H11  H N N 129 
GOL H12  H N N 130 
GOL HO1  H N N 131 
GOL H2   H N N 132 
GOL HO2  H N N 133 
GOL H31  H N N 134 
GOL H32  H N N 135 
GOL HO3  H N N 136 
HOH O    O N N 137 
HOH H1   H N N 138 
HOH H2   H N N 139 
ILE N    N N N 140 
ILE CA   C N S 141 
ILE C    C N N 142 
ILE O    O N N 143 
ILE CB   C N S 144 
ILE CG1  C N N 145 
ILE CG2  C N N 146 
ILE CD1  C N N 147 
ILE OXT  O N N 148 
ILE H    H N N 149 
ILE H2   H N N 150 
ILE HA   H N N 151 
ILE HB   H N N 152 
ILE HG12 H N N 153 
ILE HG13 H N N 154 
ILE HG21 H N N 155 
ILE HG22 H N N 156 
ILE HG23 H N N 157 
ILE HD11 H N N 158 
ILE HD12 H N N 159 
ILE HD13 H N N 160 
ILE HXT  H N N 161 
LEU N    N N N 162 
LEU CA   C N S 163 
LEU C    C N N 164 
LEU O    O N N 165 
LEU CB   C N N 166 
LEU CG   C N N 167 
LEU CD1  C N N 168 
LEU CD2  C N N 169 
LEU OXT  O N N 170 
LEU H    H N N 171 
LEU H2   H N N 172 
LEU HA   H N N 173 
LEU HB2  H N N 174 
LEU HB3  H N N 175 
LEU HG   H N N 176 
LEU HD11 H N N 177 
LEU HD12 H N N 178 
LEU HD13 H N N 179 
LEU HD21 H N N 180 
LEU HD22 H N N 181 
LEU HD23 H N N 182 
LEU HXT  H N N 183 
LYS N    N N N 184 
LYS CA   C N S 185 
LYS C    C N N 186 
LYS O    O N N 187 
LYS CB   C N N 188 
LYS CG   C N N 189 
LYS CD   C N N 190 
LYS CE   C N N 191 
LYS NZ   N N N 192 
LYS OXT  O N N 193 
LYS H    H N N 194 
LYS H2   H N N 195 
LYS HA   H N N 196 
LYS HB2  H N N 197 
LYS HB3  H N N 198 
LYS HG2  H N N 199 
LYS HG3  H N N 200 
LYS HD2  H N N 201 
LYS HD3  H N N 202 
LYS HE2  H N N 203 
LYS HE3  H N N 204 
LYS HZ1  H N N 205 
LYS HZ2  H N N 206 
LYS HZ3  H N N 207 
LYS HXT  H N N 208 
MET N    N N N 209 
MET CA   C N S 210 
MET C    C N N 211 
MET O    O N N 212 
MET CB   C N N 213 
MET CG   C N N 214 
MET SD   S N N 215 
MET CE   C N N 216 
MET OXT  O N N 217 
MET H    H N N 218 
MET H2   H N N 219 
MET HA   H N N 220 
MET HB2  H N N 221 
MET HB3  H N N 222 
MET HG2  H N N 223 
MET HG3  H N N 224 
MET HE1  H N N 225 
MET HE2  H N N 226 
MET HE3  H N N 227 
MET HXT  H N N 228 
PHE N    N N N 229 
PHE CA   C N S 230 
PHE C    C N N 231 
PHE O    O N N 232 
PHE CB   C N N 233 
PHE CG   C Y N 234 
PHE CD1  C Y N 235 
PHE CD2  C Y N 236 
PHE CE1  C Y N 237 
PHE CE2  C Y N 238 
PHE CZ   C Y N 239 
PHE OXT  O N N 240 
PHE H    H N N 241 
PHE H2   H N N 242 
PHE HA   H N N 243 
PHE HB2  H N N 244 
PHE HB3  H N N 245 
PHE HD1  H N N 246 
PHE HD2  H N N 247 
PHE HE1  H N N 248 
PHE HE2  H N N 249 
PHE HZ   H N N 250 
PHE HXT  H N N 251 
SER N    N N N 252 
SER CA   C N S 253 
SER C    C N N 254 
SER O    O N N 255 
SER CB   C N N 256 
SER OG   O N N 257 
SER OXT  O N N 258 
SER H    H N N 259 
SER H2   H N N 260 
SER HA   H N N 261 
SER HB2  H N N 262 
SER HB3  H N N 263 
SER HG   H N N 264 
SER HXT  H N N 265 
THR N    N N N 266 
THR CA   C N S 267 
THR C    C N N 268 
THR O    O N N 269 
THR CB   C N R 270 
THR OG1  O N N 271 
THR CG2  C N N 272 
THR OXT  O N N 273 
THR H    H N N 274 
THR H2   H N N 275 
THR HA   H N N 276 
THR HB   H N N 277 
THR HG1  H N N 278 
THR HG21 H N N 279 
THR HG22 H N N 280 
THR HG23 H N N 281 
THR HXT  H N N 282 
TYR N    N N N 283 
TYR CA   C N S 284 
TYR C    C N N 285 
TYR O    O N N 286 
TYR CB   C N N 287 
TYR CG   C Y N 288 
TYR CD1  C Y N 289 
TYR CD2  C Y N 290 
TYR CE1  C Y N 291 
TYR CE2  C Y N 292 
TYR CZ   C Y N 293 
TYR OH   O N N 294 
TYR OXT  O N N 295 
TYR H    H N N 296 
TYR H2   H N N 297 
TYR HA   H N N 298 
TYR HB2  H N N 299 
TYR HB3  H N N 300 
TYR HD1  H N N 301 
TYR HD2  H N N 302 
TYR HE1  H N N 303 
TYR HE2  H N N 304 
TYR HH   H N N 305 
TYR HXT  H N N 306 
VAL N    N N N 307 
VAL CA   C N S 308 
VAL C    C N N 309 
VAL O    O N N 310 
VAL CB   C N N 311 
VAL CG1  C N N 312 
VAL CG2  C N N 313 
VAL OXT  O N N 314 
VAL H    H N N 315 
VAL H2   H N N 316 
VAL HA   H N N 317 
VAL HB   H N N 318 
VAL HG11 H N N 319 
VAL HG12 H N N 320 
VAL HG13 H N N 321 
VAL HG21 H N N 322 
VAL HG22 H N N 323 
VAL HG23 H N N 324 
VAL HXT  H N N 325 
# 
loop_
_chem_comp_bond.comp_id 
_chem_comp_bond.atom_id_1 
_chem_comp_bond.atom_id_2 
_chem_comp_bond.value_order 
_chem_comp_bond.pdbx_aromatic_flag 
_chem_comp_bond.pdbx_stereo_config 
_chem_comp_bond.pdbx_ordinal 
ALA N   CA   sing N N 1   
ALA N   H    sing N N 2   
ALA N   H2   sing N N 3   
ALA CA  C    sing N N 4   
ALA CA  CB   sing N N 5   
ALA CA  HA   sing N N 6   
ALA C   O    doub N N 7   
ALA C   OXT  sing N N 8   
ALA CB  HB1  sing N N 9   
ALA CB  HB2  sing N N 10  
ALA CB  HB3  sing N N 11  
ALA OXT HXT  sing N N 12  
ARG N   CA   sing N N 13  
ARG N   H    sing N N 14  
ARG N   H2   sing N N 15  
ARG CA  C    sing N N 16  
ARG CA  CB   sing N N 17  
ARG CA  HA   sing N N 18  
ARG C   O    doub N N 19  
ARG C   OXT  sing N N 20  
ARG CB  CG   sing N N 21  
ARG CB  HB2  sing N N 22  
ARG CB  HB3  sing N N 23  
ARG CG  CD   sing N N 24  
ARG CG  HG2  sing N N 25  
ARG CG  HG3  sing N N 26  
ARG CD  NE   sing N N 27  
ARG CD  HD2  sing N N 28  
ARG CD  HD3  sing N N 29  
ARG NE  CZ   sing N N 30  
ARG NE  HE   sing N N 31  
ARG CZ  NH1  sing N N 32  
ARG CZ  NH2  doub N N 33  
ARG NH1 HH11 sing N N 34  
ARG NH1 HH12 sing N N 35  
ARG NH2 HH21 sing N N 36  
ARG NH2 HH22 sing N N 37  
ARG OXT HXT  sing N N 38  
ASN N   CA   sing N N 39  
ASN N   H    sing N N 40  
ASN N   H2   sing N N 41  
ASN CA  C    sing N N 42  
ASN CA  CB   sing N N 43  
ASN CA  HA   sing N N 44  
ASN C   O    doub N N 45  
ASN C   OXT  sing N N 46  
ASN CB  CG   sing N N 47  
ASN CB  HB2  sing N N 48  
ASN CB  HB3  sing N N 49  
ASN CG  OD1  doub N N 50  
ASN CG  ND2  sing N N 51  
ASN ND2 HD21 sing N N 52  
ASN ND2 HD22 sing N N 53  
ASN OXT HXT  sing N N 54  
ASP N   CA   sing N N 55  
ASP N   H    sing N N 56  
ASP N   H2   sing N N 57  
ASP CA  C    sing N N 58  
ASP CA  CB   sing N N 59  
ASP CA  HA   sing N N 60  
ASP C   O    doub N N 61  
ASP C   OXT  sing N N 62  
ASP CB  CG   sing N N 63  
ASP CB  HB2  sing N N 64  
ASP CB  HB3  sing N N 65  
ASP CG  OD1  doub N N 66  
ASP CG  OD2  sing N N 67  
ASP OD2 HD2  sing N N 68  
ASP OXT HXT  sing N N 69  
GLN N   CA   sing N N 70  
GLN N   H    sing N N 71  
GLN N   H2   sing N N 72  
GLN CA  C    sing N N 73  
GLN CA  CB   sing N N 74  
GLN CA  HA   sing N N 75  
GLN C   O    doub N N 76  
GLN C   OXT  sing N N 77  
GLN CB  CG   sing N N 78  
GLN CB  HB2  sing N N 79  
GLN CB  HB3  sing N N 80  
GLN CG  CD   sing N N 81  
GLN CG  HG2  sing N N 82  
GLN CG  HG3  sing N N 83  
GLN CD  OE1  doub N N 84  
GLN CD  NE2  sing N N 85  
GLN NE2 HE21 sing N N 86  
GLN NE2 HE22 sing N N 87  
GLN OXT HXT  sing N N 88  
GLU N   CA   sing N N 89  
GLU N   H    sing N N 90  
GLU N   H2   sing N N 91  
GLU CA  C    sing N N 92  
GLU CA  CB   sing N N 93  
GLU CA  HA   sing N N 94  
GLU C   O    doub N N 95  
GLU C   OXT  sing N N 96  
GLU CB  CG   sing N N 97  
GLU CB  HB2  sing N N 98  
GLU CB  HB3  sing N N 99  
GLU CG  CD   sing N N 100 
GLU CG  HG2  sing N N 101 
GLU CG  HG3  sing N N 102 
GLU CD  OE1  doub N N 103 
GLU CD  OE2  sing N N 104 
GLU OE2 HE2  sing N N 105 
GLU OXT HXT  sing N N 106 
GLY N   CA   sing N N 107 
GLY N   H    sing N N 108 
GLY N   H2   sing N N 109 
GLY CA  C    sing N N 110 
GLY CA  HA2  sing N N 111 
GLY CA  HA3  sing N N 112 
GLY C   O    doub N N 113 
GLY C   OXT  sing N N 114 
GLY OXT HXT  sing N N 115 
GOL C1  O1   sing N N 116 
GOL C1  C2   sing N N 117 
GOL C1  H11  sing N N 118 
GOL C1  H12  sing N N 119 
GOL O1  HO1  sing N N 120 
GOL C2  O2   sing N N 121 
GOL C2  C3   sing N N 122 
GOL C2  H2   sing N N 123 
GOL O2  HO2  sing N N 124 
GOL C3  O3   sing N N 125 
GOL C3  H31  sing N N 126 
GOL C3  H32  sing N N 127 
GOL O3  HO3  sing N N 128 
HOH O   H1   sing N N 129 
HOH O   H2   sing N N 130 
ILE N   CA   sing N N 131 
ILE N   H    sing N N 132 
ILE N   H2   sing N N 133 
ILE CA  C    sing N N 134 
ILE CA  CB   sing N N 135 
ILE CA  HA   sing N N 136 
ILE C   O    doub N N 137 
ILE C   OXT  sing N N 138 
ILE CB  CG1  sing N N 139 
ILE CB  CG2  sing N N 140 
ILE CB  HB   sing N N 141 
ILE CG1 CD1  sing N N 142 
ILE CG1 HG12 sing N N 143 
ILE CG1 HG13 sing N N 144 
ILE CG2 HG21 sing N N 145 
ILE CG2 HG22 sing N N 146 
ILE CG2 HG23 sing N N 147 
ILE CD1 HD11 sing N N 148 
ILE CD1 HD12 sing N N 149 
ILE CD1 HD13 sing N N 150 
ILE OXT HXT  sing N N 151 
LEU N   CA   sing N N 152 
LEU N   H    sing N N 153 
LEU N   H2   sing N N 154 
LEU CA  C    sing N N 155 
LEU CA  CB   sing N N 156 
LEU CA  HA   sing N N 157 
LEU C   O    doub N N 158 
LEU C   OXT  sing N N 159 
LEU CB  CG   sing N N 160 
LEU CB  HB2  sing N N 161 
LEU CB  HB3  sing N N 162 
LEU CG  CD1  sing N N 163 
LEU CG  CD2  sing N N 164 
LEU CG  HG   sing N N 165 
LEU CD1 HD11 sing N N 166 
LEU CD1 HD12 sing N N 167 
LEU CD1 HD13 sing N N 168 
LEU CD2 HD21 sing N N 169 
LEU CD2 HD22 sing N N 170 
LEU CD2 HD23 sing N N 171 
LEU OXT HXT  sing N N 172 
LYS N   CA   sing N N 173 
LYS N   H    sing N N 174 
LYS N   H2   sing N N 175 
LYS CA  C    sing N N 176 
LYS CA  CB   sing N N 177 
LYS CA  HA   sing N N 178 
LYS C   O    doub N N 179 
LYS C   OXT  sing N N 180 
LYS CB  CG   sing N N 181 
LYS CB  HB2  sing N N 182 
LYS CB  HB3  sing N N 183 
LYS CG  CD   sing N N 184 
LYS CG  HG2  sing N N 185 
LYS CG  HG3  sing N N 186 
LYS CD  CE   sing N N 187 
LYS CD  HD2  sing N N 188 
LYS CD  HD3  sing N N 189 
LYS CE  NZ   sing N N 190 
LYS CE  HE2  sing N N 191 
LYS CE  HE3  sing N N 192 
LYS NZ  HZ1  sing N N 193 
LYS NZ  HZ2  sing N N 194 
LYS NZ  HZ3  sing N N 195 
LYS OXT HXT  sing N N 196 
MET N   CA   sing N N 197 
MET N   H    sing N N 198 
MET N   H2   sing N N 199 
MET CA  C    sing N N 200 
MET CA  CB   sing N N 201 
MET CA  HA   sing N N 202 
MET C   O    doub N N 203 
MET C   OXT  sing N N 204 
MET CB  CG   sing N N 205 
MET CB  HB2  sing N N 206 
MET CB  HB3  sing N N 207 
MET CG  SD   sing N N 208 
MET CG  HG2  sing N N 209 
MET CG  HG3  sing N N 210 
MET SD  CE   sing N N 211 
MET CE  HE1  sing N N 212 
MET CE  HE2  sing N N 213 
MET CE  HE3  sing N N 214 
MET OXT HXT  sing N N 215 
PHE N   CA   sing N N 216 
PHE N   H    sing N N 217 
PHE N   H2   sing N N 218 
PHE CA  C    sing N N 219 
PHE CA  CB   sing N N 220 
PHE CA  HA   sing N N 221 
PHE C   O    doub N N 222 
PHE C   OXT  sing N N 223 
PHE CB  CG   sing N N 224 
PHE CB  HB2  sing N N 225 
PHE CB  HB3  sing N N 226 
PHE CG  CD1  doub Y N 227 
PHE CG  CD2  sing Y N 228 
PHE CD1 CE1  sing Y N 229 
PHE CD1 HD1  sing N N 230 
PHE CD2 CE2  doub Y N 231 
PHE CD2 HD2  sing N N 232 
PHE CE1 CZ   doub Y N 233 
PHE CE1 HE1  sing N N 234 
PHE CE2 CZ   sing Y N 235 
PHE CE2 HE2  sing N N 236 
PHE CZ  HZ   sing N N 237 
PHE OXT HXT  sing N N 238 
SER N   CA   sing N N 239 
SER N   H    sing N N 240 
SER N   H2   sing N N 241 
SER CA  C    sing N N 242 
SER CA  CB   sing N N 243 
SER CA  HA   sing N N 244 
SER C   O    doub N N 245 
SER C   OXT  sing N N 246 
SER CB  OG   sing N N 247 
SER CB  HB2  sing N N 248 
SER CB  HB3  sing N N 249 
SER OG  HG   sing N N 250 
SER OXT HXT  sing N N 251 
THR N   CA   sing N N 252 
THR N   H    sing N N 253 
THR N   H2   sing N N 254 
THR CA  C    sing N N 255 
THR CA  CB   sing N N 256 
THR CA  HA   sing N N 257 
THR C   O    doub N N 258 
THR C   OXT  sing N N 259 
THR CB  OG1  sing N N 260 
THR CB  CG2  sing N N 261 
THR CB  HB   sing N N 262 
THR OG1 HG1  sing N N 263 
THR CG2 HG21 sing N N 264 
THR CG2 HG22 sing N N 265 
THR CG2 HG23 sing N N 266 
THR OXT HXT  sing N N 267 
TYR N   CA   sing N N 268 
TYR N   H    sing N N 269 
TYR N   H2   sing N N 270 
TYR CA  C    sing N N 271 
TYR CA  CB   sing N N 272 
TYR CA  HA   sing N N 273 
TYR C   O    doub N N 274 
TYR C   OXT  sing N N 275 
TYR CB  CG   sing N N 276 
TYR CB  HB2  sing N N 277 
TYR CB  HB3  sing N N 278 
TYR CG  CD1  doub Y N 279 
TYR CG  CD2  sing Y N 280 
TYR CD1 CE1  sing Y N 281 
TYR CD1 HD1  sing N N 282 
TYR CD2 CE2  doub Y N 283 
TYR CD2 HD2  sing N N 284 
TYR CE1 CZ   doub Y N 285 
TYR CE1 HE1  sing N N 286 
TYR CE2 CZ   sing Y N 287 
TYR CE2 HE2  sing N N 288 
TYR CZ  OH   sing N N 289 
TYR OH  HH   sing N N 290 
TYR OXT HXT  sing N N 291 
VAL N   CA   sing N N 292 
VAL N   H    sing N N 293 
VAL N   H2   sing N N 294 
VAL CA  C    sing N N 295 
VAL CA  CB   sing N N 296 
VAL CA  HA   sing N N 297 
VAL C   O    doub N N 298 
VAL C   OXT  sing N N 299 
VAL CB  CG1  sing N N 300 
VAL CB  CG2  sing N N 301 
VAL CB  HB   sing N N 302 
VAL CG1 HG11 sing N N 303 
VAL CG1 HG12 sing N N 304 
VAL CG1 HG13 sing N N 305 
VAL CG2 HG21 sing N N 306 
VAL CG2 HG22 sing N N 307 
VAL CG2 HG23 sing N N 308 
VAL OXT HXT  sing N N 309 
# 
_atom_sites.entry_id                    3S4R 
_atom_sites.fract_transf_matrix[1][1]   0.00793836 
_atom_sites.fract_transf_matrix[1][2]   0.01237204 
_atom_sites.fract_transf_matrix[1][3]   -0.00981477 
_atom_sites.fract_transf_matrix[2][1]   0.01691631 
_atom_sites.fract_transf_matrix[2][2]   -0.00197710 
_atom_sites.fract_transf_matrix[2][3]   -0.00472600 
_atom_sites.fract_transf_matrix[3][1]   -0.00076277 
_atom_sites.fract_transf_matrix[3][2]   -0.00125876 
_atom_sites.fract_transf_matrix[3][3]   -0.00220368 
_atom_sites.fract_transf_vector[1]      0.191687 
_atom_sites.fract_transf_vector[2]      0.511622 
_atom_sites.fract_transf_vector[3]      0.242617 
# 
loop_
_atom_type.symbol 
C 
N 
O 
S 
# 
loop_
_atom_site.group_PDB 
_atom_site.id 
_atom_site.type_symbol 
_atom_site.label_atom_id 
_atom_site.label_alt_id 
_atom_site.label_comp_id 
_atom_site.label_asym_id 
_atom_site.label_entity_id 
_atom_site.label_seq_id 
_atom_site.pdbx_PDB_ins_code 
_atom_site.Cartn_x 
_atom_site.Cartn_y 
_atom_site.Cartn_z 
_atom_site.occupancy 
_atom_site.B_iso_or_equiv 
_atom_site.pdbx_formal_charge 
_atom_site.auth_seq_id 
_atom_site.auth_comp_id 
_atom_site.auth_asym_id 
_atom_site.auth_atom_id 
_atom_site.pdbx_PDB_model_num 
ATOM   1    N N   . ASN A 1 6  ? 11.317  50.882  26.988  0.99 135.15 ? 102 ASN A N   1 
ATOM   2    C CA  . ASN A 1 6  ? 11.210  49.777  27.938  0.99 128.76 ? 102 ASN A CA  1 
ATOM   3    C C   . ASN A 1 6  ? 10.353  50.119  29.162  0.99 124.06 ? 102 ASN A C   1 
ATOM   4    O O   . ASN A 1 6  ? 10.800  50.806  30.090  0.99 117.89 ? 102 ASN A O   1 
ATOM   5    C CB  . ASN A 1 6  ? 12.594  49.221  28.334  0.99 123.91 ? 102 ASN A CB  1 
ATOM   6    C CG  . ASN A 1 6  ? 13.373  50.148  29.256  0.99 122.92 ? 102 ASN A CG  1 
ATOM   7    O OD1 . ASN A 1 6  ? 13.220  51.373  29.217  0.99 125.65 ? 102 ASN A OD1 1 
ATOM   8    N ND2 . ASN A 1 6  ? 14.225  49.559  30.090  0.99 122.38 ? 102 ASN A ND2 1 
ATOM   9    N N   . GLU A 1 7  ? 9.104   49.661  29.126  1.00 125.99 ? 103 GLU A N   1 
ATOM   10   C CA  . GLU A 1 7  ? 8.227   49.707  30.290  1.00 126.73 ? 103 GLU A CA  1 
ATOM   11   C C   . GLU A 1 7  ? 8.541   48.520  31.196  1.00 116.80 ? 103 GLU A C   1 
ATOM   12   O O   . GLU A 1 7  ? 8.767   47.393  30.718  1.00 102.44 ? 103 GLU A O   1 
ATOM   13   C CB  . GLU A 1 7  ? 6.750   49.667  29.880  1.00 137.87 ? 103 GLU A CB  1 
ATOM   14   C CG  . GLU A 1 7  ? 6.248   50.906  29.152  1.00 145.53 ? 103 GLU A CG  1 
ATOM   15   C CD  . GLU A 1 7  ? 4.739   50.889  28.939  1.00 151.84 ? 103 GLU A CD  1 
ATOM   16   O OE1 . GLU A 1 7  ? 4.077   49.920  29.382  1.00 144.38 ? 103 GLU A OE1 1 
ATOM   17   O OE2 . GLU A 1 7  ? 4.216   51.847  28.329  1.00 153.94 ? 103 GLU A OE2 1 
ATOM   18   N N   . LYS A 1 8  ? 8.564   48.780  32.500  1.00 113.49 ? 104 LYS A N   1 
ATOM   19   C CA  . LYS A 1 8  ? 8.812   47.741  33.488  1.00 106.32 ? 104 LYS A CA  1 
ATOM   20   C C   . LYS A 1 8  ? 7.484   47.251  34.061  1.00 109.80 ? 104 LYS A C   1 
ATOM   21   O O   . LYS A 1 8  ? 6.492   47.983  34.069  1.00 111.61 ? 104 LYS A O   1 
ATOM   22   C CB  . LYS A 1 8  ? 9.739   48.263  34.590  1.00 108.84 ? 104 LYS A CB  1 
ATOM   23   C CG  . LYS A 1 8  ? 11.053  48.836  34.051  1.00 109.26 ? 104 LYS A CG  1 
ATOM   24   C CD  . LYS A 1 8  ? 11.942  49.342  35.166  1.00 110.10 ? 104 LYS A CD  1 
ATOM   25   C CE  . LYS A 1 8  ? 13.136  50.119  34.623  1.00 116.02 ? 104 LYS A CE  1 
ATOM   26   N NZ  . LYS A 1 8  ? 13.857  50.844  35.729  1.00 109.91 ? 104 LYS A NZ  1 
ATOM   27   N N   . VAL A 1 9  ? 7.457   46.005  34.518  1.00 107.37 ? 105 VAL A N   1 
ATOM   28   C CA  . VAL A 1 9  ? 6.232   45.434  35.066  1.00 104.64 ? 105 VAL A CA  1 
ATOM   29   C C   . VAL A 1 9  ? 6.369   45.122  36.564  1.00 97.61  ? 105 VAL A C   1 
ATOM   30   O O   . VAL A 1 9  ? 7.460   44.830  37.059  1.00 91.30  ? 105 VAL A O   1 
ATOM   31   C CB  . VAL A 1 9  ? 5.792   44.174  34.264  1.00 96.05  ? 105 VAL A CB  1 
ATOM   32   C CG1 . VAL A 1 9  ? 4.611   43.485  34.930  1.00 90.56  ? 105 VAL A CG1 1 
ATOM   33   C CG2 . VAL A 1 9  ? 5.449   44.555  32.827  1.00 87.28  ? 105 VAL A CG2 1 
ATOM   34   N N   . GLU A 1 10 ? 5.259   45.216  37.285  1.00 101.58 ? 106 GLU A N   1 
ATOM   35   C CA  . GLU A 1 10 ? 5.208   44.828  38.693  1.00 87.05  ? 106 GLU A CA  1 
ATOM   36   C C   . GLU A 1 10 ? 5.148   43.284  38.784  1.00 86.30  ? 106 GLU A C   1 
ATOM   37   O O   . GLU A 1 10 ? 4.637   42.619  37.887  1.00 86.20  ? 106 GLU A O   1 
ATOM   38   C CB  . GLU A 1 10 ? 3.969   45.461  39.341  1.00 79.20  ? 106 GLU A CB  1 
ATOM   39   C CG  . GLU A 1 10 ? 3.754   45.097  40.809  1.00 98.24  ? 106 GLU A CG  1 
ATOM   40   C CD  . GLU A 1 10 ? 4.621   45.923  41.749  1.00 114.29 ? 106 GLU A CD  1 
ATOM   41   O OE1 . GLU A 1 10 ? 4.276   47.103  41.979  1.00 116.04 ? 106 GLU A OE1 1 
ATOM   42   O OE2 . GLU A 1 10 ? 5.643   45.400  42.256  1.00 106.72 ? 106 GLU A OE2 1 
ATOM   43   N N   . LEU A 1 11 ? 5.678   42.708  39.850  1.00 88.97  ? 107 LEU A N   1 
ATOM   44   C CA  . LEU A 1 11 ? 5.648   41.256  39.981  1.00 86.70  ? 107 LEU A CA  1 
ATOM   45   C C   . LEU A 1 11 ? 4.228   40.684  39.964  1.00 81.05  ? 107 LEU A C   1 
ATOM   46   O O   . LEU A 1 11 ? 3.971   39.729  39.223  1.00 80.53  ? 107 LEU A O   1 
ATOM   47   C CB  . LEU A 1 11 ? 6.451   40.751  41.206  1.00 72.33  ? 107 LEU A CB  1 
ATOM   48   C CG  . LEU A 1 11 ? 7.955   41.053  41.125  1.00 73.73  ? 107 LEU A CG  1 
ATOM   49   C CD1 . LEU A 1 11 ? 8.696   40.520  42.341  1.00 87.93  ? 107 LEU A CD1 1 
ATOM   50   C CD2 . LEU A 1 11 ? 8.552   40.507  39.852  1.00 68.80  ? 107 LEU A CD2 1 
ATOM   51   N N   . GLN A 1 12 ? 3.311   41.232  40.770  1.00 79.53  ? 108 GLN A N   1 
ATOM   52   C CA  . GLN A 1 12 ? 1.967   40.626  40.838  1.00 86.56  ? 108 GLN A CA  1 
ATOM   53   C C   . GLN A 1 12 ? 1.262   40.672  39.476  1.00 85.06  ? 108 GLN A C   1 
ATOM   54   O O   . GLN A 1 12 ? 0.284   39.956  39.242  1.00 73.56  ? 108 GLN A O   1 
ATOM   55   C CB  . GLN A 1 12 ? 1.089   41.215  41.960  1.00 77.30  ? 108 GLN A CB  1 
ATOM   56   C CG  . GLN A 1 12 ? -0.347  40.602  42.049  1.00 85.30  ? 108 GLN A CG  1 
ATOM   57   C CD  . GLN A 1 12 ? -0.394  39.075  42.296  1.00 91.81  ? 108 GLN A CD  1 
ATOM   58   O OE1 . GLN A 1 12 ? -0.620  38.626  43.425  1.00 86.51  ? 108 GLN A OE1 1 
ATOM   59   N NE2 . GLN A 1 12 ? -0.231  38.282  41.225  1.00 80.50  ? 108 GLN A NE2 1 
ATOM   60   N N   . GLU A 1 13 ? 1.794   41.515  38.591  1.00 82.25  ? 109 GLU A N   1 
ATOM   61   C CA  . GLU A 1 13 ? 1.296   41.699  37.243  1.00 78.01  ? 109 GLU A CA  1 
ATOM   62   C C   . GLU A 1 13 ? 1.879   40.616  36.315  1.00 85.11  ? 109 GLU A C   1 
ATOM   63   O O   . GLU A 1 13 ? 1.156   39.992  35.542  1.00 79.68  ? 109 GLU A O   1 
ATOM   64   C CB  . GLU A 1 13 ? 1.667   43.098  36.740  1.00 81.57  ? 109 GLU A CB  1 
ATOM   65   C CG  . GLU A 1 13 ? 1.309   43.359  35.273  1.00 94.76  ? 109 GLU A CG  1 
ATOM   66   C CD  . GLU A 1 13 ? -0.191  43.492  35.039  1.00 107.09 ? 109 GLU A CD  1 
ATOM   67   O OE1 . GLU A 1 13 ? -0.862  44.134  35.879  1.00 118.27 ? 109 GLU A OE1 1 
ATOM   68   O OE2 . GLU A 1 13 ? -0.700  42.963  34.020  1.00 106.75 ? 109 GLU A OE2 1 
ATOM   69   N N   . LEU A 1 14 ? 3.180   40.387  36.454  1.00 82.38  ? 110 LEU A N   1 
ATOM   70   C CA  . LEU A 1 14 ? 3.863   39.330  35.726  1.00 75.47  ? 110 LEU A CA  1 
ATOM   71   C C   . LEU A 1 14 ? 3.226   37.973  36.008  1.00 77.87  ? 110 LEU A C   1 
ATOM   72   O O   . LEU A 1 14 ? 3.098   37.146  35.105  1.00 69.77  ? 110 LEU A O   1 
ATOM   73   C CB  . LEU A 1 14 ? 5.348   39.301  36.089  1.00 71.10  ? 110 LEU A CB  1 
ATOM   74   C CG  . LEU A 1 14 ? 6.241   40.318  35.376  1.00 68.58  ? 110 LEU A CG  1 
ATOM   75   C CD1 . LEU A 1 14 ? 7.709   39.967  35.558  1.00 66.37  ? 110 LEU A CD1 1 
ATOM   76   C CD2 . LEU A 1 14 ? 5.884   40.405  33.900  1.00 73.61  ? 110 LEU A CD2 1 
ATOM   77   N N   . ASN A 1 15 ? 2.826   37.737  37.257  1.00 75.39  ? 111 ASN A N   1 
ATOM   78   C CA  . ASN A 1 15 ? 2.202   36.461  37.591  1.00 77.81  ? 111 ASN A CA  1 
ATOM   79   C C   . ASN A 1 15 ? 0.900   36.276  36.819  1.00 79.96  ? 111 ASN A C   1 
ATOM   80   O O   . ASN A 1 15 ? 0.568   35.177  36.363  1.00 77.31  ? 111 ASN A O   1 
ATOM   81   C CB  . ASN A 1 15 ? 1.985   36.296  39.090  1.00 73.72  ? 111 ASN A CB  1 
ATOM   82   C CG  . ASN A 1 15 ? 3.106   35.520  39.751  1.00 78.88  ? 111 ASN A CG  1 
ATOM   83   O OD1 . ASN A 1 15 ? 3.867   34.804  39.085  1.00 74.08  ? 111 ASN A OD1 1 
ATOM   84   N ND2 . ASN A 1 15 ? 3.216   35.647  41.071  1.00 84.48  ? 111 ASN A ND2 1 
ATOM   85   N N   . ASP A 1 16 ? 0.182   37.379  36.666  1.00 79.13  ? 112 ASP A N   1 
ATOM   86   C CA  . ASP A 1 16 ? -1.038  37.413  35.880  1.00 81.40  ? 112 ASP A CA  1 
ATOM   87   C C   . ASP A 1 16 ? -0.798  36.975  34.432  1.00 79.22  ? 112 ASP A C   1 
ATOM   88   O O   . ASP A 1 16 ? -1.411  36.019  33.954  1.00 73.94  ? 112 ASP A O   1 
ATOM   89   C CB  . ASP A 1 16 ? -1.612  38.828  35.904  1.00 83.33  ? 112 ASP A CB  1 
ATOM   90   C CG  . ASP A 1 16 ? -2.358  39.139  37.195  1.00 90.39  ? 112 ASP A CG  1 
ATOM   91   O OD1 . ASP A 1 16 ? -2.263  38.325  38.153  1.00 92.48  ? 112 ASP A OD1 1 
ATOM   92   O OD2 . ASP A 1 16 ? -3.038  40.198  37.242  1.00 83.31  ? 112 ASP A OD2 1 
ATOM   93   N N   . ARG A 1 17 ? 0.095   37.689  33.749  1.00 73.56  ? 113 ARG A N   1 
ATOM   94   C CA  . ARG A 1 17 ? 0.456   37.407  32.367  1.00 77.20  ? 113 ARG A CA  1 
ATOM   95   C C   . ARG A 1 17 ? 0.962   35.973  32.085  1.00 75.40  ? 113 ARG A C   1 
ATOM   96   O O   . ARG A 1 17 ? 0.631   35.400  31.061  1.00 68.22  ? 113 ARG A O   1 
ATOM   97   C CB  . ARG A 1 17 ? 1.491   38.429  31.912  1.00 72.12  ? 113 ARG A CB  1 
ATOM   98   C CG  . ARG A 1 17 ? 1.032   39.829  32.083  1.00 77.09  ? 113 ARG A CG  1 
ATOM   99   C CD  . ARG A 1 17 ? 1.997   40.823  31.453  1.00 88.14  ? 113 ARG A CD  1 
ATOM   100  N NE  . ARG A 1 17 ? 1.538   42.196  31.674  1.00 88.67  ? 113 ARG A NE  1 
ATOM   101  C CZ  . ARG A 1 17 ? 2.093   43.287  31.146  1.00 94.13  ? 113 ARG A CZ  1 
ATOM   102  N NH1 . ARG A 1 17 ? 3.154   43.192  30.348  1.00 69.84  ? 113 ARG A NH1 1 
ATOM   103  N NH2 . ARG A 1 17 ? 1.583   44.484  31.422  1.00 105.31 ? 113 ARG A NH2 1 
ATOM   104  N N   . PHE A 1 18 ? 1.782   35.423  32.979  1.00 76.01  ? 114 PHE A N   1 
ATOM   105  C CA  . PHE A 1 18 ? 2.257   34.042  32.871  1.00 70.63  ? 114 PHE A CA  1 
ATOM   106  C C   . PHE A 1 18 ? 1.182   33.058  33.324  1.00 71.63  ? 114 PHE A C   1 
ATOM   107  O O   . PHE A 1 18 ? 1.246   31.868  33.018  1.00 76.27  ? 114 PHE A O   1 
ATOM   108  C CB  . PHE A 1 18 ? 3.570   33.803  33.672  1.00 61.76  ? 114 PHE A CB  1 
ATOM   109  C CG  . PHE A 1 18 ? 4.805   34.325  32.978  1.00 65.88  ? 114 PHE A CG  1 
ATOM   110  C CD1 . PHE A 1 18 ? 5.541   33.516  32.123  1.00 72.84  ? 114 PHE A CD1 1 
ATOM   111  C CD2 . PHE A 1 18 ? 5.205   35.639  33.144  1.00 70.28  ? 114 PHE A CD2 1 
ATOM   112  C CE1 . PHE A 1 18 ? 6.658   34.002  31.445  1.00 66.22  ? 114 PHE A CE1 1 
ATOM   113  C CE2 . PHE A 1 18 ? 6.321   36.130  32.482  1.00 72.93  ? 114 PHE A CE2 1 
ATOM   114  C CZ  . PHE A 1 18 ? 7.053   35.300  31.625  1.00 73.89  ? 114 PHE A CZ  1 
ATOM   115  N N   . ALA A 1 19 ? 0.198   33.543  34.071  1.00 73.90  ? 115 ALA A N   1 
ATOM   116  C CA  . ALA A 1 19 ? -0.872  32.663  34.519  1.00 78.61  ? 115 ALA A CA  1 
ATOM   117  C C   . ALA A 1 19 ? -1.821  32.459  33.340  1.00 75.14  ? 115 ALA A C   1 
ATOM   118  O O   . ALA A 1 19 ? -2.437  31.397  33.168  1.00 74.93  ? 115 ALA A O   1 
ATOM   119  C CB  . ALA A 1 19 ? -1.600  33.274  35.712  1.00 69.88  ? 115 ALA A CB  1 
ATOM   120  N N   . ASN A 1 20 ? -1.906  33.504  32.526  1.00 71.82  ? 116 ASN A N   1 
ATOM   121  C CA  . ASN A 1 20 ? -2.797  33.535  31.398  1.00 74.71  ? 116 ASN A CA  1 
ATOM   122  C C   . ASN A 1 20 ? -2.163  32.790  30.229  1.00 79.96  ? 116 ASN A C   1 
ATOM   123  O O   . ASN A 1 20 ? -2.838  32.059  29.490  1.00 81.76  ? 116 ASN A O   1 
ATOM   124  C CB  . ASN A 1 20 ? -3.106  34.984  31.024  1.00 69.36  ? 116 ASN A CB  1 
ATOM   125  C CG  . ASN A 1 20 ? -4.189  35.088  29.957  1.00 94.63  ? 116 ASN A CG  1 
ATOM   126  O OD1 . ASN A 1 20 ? -5.210  34.376  30.000  1.00 90.22  ? 116 ASN A OD1 1 
ATOM   127  N ND2 . ASN A 1 20 ? -3.968  35.962  28.979  1.00 103.40 ? 116 ASN A ND2 1 
ATOM   128  N N   . LEU A 1 21 ? -0.860  32.983  30.077  1.00 74.62  ? 117 LEU A N   1 
ATOM   129  C CA  . LEU A 1 21 ? -0.086  32.255  29.091  1.00 73.95  ? 117 LEU A CA  1 
ATOM   130  C C   . LEU A 1 21 ? -0.121  30.742  29.365  1.00 75.12  ? 117 LEU A C   1 
ATOM   131  O O   . LEU A 1 21 ? -0.218  29.949  28.422  1.00 71.85  ? 117 LEU A O   1 
ATOM   132  C CB  . LEU A 1 21 ? 1.336   32.791  29.045  1.00 68.20  ? 117 LEU A CB  1 
ATOM   133  C CG  . LEU A 1 21 ? 2.318   32.154  28.075  1.00 69.59  ? 117 LEU A CG  1 
ATOM   134  C CD1 . LEU A 1 21 ? 1.704   31.969  26.648  1.00 62.72  ? 117 LEU A CD1 1 
ATOM   135  C CD2 . LEU A 1 21 ? 3.620   32.958  28.047  1.00 59.21  ? 117 LEU A CD2 1 
ATOM   136  N N   . ILE A 1 22 ? -0.073  30.350  30.644  1.00 72.08  ? 118 ILE A N   1 
ATOM   137  C CA  . ILE A 1 22 ? -0.280  28.942  31.029  1.00 71.60  ? 118 ILE A CA  1 
ATOM   138  C C   . ILE A 1 22 ? -1.662  28.402  30.609  1.00 79.33  ? 118 ILE A C   1 
ATOM   139  O O   . ILE A 1 22 ? -1.797  27.218  30.239  1.00 71.31  ? 118 ILE A O   1 
ATOM   140  C CB  . ILE A 1 22 ? -0.130  28.730  32.528  1.00 67.36  ? 118 ILE A CB  1 
ATOM   141  C CG1 . ILE A 1 22 ? 1.348   28.717  32.934  1.00 76.87  ? 118 ILE A CG1 1 
ATOM   142  C CG2 . ILE A 1 22 ? -0.803  27.437  32.982  1.00 62.08  ? 118 ILE A CG2 1 
ATOM   143  C CD1 . ILE A 1 22 ? 1.573   28.852  34.473  1.00 63.52  ? 118 ILE A CD1 1 
ATOM   144  N N   . ASP A 1 23 ? -2.686  29.254  30.698  1.00 82.01  ? 119 ASP A N   1 
ATOM   145  C CA  . ASP A 1 23 ? -4.021  28.907  30.204  1.00 75.35  ? 119 ASP A CA  1 
ATOM   146  C C   . ASP A 1 23 ? -3.913  28.581  28.700  1.00 79.42  ? 119 ASP A C   1 
ATOM   147  O O   . ASP A 1 23 ? -4.235  27.475  28.251  1.00 77.56  ? 119 ASP A O   1 
ATOM   148  C CB  . ASP A 1 23 ? -5.014  30.070  30.406  1.00 76.51  ? 119 ASP A CB  1 
ATOM   149  C CG  . ASP A 1 23 ? -5.577  30.154  31.838  1.00 88.68  ? 119 ASP A CG  1 
ATOM   150  O OD1 . ASP A 1 23 ? -5.401  29.207  32.642  1.00 85.82  ? 119 ASP A OD1 1 
ATOM   151  O OD2 . ASP A 1 23 ? -6.228  31.179  32.151  1.00 79.65  ? 119 ASP A OD2 1 
ATOM   152  N N   . LYS A 1 24 ? -3.438  29.565  27.938  1.00 78.03  ? 120 LYS A N   1 
ATOM   153  C CA  . LYS A 1 24 ? -3.324  29.463  26.488  1.00 68.40  ? 120 LYS A CA  1 
ATOM   154  C C   . LYS A 1 24 ? -2.558  28.230  26.028  1.00 72.90  ? 120 LYS A C   1 
ATOM   155  O O   . LYS A 1 24 ? -2.900  27.588  25.009  1.00 76.56  ? 120 LYS A O   1 
ATOM   156  C CB  . LYS A 1 24 ? -2.674  30.726  25.905  1.00 68.82  ? 120 LYS A CB  1 
ATOM   157  C CG  . LYS A 1 24 ? -3.541  31.965  26.070  1.00 82.03  ? 120 LYS A CG  1 
ATOM   158  C CD  . LYS A 1 24 ? -2.792  33.264  25.805  1.00 82.79  ? 120 LYS A CD  1 
ATOM   159  C CE  . LYS A 1 24 ? -2.399  33.381  24.352  1.00 77.71  ? 120 LYS A CE  1 
ATOM   160  N NZ  . LYS A 1 24 ? -2.409  34.800  23.893  1.00 80.14  ? 120 LYS A NZ  1 
ATOM   161  N N   . VAL A 1 25 ? -1.516  27.904  26.775  1.00 71.92  ? 121 VAL A N   1 
ATOM   162  C CA  . VAL A 1 25 ? -0.678  26.787  26.408  1.00 73.81  ? 121 VAL A CA  1 
ATOM   163  C C   . VAL A 1 25 ? -1.407  25.478  26.640  1.00 74.59  ? 121 VAL A C   1 
ATOM   164  O O   . VAL A 1 25 ? -1.371  24.597  25.779  1.00 73.87  ? 121 VAL A O   1 
ATOM   165  C CB  . VAL A 1 25 ? 0.690   26.831  27.112  1.00 65.22  ? 121 VAL A CB  1 
ATOM   166  C CG1 . VAL A 1 25 ? 1.322   25.438  27.145  1.00 65.45  ? 121 VAL A CG1 1 
ATOM   167  C CG2 . VAL A 1 25 ? 1.584   27.832  26.397  1.00 60.27  ? 121 VAL A CG2 1 
ATOM   168  N N   . ARG A 1 26 ? -2.088  25.361  27.781  1.00 67.33  ? 122 ARG A N   1 
ATOM   169  C CA  . ARG A 1 26 ? -2.898  24.181  28.037  1.00 75.32  ? 122 ARG A CA  1 
ATOM   170  C C   . ARG A 1 26 ? -3.910  23.988  26.905  1.00 76.24  ? 122 ARG A C   1 
ATOM   171  O O   . ARG A 1 26 ? -4.214  22.860  26.522  1.00 73.11  ? 122 ARG A O   1 
ATOM   172  C CB  . ARG A 1 26 ? -3.637  24.295  29.364  1.00 71.30  ? 122 ARG A CB  1 
ATOM   173  C CG  . ARG A 1 26 ? -4.252  22.976  29.826  1.00 83.08  ? 122 ARG A CG  1 
ATOM   174  C CD  . ARG A 1 26 ? -5.073  23.138  31.110  1.00 87.11  ? 122 ARG A CD  1 
ATOM   175  N NE  . ARG A 1 26 ? -4.556  24.205  31.951  1.00 97.24  ? 122 ARG A NE  1 
ATOM   176  C CZ  . ARG A 1 26 ? -5.090  25.421  32.026  1.00 93.12  ? 122 ARG A CZ  1 
ATOM   177  N NH1 . ARG A 1 26 ? -6.178  25.728  31.321  1.00 88.01  ? 122 ARG A NH1 1 
ATOM   178  N NH2 . ARG A 1 26 ? -4.536  26.328  32.818  1.00 90.88  ? 122 ARG A NH2 1 
ATOM   179  N N   . PHE A 1 27 ? -4.421  25.098  26.380  1.00 74.59  ? 123 PHE A N   1 
ATOM   180  C CA  . PHE A 1 27 ? -5.435  25.040  25.360  1.00 75.79  ? 123 PHE A CA  1 
ATOM   181  C C   . PHE A 1 27 ? -4.850  24.446  24.078  1.00 81.19  ? 123 PHE A C   1 
ATOM   182  O O   . PHE A 1 27 ? -5.455  23.567  23.450  1.00 83.34  ? 123 PHE A O   1 
ATOM   183  C CB  . PHE A 1 27 ? -6.032  26.420  25.089  1.00 81.36  ? 123 PHE A CB  1 
ATOM   184  C CG  . PHE A 1 27 ? -7.147  26.386  24.082  1.00 86.80  ? 123 PHE A CG  1 
ATOM   185  C CD1 . PHE A 1 27 ? -8.384  25.846  24.417  1.00 86.70  ? 123 PHE A CD1 1 
ATOM   186  C CD2 . PHE A 1 27 ? -6.949  26.850  22.790  1.00 87.43  ? 123 PHE A CD2 1 
ATOM   187  C CE1 . PHE A 1 27 ? -9.416  25.788  23.482  1.00 97.96  ? 123 PHE A CE1 1 
ATOM   188  C CE2 . PHE A 1 27 ? -7.977  26.796  21.847  1.00 98.85  ? 123 PHE A CE2 1 
ATOM   189  C CZ  . PHE A 1 27 ? -9.210  26.260  22.193  1.00 97.84  ? 123 PHE A CZ  1 
ATOM   190  N N   . LEU A 1 28 ? -3.671  24.930  23.698  1.00 76.85  ? 124 LEU A N   1 
ATOM   191  C CA  . LEU A 1 28 ? -2.964  24.418  22.536  1.00 70.09  ? 124 LEU A CA  1 
ATOM   192  C C   . LEU A 1 28 ? -2.689  22.940  22.735  1.00 71.53  ? 124 LEU A C   1 
ATOM   193  O O   . LEU A 1 28 ? -2.835  22.140  21.820  1.00 73.67  ? 124 LEU A O   1 
ATOM   194  C CB  . LEU A 1 28 ? -1.649  25.148  22.344  1.00 70.63  ? 124 LEU A CB  1 
ATOM   195  C CG  . LEU A 1 28 ? -0.998  24.889  20.999  1.00 74.16  ? 124 LEU A CG  1 
ATOM   196  C CD1 . LEU A 1 28 ? -1.928  25.396  19.929  1.00 76.85  ? 124 LEU A CD1 1 
ATOM   197  C CD2 . LEU A 1 28 ? 0.357   25.566  20.905  1.00 74.84  ? 124 LEU A CD2 1 
ATOM   198  N N   . GLU A 1 29 ? -2.311  22.561  23.943  1.00 72.07  ? 125 GLU A N   1 
ATOM   199  C CA  . GLU A 1 29 ? -2.071  21.151  24.216  1.00 76.31  ? 125 GLU A CA  1 
ATOM   200  C C   . GLU A 1 29 ? -3.275  20.278  23.830  1.00 75.23  ? 125 GLU A C   1 
ATOM   201  O O   . GLU A 1 29 ? -3.120  19.192  23.252  1.00 66.18  ? 125 GLU A O   1 
ATOM   202  C CB  . GLU A 1 29 ? -1.689  20.943  25.680  1.00 68.36  ? 125 GLU A CB  1 
ATOM   203  C CG  . GLU A 1 29 ? -0.213  21.169  25.939  1.00 69.38  ? 125 GLU A CG  1 
ATOM   204  C CD  . GLU A 1 29 ? 0.106   21.134  27.433  1.00 80.76  ? 125 GLU A CD  1 
ATOM   205  O OE1 . GLU A 1 29 ? -0.650  21.741  28.224  1.00 82.40  ? 125 GLU A OE1 1 
ATOM   206  O OE2 . GLU A 1 29 ? 1.100   20.488  27.824  1.00 78.28  ? 125 GLU A OE2 1 
ATOM   207  N N   . GLN A 1 30 ? -4.464  20.781  24.158  1.00 75.26  ? 126 GLN A N   1 
ATOM   208  C CA  . GLN A 1 30 ? -5.714  20.055  23.971  1.00 80.35  ? 126 GLN A CA  1 
ATOM   209  C C   . GLN A 1 30 ? -6.093  19.997  22.505  1.00 74.29  ? 126 GLN A C   1 
ATOM   210  O O   . GLN A 1 30 ? -6.580  18.981  22.030  1.00 71.11  ? 126 GLN A O   1 
ATOM   211  C CB  . GLN A 1 30 ? -6.832  20.719  24.775  1.00 80.37  ? 126 GLN A CB  1 
ATOM   212  C CG  . GLN A 1 30 ? -6.550  20.737  26.289  1.00 78.93  ? 126 GLN A CG  1 
ATOM   213  C CD  . GLN A 1 30 ? -7.371  21.788  27.028  1.00 76.91  ? 126 GLN A CD  1 
ATOM   214  O OE1 . GLN A 1 30 ? -8.200  22.489  26.426  1.00 84.60  ? 126 GLN A OE1 1 
ATOM   215  N NE2 . GLN A 1 30 ? -7.133  21.915  28.337  1.00 94.32  ? 126 GLN A NE2 1 
ATOM   216  N N   . GLN A 1 31 ? -5.874  21.110  21.814  1.00 73.85  ? 127 GLN A N   1 
ATOM   217  C CA  . GLN A 1 31 ? -6.061  21.202  20.383  1.00 73.09  ? 127 GLN A CA  1 
ATOM   218  C C   . GLN A 1 31 ? -5.183  20.157  19.700  1.00 73.03  ? 127 GLN A C   1 
ATOM   219  O O   . GLN A 1 31 ? -5.680  19.146  19.216  1.00 69.30  ? 127 GLN A O   1 
ATOM   220  C CB  . GLN A 1 31 ? -5.714  22.611  19.895  1.00 77.06  ? 127 GLN A CB  1 
ATOM   221  C CG  . GLN A 1 31 ? -6.718  23.656  20.340  1.00 85.66  ? 127 GLN A CG  1 
ATOM   222  C CD  . GLN A 1 31 ? -8.152  23.211  20.075  1.00 91.74  ? 127 GLN A CD  1 
ATOM   223  O OE1 . GLN A 1 31 ? -8.609  22.195  20.608  1.00 87.50  ? 127 GLN A OE1 1 
ATOM   224  N NE2 . GLN A 1 31 ? -8.866  23.962  19.234  1.00 84.23  ? 127 GLN A NE2 1 
ATOM   225  N N   . ASN A 1 32 ? -3.875  20.414  19.682  1.00 76.26  ? 128 ASN A N   1 
ATOM   226  C CA  . ASN A 1 32 ? -2.884  19.436  19.246  1.00 68.86  ? 128 ASN A CA  1 
ATOM   227  C C   . ASN A 1 32 ? -3.298  17.978  19.568  1.00 67.67  ? 128 ASN A C   1 
ATOM   228  O O   . ASN A 1 32 ? -3.070  17.071  18.761  1.00 73.54  ? 128 ASN A O   1 
ATOM   229  C CB  . ASN A 1 32 ? -1.491  19.766  19.837  1.00 69.87  ? 128 ASN A CB  1 
ATOM   230  C CG  . ASN A 1 32 ? -0.785  20.954  19.136  1.00 68.46  ? 128 ASN A CG  1 
ATOM   231  O OD1 . ASN A 1 32 ? -1.361  21.651  18.291  1.00 57.76  ? 128 ASN A OD1 1 
ATOM   232  N ND2 . ASN A 1 32 ? 0.481   21.189  19.515  1.00 70.46  ? 128 ASN A ND2 1 
ATOM   233  N N   . LYS A 1 33 ? -3.924  17.748  20.721  1.00 65.26  ? 129 LYS A N   1 
ATOM   234  C CA  . LYS A 1 33 ? -4.403  16.398  21.069  1.00 68.18  ? 129 LYS A CA  1 
ATOM   235  C C   . LYS A 1 33 ? -5.516  15.878  20.126  1.00 71.35  ? 129 LYS A C   1 
ATOM   236  O O   . LYS A 1 33 ? -5.397  14.805  19.538  1.00 70.83  ? 129 LYS A O   1 
ATOM   237  C CB  . LYS A 1 33 ? -4.887  16.334  22.522  1.00 70.31  ? 129 LYS A CB  1 
ATOM   238  C CG  . LYS A 1 33 ? -5.111  14.908  23.000  1.00 71.33  ? 129 LYS A CG  1 
ATOM   239  C CD  . LYS A 1 33 ? -5.872  14.859  24.309  1.00 83.08  ? 129 LYS A CD  1 
ATOM   240  C CE  . LYS A 1 33 ? -6.136  13.418  24.725  1.00 82.63  ? 129 LYS A CE  1 
ATOM   241  N NZ  . LYS A 1 33 ? -4.885  12.597  24.642  1.00 83.50  ? 129 LYS A NZ  1 
ATOM   242  N N   . ILE A 1 34 ? -6.594  16.650  20.017  1.00 68.25  ? 130 ILE A N   1 
ATOM   243  C CA  . ILE A 1 34 ? -7.652  16.445  19.033  1.00 72.79  ? 130 ILE A CA  1 
ATOM   244  C C   . ILE A 1 34 ? -7.114  16.162  17.634  1.00 74.39  ? 130 ILE A C   1 
ATOM   245  O O   . ILE A 1 34 ? -7.524  15.197  16.975  1.00 73.68  ? 130 ILE A O   1 
ATOM   246  C CB  . ILE A 1 34 ? -8.508  17.722  18.896  1.00 75.99  ? 130 ILE A CB  1 
ATOM   247  C CG1 . ILE A 1 34 ? -9.408  17.919  20.123  1.00 69.70  ? 130 ILE A CG1 1 
ATOM   248  C CG2 . ILE A 1 34 ? -9.293  17.705  17.568  1.00 71.03  ? 130 ILE A CG2 1 
ATOM   249  C CD1 . ILE A 1 34 ? -10.432 19.013  19.902  1.00 65.64  ? 130 ILE A CD1 1 
ATOM   250  N N   . LEU A 1 35 ? -6.219  17.037  17.183  1.00 68.24  ? 131 LEU A N   1 
ATOM   251  C CA  . LEU A 1 35 ? -5.580  16.920  15.887  1.00 73.29  ? 131 LEU A CA  1 
ATOM   252  C C   . LEU A 1 35 ? -4.857  15.587  15.695  1.00 72.26  ? 131 LEU A C   1 
ATOM   253  O O   . LEU A 1 35 ? -5.093  14.880  14.714  1.00 76.38  ? 131 LEU A O   1 
ATOM   254  C CB  . LEU A 1 35 ? -4.593  18.053  15.709  1.00 71.12  ? 131 LEU A CB  1 
ATOM   255  C CG  . LEU A 1 35 ? -3.709  17.846  14.493  1.00 75.82  ? 131 LEU A CG  1 
ATOM   256  C CD1 . LEU A 1 35 ? -4.567  17.851  13.232  1.00 83.58  ? 131 LEU A CD1 1 
ATOM   257  C CD2 . LEU A 1 35 ? -2.651  18.927  14.454  1.00 76.61  ? 131 LEU A CD2 1 
ATOM   258  N N   . LEU A 1 36 ? -3.981  15.248  16.635  1.00 71.48  ? 132 LEU A N   1 
ATOM   259  C CA  . LEU A 1 36 ? -3.298  13.957  16.614  1.00 72.71  ? 132 LEU A CA  1 
ATOM   260  C C   . LEU A 1 36 ? -4.232  12.741  16.455  1.00 73.93  ? 132 LEU A C   1 
ATOM   261  O O   . LEU A 1 36 ? -3.906  11.813  15.723  1.00 74.28  ? 132 LEU A O   1 
ATOM   262  C CB  . LEU A 1 36 ? -2.443  13.791  17.865  1.00 67.91  ? 132 LEU A CB  1 
ATOM   263  C CG  . LEU A 1 36 ? -1.214  14.700  17.928  1.00 70.18  ? 132 LEU A CG  1 
ATOM   264  C CD1 . LEU A 1 36 ? -0.651  14.804  19.366  1.00 56.43  ? 132 LEU A CD1 1 
ATOM   265  C CD2 . LEU A 1 36 ? -0.156  14.216  16.952  1.00 64.03  ? 132 LEU A CD2 1 
ATOM   266  N N   . ALA A 1 37 ? -5.366  12.731  17.155  1.00 76.03  ? 133 ALA A N   1 
ATOM   267  C CA  . ALA A 1 37 ? -6.357  11.662  16.993  1.00 72.65  ? 133 ALA A CA  1 
ATOM   268  C C   . ALA A 1 37 ? -6.999  11.711  15.596  1.00 73.31  ? 133 ALA A C   1 
ATOM   269  O O   . ALA A 1 37 ? -7.086  10.687  14.897  1.00 70.23  ? 133 ALA A O   1 
ATOM   270  C CB  . ALA A 1 37 ? -7.415  11.734  18.083  1.00 78.12  ? 133 ALA A CB  1 
ATOM   271  N N   . GLU A 1 38 ? -7.427  12.901  15.184  1.00 71.41  ? 134 GLU A N   1 
ATOM   272  C CA  . GLU A 1 38 ? -7.973  13.069  13.851  1.00 61.58  ? 134 GLU A CA  1 
ATOM   273  C C   . GLU A 1 38 ? -7.014  12.596  12.752  1.00 76.44  ? 134 GLU A C   1 
ATOM   274  O O   . GLU A 1 38 ? -7.431  11.893  11.820  1.00 76.85  ? 134 GLU A O   1 
ATOM   275  C CB  . GLU A 1 38 ? -8.440  14.497  13.592  1.00 64.47  ? 134 GLU A CB  1 
ATOM   276  C CG  . GLU A 1 38 ? -9.629  14.925  14.460  1.00 77.05  ? 134 GLU A CG  1 
ATOM   277  C CD  . GLU A 1 38 ? -10.007 16.417  14.304  1.00 81.77  ? 134 GLU A CD  1 
ATOM   278  O OE1 . GLU A 1 38 ? -9.204  17.219  13.760  1.00 80.33  ? 134 GLU A OE1 1 
ATOM   279  O OE2 . GLU A 1 38 ? -11.127 16.793  14.730  1.00 73.65  ? 134 GLU A OE2 1 
ATOM   280  N N   . LEU A 1 39 ? -5.740  12.974  12.855  1.00 72.56  ? 135 LEU A N   1 
ATOM   281  C CA  . LEU A 1 39 ? -4.733  12.525  11.891  1.00 72.81  ? 135 LEU A CA  1 
ATOM   282  C C   . LEU A 1 39 ? -4.588  11.015  11.906  1.00 74.64  ? 135 LEU A C   1 
ATOM   283  O O   . LEU A 1 39 ? -4.575  10.353  10.842  1.00 69.65  ? 135 LEU A O   1 
ATOM   284  C CB  . LEU A 1 39 ? -3.369  13.122  12.210  1.00 70.48  ? 135 LEU A CB  1 
ATOM   285  C CG  . LEU A 1 39 ? -3.173  14.632  12.064  1.00 74.20  ? 135 LEU A CG  1 
ATOM   286  C CD1 . LEU A 1 39 ? -1.714  14.899  11.735  1.00 71.71  ? 135 LEU A CD1 1 
ATOM   287  C CD2 . LEU A 1 39 ? -4.084  15.211  10.990  1.00 73.22  ? 135 LEU A CD2 1 
ATOM   288  N N   . GLU A 1 40 ? -4.460  10.472  13.116  1.00 69.15  ? 136 GLU A N   1 
ATOM   289  C CA  . GLU A 1 40 ? -4.322  9.026   13.281  1.00 73.67  ? 136 GLU A CA  1 
ATOM   290  C C   . GLU A 1 40 ? -5.442  8.234   12.584  1.00 74.33  ? 136 GLU A C   1 
ATOM   291  O O   . GLU A 1 40 ? -5.221  7.113   12.137  1.00 67.23  ? 136 GLU A O   1 
ATOM   292  C CB  . GLU A 1 40 ? -4.256  8.657   14.763  1.00 69.16  ? 136 GLU A CB  1 
ATOM   293  C CG  . GLU A 1 40 ? -4.182  7.159   15.032  1.00 81.92  ? 136 GLU A CG  1 
ATOM   294  C CD  . GLU A 1 40 ? -2.827  6.548   14.708  1.00 89.75  ? 136 GLU A CD  1 
ATOM   295  O OE1 . GLU A 1 40 ? -1.807  7.264   14.779  1.00 83.74  ? 136 GLU A OE1 1 
ATOM   296  O OE2 . GLU A 1 40 ? -2.783  5.341   14.383  1.00 96.39  ? 136 GLU A OE2 1 
ATOM   297  N N   . GLN A 1 41 ? -6.629  8.835   12.507  1.00 71.51  ? 137 GLN A N   1 
ATOM   298  C CA  . GLN A 1 41 ? -7.811  8.179   11.982  1.00 66.26  ? 137 GLN A CA  1 
ATOM   299  C C   . GLN A 1 41 ? -7.711  8.213   10.490  1.00 73.73  ? 137 GLN A C   1 
ATOM   300  O O   . GLN A 1 41 ? -7.984  7.210   9.800   1.00 65.32  ? 137 GLN A O   1 
ATOM   301  C CB  . GLN A 1 41 ? -9.076  8.923   12.408  1.00 71.04  ? 137 GLN A CB  1 
ATOM   302  C CG  . GLN A 1 41 ? -10.331 8.490   11.669  1.00 68.11  ? 137 GLN A CG  1 
ATOM   303  C CD  . GLN A 1 41 ? -11.614 8.803   12.424  1.00 68.46  ? 137 GLN A CD  1 
ATOM   304  O OE1 . GLN A 1 41 ? -11.648 9.704   13.258  1.00 89.62  ? 137 GLN A OE1 1 
ATOM   305  N NE2 . GLN A 1 41 ? -12.680 8.057   12.134  1.00 92.80  ? 137 GLN A NE2 1 
ATOM   306  N N   . LEU A 1 42 ? -7.312  9.392   10.014  1.00 73.16  ? 138 LEU A N   1 
ATOM   307  C CA  . LEU A 1 42 ? -7.140  9.663   8.596   1.00 69.55  ? 138 LEU A CA  1 
ATOM   308  C C   . LEU A 1 42 ? -6.128  8.691   8.002   1.00 68.20  ? 138 LEU A C   1 
ATOM   309  O O   . LEU A 1 42 ? -6.397  8.015   7.012   1.00 67.72  ? 138 LEU A O   1 
ATOM   310  C CB  . LEU A 1 42 ? -6.628  11.081  8.415   1.00 67.47  ? 138 LEU A CB  1 
ATOM   311  C CG  . LEU A 1 42 ? -6.719  11.551  6.973   1.00 70.46  ? 138 LEU A CG  1 
ATOM   312  C CD1 . LEU A 1 42 ? -8.181  11.493  6.588   1.00 69.95  ? 138 LEU A CD1 1 
ATOM   313  C CD2 . LEU A 1 42 ? -6.141  12.956  6.799   1.00 61.88  ? 138 LEU A CD2 1 
ATOM   314  N N   . LYS A 1 43 ? -4.959  8.653   8.630   1.00 66.27  ? 139 LYS A N   1 
ATOM   315  C CA  . LYS A 1 43 ? -3.938  7.668   8.348   1.00 64.94  ? 139 LYS A CA  1 
ATOM   316  C C   . LYS A 1 43 ? -4.595  6.303   8.180   1.00 67.35  ? 139 LYS A C   1 
ATOM   317  O O   . LYS A 1 43 ? -4.658  5.780   7.062   1.00 68.12  ? 139 LYS A O   1 
ATOM   318  C CB  . LYS A 1 43 ? -2.904  7.634   9.481   1.00 63.54  ? 139 LYS A CB  1 
ATOM   319  C CG  . LYS A 1 43 ? -1.615  6.917   9.131   1.00 61.44  ? 139 LYS A CG  1 
ATOM   320  C CD  . LYS A 1 43 ? -0.549  6.996   10.225  1.00 72.98  ? 139 LYS A CD  1 
ATOM   321  C CE  . LYS A 1 43 ? -0.903  6.172   11.461  1.00 80.58  ? 139 LYS A CE  1 
ATOM   322  N NZ  . LYS A 1 43 ? 0.319   5.838   12.282  1.00 89.36  ? 139 LYS A NZ  1 
ATOM   323  N N   . GLY A 1 44 ? -5.080  5.738   9.290   1.00 60.65  ? 140 GLY A N   1 
ATOM   324  C CA  . GLY A 1 44 ? -5.789  4.470   9.277   1.00 58.18  ? 140 GLY A CA  1 
ATOM   325  C C   . GLY A 1 44 ? -6.753  4.255   8.090   1.00 68.17  ? 140 GLY A C   1 
ATOM   326  O O   . GLY A 1 44 ? -6.787  3.171   7.480   1.00 61.50  ? 140 GLY A O   1 
ATOM   327  N N   . GLN A 1 45 ? -7.541  5.285   7.771   1.00 64.15  ? 141 GLN A N   1 
ATOM   328  C CA  . GLN A 1 45 ? -8.513  5.234   6.699   1.00 64.86  ? 141 GLN A CA  1 
ATOM   329  C C   . GLN A 1 45 ? -7.824  5.115   5.343   1.00 66.82  ? 141 GLN A C   1 
ATOM   330  O O   . GLN A 1 45 ? -8.220  4.291   4.536   1.00 68.57  ? 141 GLN A O   1 
ATOM   331  C CB  . GLN A 1 45 ? -9.458  6.442   6.733   1.00 63.09  ? 141 GLN A CB  1 
ATOM   332  C CG  . GLN A 1 45 ? -10.424 6.413   7.921   1.00 74.93  ? 141 GLN A CG  1 
ATOM   333  C CD  . GLN A 1 45 ? -11.302 7.664   8.026   1.00 78.20  ? 141 GLN A CD  1 
ATOM   334  O OE1 . GLN A 1 45 ? -11.002 8.712   7.445   1.00 65.79  ? 141 GLN A OE1 1 
ATOM   335  N NE2 . GLN A 1 45 ? -12.394 7.550   8.778   1.00 88.04  ? 141 GLN A NE2 1 
ATOM   336  N N   . GLY A 1 46 ? -6.795  5.932   5.118   1.00 66.80  ? 142 GLY A N   1 
ATOM   337  C CA  . GLY A 1 46 ? -5.967  5.836   3.927   1.00 65.83  ? 142 GLY A CA  1 
ATOM   338  C C   . GLY A 1 46 ? -5.286  4.479   3.757   1.00 65.63  ? 142 GLY A C   1 
ATOM   339  O O   . GLY A 1 46 ? -5.030  4.050   2.638   1.00 67.34  ? 142 GLY A O   1 
ATOM   340  N N   . LYS A 1 47 ? -5.003  3.788   4.856   1.00 65.38  ? 143 LYS A N   1 
ATOM   341  C CA  . LYS A 1 47 ? -4.423  2.459   4.759   1.00 64.71  ? 143 LYS A CA  1 
ATOM   342  C C   . LYS A 1 47 ? -5.491  1.488   4.246   1.00 69.74  ? 143 LYS A C   1 
ATOM   343  O O   . LYS A 1 47 ? -5.227  0.630   3.390   1.00 66.87  ? 143 LYS A O   1 
ATOM   344  C CB  . LYS A 1 47 ? -3.901  1.995   6.111   1.00 66.85  ? 143 LYS A CB  1 
ATOM   345  C CG  . LYS A 1 47 ? -2.841  0.891   6.028   1.00 69.37  ? 143 LYS A CG  1 
ATOM   346  C CD  . LYS A 1 47 ? -1.977  0.882   7.311   1.00 103.99 ? 143 LYS A CD  1 
ATOM   347  C CE  . LYS A 1 47 ? -0.706  0.016   7.168   1.00 119.03 ? 143 LYS A CE  1 
ATOM   348  N NZ  . LYS A 1 47 ? 0.370   0.324   8.193   1.00 95.39  ? 143 LYS A NZ  1 
ATOM   349  N N   . SER A 1 48 ? -6.693  1.641   4.793   1.00 66.73  ? 144 SER A N   1 
ATOM   350  C CA  . SER A 1 48 ? -7.848  0.866   4.404   1.00 67.89  ? 144 SER A CA  1 
ATOM   351  C C   . SER A 1 48 ? -8.191  1.130   2.929   1.00 66.21  ? 144 SER A C   1 
ATOM   352  O O   . SER A 1 48 ? -8.416  0.177   2.152   1.00 64.16  ? 144 SER A O   1 
ATOM   353  C CB  . SER A 1 48 ? -9.019  1.194   5.326   1.00 66.32  ? 144 SER A CB  1 
ATOM   354  O OG  . SER A 1 48 ? -10.214 0.579   4.901   1.00 81.23  ? 144 SER A OG  1 
ATOM   355  N N   . ARG A 1 49 ? -8.199  2.399   2.533   1.00 60.75  ? 145 ARG A N   1 
ATOM   356  C CA  . ARG A 1 49 ? -8.518  2.768   1.156   1.00 67.45  ? 145 ARG A CA  1 
ATOM   357  C C   . ARG A 1 49 ? -7.588  2.122   0.125   1.00 63.63  ? 145 ARG A C   1 
ATOM   358  O O   . ARG A 1 49 ? -8.040  1.675   -0.931  1.00 70.35  ? 145 ARG A O   1 
ATOM   359  C CB  . ARG A 1 49 ? -8.496  4.291   0.996   1.00 62.85  ? 145 ARG A CB  1 
ATOM   360  C CG  . ARG A 1 49 ? -8.377  4.761   -0.446  1.00 65.62  ? 145 ARG A CG  1 
ATOM   361  C CD  . ARG A 1 49 ? -8.251  6.273   -0.524  1.00 57.16  ? 145 ARG A CD  1 
ATOM   362  N NE  . ARG A 1 49 ? -9.005  6.828   -1.645  1.00 72.67  ? 145 ARG A NE  1 
ATOM   363  C CZ  . ARG A 1 49 ? -8.484  7.088   -2.840  1.00 77.33  ? 145 ARG A CZ  1 
ATOM   364  N NH1 . ARG A 1 49 ? -7.201  6.845   -3.073  1.00 70.47  ? 145 ARG A NH1 1 
ATOM   365  N NH2 . ARG A 1 49 ? -9.245  7.592   -3.801  1.00 74.28  ? 145 ARG A NH2 1 
ATOM   366  N N   . LEU A 1 50 ? -6.295  2.080   0.430   1.00 67.80  ? 146 LEU A N   1 
ATOM   367  C CA  . LEU A 1 50 ? -5.302  1.569   -0.499  1.00 64.57  ? 146 LEU A CA  1 
ATOM   368  C C   . LEU A 1 50 ? -5.437  0.071   -0.617  1.00 62.01  ? 146 LEU A C   1 
ATOM   369  O O   . LEU A 1 50 ? -5.146  -0.509  -1.681  1.00 63.34  ? 146 LEU A O   1 
ATOM   370  C CB  . LEU A 1 50 ? -3.889  1.906   -0.031  1.00 54.92  ? 146 LEU A CB  1 
ATOM   371  C CG  . LEU A 1 50 ? -3.447  3.369   -0.002  1.00 64.35  ? 146 LEU A CG  1 
ATOM   372  C CD1 . LEU A 1 50 ? -2.077  3.473   0.695   1.00 61.01  ? 146 LEU A CD1 1 
ATOM   373  C CD2 . LEU A 1 50 ? -3.403  3.985   -1.384  1.00 63.09  ? 146 LEU A CD2 1 
ATOM   374  N N   . GLY A 1 51 ? -5.847  -0.546  0.493   1.00 57.82  ? 147 GLY A N   1 
ATOM   375  C CA  . GLY A 1 51 ? -6.080  -1.976  0.568   1.00 55.63  ? 147 GLY A CA  1 
ATOM   376  C C   . GLY A 1 51 ? -7.200  -2.310  -0.414  1.00 66.28  ? 147 GLY A C   1 
ATOM   377  O O   . GLY A 1 51 ? -7.017  -3.052  -1.358  1.00 62.53  ? 147 GLY A O   1 
ATOM   378  N N   . ASP A 1 52 ? -8.362  -1.714  -0.176  1.00 62.18  ? 148 ASP A N   1 
ATOM   379  C CA  . ASP A 1 52 ? -9.493  -1.751  -1.061  1.00 60.35  ? 148 ASP A CA  1 
ATOM   380  C C   . ASP A 1 52 ? -9.170  -1.554  -2.529  1.00 71.16  ? 148 ASP A C   1 
ATOM   381  O O   . ASP A 1 52 ? -9.666  -2.304  -3.383  1.00 68.05  ? 148 ASP A O   1 
ATOM   382  C CB  . ASP A 1 52 ? -10.517 -0.704  -0.636  1.00 57.92  ? 148 ASP A CB  1 
ATOM   383  C CG  . ASP A 1 52 ? -11.052 -0.967  0.769   1.00 68.75  ? 148 ASP A CG  1 
ATOM   384  O OD1 . ASP A 1 52 ? -11.011 -2.160  1.183   1.00 61.28  ? 148 ASP A OD1 1 
ATOM   385  O OD2 . ASP A 1 52 ? -11.503 -0.001  1.444   1.00 66.74  ? 148 ASP A OD2 1 
ATOM   386  N N   . LEU A 1 53 ? -8.379  -0.533  -2.842  1.00 63.42  ? 149 LEU A N   1 
ATOM   387  C CA  . LEU A 1 53 ? -8.137  -0.253  -4.258  1.00 67.71  ? 149 LEU A CA  1 
ATOM   388  C C   . LEU A 1 53 ? -7.395  -1.424  -4.935  1.00 68.47  ? 149 LEU A C   1 
ATOM   389  O O   . LEU A 1 53 ? -7.688  -1.810  -6.069  1.00 69.23  ? 149 LEU A O   1 
ATOM   390  C CB  . LEU A 1 53 ? -7.389  1.066   -4.432  1.00 64.43  ? 149 LEU A CB  1 
ATOM   391  C CG  . LEU A 1 53 ? -8.181  2.306   -4.013  1.00 68.93  ? 149 LEU A CG  1 
ATOM   392  C CD1 . LEU A 1 53 ? -7.264  3.492   -3.669  1.00 66.07  ? 149 LEU A CD1 1 
ATOM   393  C CD2 . LEU A 1 53 ? -9.179  2.680   -5.088  1.00 66.61  ? 149 LEU A CD2 1 
ATOM   394  N N   . TYR A 1 54 ? -6.429  -1.993  -4.227  1.00 66.57  ? 150 TYR A N   1 
ATOM   395  C CA  . TYR A 1 54 ? -5.699  -3.138  -4.751  1.00 67.31  ? 150 TYR A CA  1 
ATOM   396  C C   . TYR A 1 54 ? -6.642  -4.331  -4.854  1.00 73.84  ? 150 TYR A C   1 
ATOM   397  O O   . TYR A 1 54 ? -6.612  -5.087  -5.824  1.00 73.72  ? 150 TYR A O   1 
ATOM   398  C CB  . TYR A 1 54 ? -4.530  -3.470  -3.838  1.00 67.55  ? 150 TYR A CB  1 
ATOM   399  C CG  . TYR A 1 54 ? -3.864  -4.800  -4.079  1.00 71.84  ? 150 TYR A CG  1 
ATOM   400  C CD1 . TYR A 1 54 ? -2.811  -4.914  -4.974  1.00 70.30  ? 150 TYR A CD1 1 
ATOM   401  C CD2 . TYR A 1 54 ? -4.255  -5.932  -3.383  1.00 73.89  ? 150 TYR A CD2 1 
ATOM   402  C CE1 . TYR A 1 54 ? -2.179  -6.132  -5.199  1.00 65.63  ? 150 TYR A CE1 1 
ATOM   403  C CE2 . TYR A 1 54 ? -3.627  -7.144  -3.586  1.00 74.15  ? 150 TYR A CE2 1 
ATOM   404  C CZ  . TYR A 1 54 ? -2.587  -7.236  -4.505  1.00 67.65  ? 150 TYR A CZ  1 
ATOM   405  O OH  . TYR A 1 54 ? -1.930  -8.421  -4.733  1.00 65.15  ? 150 TYR A OH  1 
ATOM   406  N N   . GLU A 1 55 ? -7.475  -4.481  -3.833  1.00 72.75  ? 151 GLU A N   1 
ATOM   407  C CA  . GLU A 1 55 ? -8.453  -5.551  -3.738  1.00 80.04  ? 151 GLU A CA  1 
ATOM   408  C C   . GLU A 1 55 ? -9.412  -5.609  -4.941  1.00 78.74  ? 151 GLU A C   1 
ATOM   409  O O   . GLU A 1 55 ? -9.563  -6.645  -5.584  1.00 79.08  ? 151 GLU A O   1 
ATOM   410  C CB  . GLU A 1 55 ? -9.236  -5.384  -2.440  1.00 82.70  ? 151 GLU A CB  1 
ATOM   411  C CG  . GLU A 1 55 ? -8.399  -5.556  -1.201  1.00 113.34 ? 151 GLU A CG  1 
ATOM   412  C CD  . GLU A 1 55 ? -7.734  -6.904  -1.160  1.00 133.12 ? 151 GLU A CD  1 
ATOM   413  O OE1 . GLU A 1 55 ? -8.396  -7.895  -1.542  1.00 124.36 ? 151 GLU A OE1 1 
ATOM   414  O OE2 . GLU A 1 55 ? -6.561  -6.976  -0.735  1.00 140.74 ? 151 GLU A OE2 1 
ATOM   415  N N   . GLU A 1 56 ? -10.026 -4.466  -5.224  1.00 73.88  ? 152 GLU A N   1 
ATOM   416  C CA  . GLU A 1 56 ? -10.937 -4.326  -6.346  1.00 72.82  ? 152 GLU A CA  1 
ATOM   417  C C   . GLU A 1 56 ? -10.216 -4.537  -7.671  1.00 75.62  ? 152 GLU A C   1 
ATOM   418  O O   . GLU A 1 56 ? -10.796 -5.079  -8.612  1.00 71.16  ? 152 GLU A O   1 
ATOM   419  C CB  . GLU A 1 56 ? -11.607 -2.951  -6.325  1.00 74.67  ? 152 GLU A CB  1 
ATOM   420  C CG  . GLU A 1 56 ? -12.798 -2.855  -5.388  1.00 84.55  ? 152 GLU A CG  1 
ATOM   421  C CD  . GLU A 1 56 ? -13.518 -4.179  -5.222  1.00 91.14  ? 152 GLU A CD  1 
ATOM   422  O OE1 . GLU A 1 56 ? -14.196 -4.613  -6.177  1.00 94.19  ? 152 GLU A OE1 1 
ATOM   423  O OE2 . GLU A 1 56 ? -13.404 -4.787  -4.136  1.00 86.15  ? 152 GLU A OE2 1 
ATOM   424  N N   . GLU A 1 57 ? -8.956  -4.115  -7.755  1.00 69.97  ? 153 GLU A N   1 
ATOM   425  C CA  . GLU A 1 57 ? -8.226  -4.296  -9.012  1.00 69.09  ? 153 GLU A CA  1 
ATOM   426  C C   . GLU A 1 57 ? -8.068  -5.785  -9.253  1.00 69.53  ? 153 GLU A C   1 
ATOM   427  O O   . GLU A 1 57 ? -8.371  -6.271  -10.327 1.00 61.30  ? 153 GLU A O   1 
ATOM   428  C CB  . GLU A 1 57 ? -6.861  -3.614  -9.047  1.00 74.91  ? 153 GLU A CB  1 
ATOM   429  C CG  . GLU A 1 57 ? -6.827  -2.306  -9.840  1.00 82.94  ? 153 GLU A CG  1 
ATOM   430  C CD  . GLU A 1 57 ? -6.879  -2.483  -11.364 1.00 85.36  ? 153 GLU A CD  1 
ATOM   431  O OE1 . GLU A 1 57 ? -5.800  -2.475  -12.018 1.00 75.79  ? 153 GLU A OE1 1 
ATOM   432  O OE2 . GLU A 1 57 ? -8.003  -2.578  -11.907 1.00 86.68  ? 153 GLU A OE2 1 
ATOM   433  N N   . MET A 1 58 ? -7.608  -6.511  -8.239  1.00 68.38  ? 154 MET A N   1 
ATOM   434  C CA  . MET A 1 58 ? -7.473  -7.951  -8.394  1.00 68.04  ? 154 MET A CA  1 
ATOM   435  C C   . MET A 1 58 ? -8.761  -8.745  -8.644  1.00 71.26  ? 154 MET A C   1 
ATOM   436  O O   . MET A 1 58 ? -8.735  -9.788  -9.322  1.00 65.79  ? 154 MET A O   1 
ATOM   437  C CB  . MET A 1 58 ? -6.800  -8.560  -7.190  1.00 57.44  ? 154 MET A CB  1 
ATOM   438  C CG  . MET A 1 58 ? -5.472  -7.957  -6.972  1.00 62.75  ? 154 MET A CG  1 
ATOM   439  S SD  . MET A 1 58 ? -4.135  -8.654  -7.936  1.00 68.71  ? 154 MET A SD  1 
ATOM   440  C CE  . MET A 1 58 ? -3.757  -10.130 -6.968  1.00 66.31  ? 154 MET A CE  1 
ATOM   441  N N   . ARG A 1 59 ? -9.868  -8.257  -8.093  1.00 67.15  ? 155 ARG A N   1 
ATOM   442  C CA  . ARG A 1 59 ? -11.169 -8.877  -8.307  1.00 65.71  ? 155 ARG A CA  1 
ATOM   443  C C   . ARG A 1 59 ? -11.571 -8.693  -9.763  1.00 69.32  ? 155 ARG A C   1 
ATOM   444  O O   . ARG A 1 59 ? -11.835 -9.662  -10.473 1.00 68.22  ? 155 ARG A O   1 
ATOM   445  C CB  . ARG A 1 59 ? -12.219 -8.258  -7.385  1.00 71.98  ? 155 ARG A CB  1 
ATOM   446  C CG  . ARG A 1 59 ? -13.654 -8.548  -7.795  1.00 101.35 ? 155 ARG A CG  1 
ATOM   447  C CD  . ARG A 1 59 ? -14.634 -8.126  -6.713  1.00 107.72 ? 155 ARG A CD  1 
ATOM   448  N NE  . ARG A 1 59 ? -14.460 -8.899  -5.486  1.00 109.36 ? 155 ARG A NE  1 
ATOM   449  C CZ  . ARG A 1 59 ? -14.446 -10.228 -5.436  1.00 112.77 ? 155 ARG A CZ  1 
ATOM   450  N NH1 . ARG A 1 59 ? -14.595 -10.936 -6.546  1.00 119.37 ? 155 ARG A NH1 1 
ATOM   451  N NH2 . ARG A 1 59 ? -14.283 -10.847 -4.275  1.00 105.11 ? 155 ARG A NH2 1 
ATOM   452  N N   . GLU A 1 60 ? -11.606 -7.439  -10.203 1.00 67.05  ? 156 GLU A N   1 
ATOM   453  C CA  . GLU A 1 60 ? -11.864 -7.132  -11.597 1.00 66.86  ? 156 GLU A CA  1 
ATOM   454  C C   . GLU A 1 60 ? -10.986 -7.904  -12.607 1.00 71.73  ? 156 GLU A C   1 
ATOM   455  O O   . GLU A 1 60 ? -11.464 -8.298  -13.685 1.00 71.57  ? 156 GLU A O   1 
ATOM   456  C CB  . GLU A 1 60 ? -11.743 -5.628  -11.853 1.00 66.14  ? 156 GLU A CB  1 
ATOM   457  C CG  . GLU A 1 60 ? -11.993 -5.285  -13.322 1.00 86.72  ? 156 GLU A CG  1 
ATOM   458  C CD  . GLU A 1 60 ? -11.912 -3.804  -13.624 1.00 99.55  ? 156 GLU A CD  1 
ATOM   459  O OE1 . GLU A 1 60 ? -11.220 -3.077  -12.874 1.00 99.59  ? 156 GLU A OE1 1 
ATOM   460  O OE2 . GLU A 1 60 ? -12.544 -3.372  -14.617 1.00 102.47 ? 156 GLU A OE2 1 
ATOM   461  N N   . LEU A 1 61 ? -9.712  -8.101  -12.267 1.00 66.01  ? 157 LEU A N   1 
ATOM   462  C CA  . LEU A 1 61 ? -8.778  -8.799  -13.144 1.00 68.42  ? 157 LEU A CA  1 
ATOM   463  C C   . LEU A 1 61 ? -9.123  -10.282 -13.254 1.00 65.01  ? 157 LEU A C   1 
ATOM   464  O O   . LEU A 1 61 ? -9.140  -10.824 -14.359 1.00 63.09  ? 157 LEU A O   1 
ATOM   465  C CB  . LEU A 1 61 ? -7.307  -8.622  -12.701 1.00 62.42  ? 157 LEU A CB  1 
ATOM   466  C CG  . LEU A 1 61 ? -6.601  -7.247  -12.717 1.00 69.50  ? 157 LEU A CG  1 
ATOM   467  C CD1 . LEU A 1 61 ? -5.202  -7.334  -12.090 1.00 73.75  ? 157 LEU A CD1 1 
ATOM   468  C CD2 . LEU A 1 61 ? -6.498  -6.629  -14.104 1.00 66.98  ? 157 LEU A CD2 1 
ATOM   469  N N   . ARG A 1 62 ? -9.374  -10.923 -12.110 1.00 62.83  ? 158 ARG A N   1 
ATOM   470  C CA  . ARG A 1 62 ? -9.799  -12.319 -12.064 1.00 64.79  ? 158 ARG A CA  1 
ATOM   471  C C   . ARG A 1 62 ? -11.104 -12.543 -12.817 1.00 73.86  ? 158 ARG A C   1 
ATOM   472  O O   . ARG A 1 62 ? -11.226 -13.521 -13.579 1.00 68.08  ? 158 ARG A O   1 
ATOM   473  C CB  . ARG A 1 62 ? -9.963  -12.817 -10.636 1.00 65.65  ? 158 ARG A CB  1 
ATOM   474  C CG  . ARG A 1 62 ? -8.658  -13.156 -9.954  1.00 76.89  ? 158 ARG A CG  1 
ATOM   475  C CD  . ARG A 1 62 ? -8.908  -13.850 -8.641  1.00 77.72  ? 158 ARG A CD  1 
ATOM   476  N NE  . ARG A 1 62 ? -8.008  -13.352 -7.606  1.00 98.73  ? 158 ARG A NE  1 
ATOM   477  C CZ  . ARG A 1 62 ? -6.721  -13.676 -7.523  1.00 100.63 ? 158 ARG A CZ  1 
ATOM   478  N NH1 . ARG A 1 62 ? -6.185  -14.499 -8.426  1.00 84.59  ? 158 ARG A NH1 1 
ATOM   479  N NH2 . ARG A 1 62 ? -5.970  -13.170 -6.543  1.00 88.27  ? 158 ARG A NH2 1 
ATOM   480  N N   . ARG A 1 63 ? -12.075 -11.654 -12.599 1.00 69.49  ? 159 ARG A N   1 
ATOM   481  C CA  . ARG A 1 63 ? -13.283 -11.668 -13.428 1.00 70.90  ? 159 ARG A CA  1 
ATOM   482  C C   . ARG A 1 63 ? -12.911 -11.703 -14.896 1.00 69.20  ? 159 ARG A C   1 
ATOM   483  O O   . ARG A 1 63 ? -13.409 -12.548 -15.626 1.00 79.68  ? 159 ARG A O   1 
ATOM   484  C CB  . ARG A 1 63 ? -14.206 -10.476 -13.158 1.00 71.82  ? 159 ARG A CB  1 
ATOM   485  C CG  . ARG A 1 63 ? -14.987 -10.590 -11.860 1.00 79.99  ? 159 ARG A CG  1 
ATOM   486  C CD  . ARG A 1 63 ? -15.204 -12.059 -11.426 1.00 74.78  ? 159 ARG A CD  1 
ATOM   487  N NE  . ARG A 1 63 ? -16.163 -12.132 -10.320 1.00 87.65  ? 159 ARG A NE  1 
ATOM   488  C CZ  . ARG A 1 63 ? -16.450 -13.225 -9.614  1.00 85.32  ? 159 ARG A CZ  1 
ATOM   489  N NH1 . ARG A 1 63 ? -15.845 -14.383 -9.884  1.00 83.52  ? 159 ARG A NH1 1 
ATOM   490  N NH2 . ARG A 1 63 ? -17.348 -13.147 -8.628  1.00 77.69  ? 159 ARG A NH2 1 
ATOM   491  N N   . GLN A 1 64 ? -12.026 -10.799 -15.321 1.00 67.47  ? 160 GLN A N   1 
ATOM   492  C CA  . GLN A 1 64 ? -11.559 -10.748 -16.709 1.00 67.21  ? 160 GLN A CA  1 
ATOM   493  C C   . GLN A 1 64 ? -10.898 -12.014 -17.204 1.00 72.45  ? 160 GLN A C   1 
ATOM   494  O O   . GLN A 1 64 ? -11.126 -12.418 -18.342 1.00 72.60  ? 160 GLN A O   1 
ATOM   495  C CB  . GLN A 1 64 ? -10.564 -9.633  -16.934 1.00 68.37  ? 160 GLN A CB  1 
ATOM   496  C CG  . GLN A 1 64 ? -11.150 -8.265  -16.890 1.00 79.09  ? 160 GLN A CG  1 
ATOM   497  C CD  . GLN A 1 64 ? -10.244 -7.290  -17.573 1.00 84.44  ? 160 GLN A CD  1 
ATOM   498  O OE1 . GLN A 1 64 ? -9.753  -7.571  -18.669 1.00 94.73  ? 160 GLN A OE1 1 
ATOM   499  N NE2 . GLN A 1 64 ? -9.979  -6.150  -16.928 1.00 78.55  ? 160 GLN A NE2 1 
ATOM   500  N N   . VAL A 1 65 ? -10.037 -12.605 -16.385 1.00 66.59  ? 161 VAL A N   1 
ATOM   501  C CA  . VAL A 1 65 ? -9.407  -13.862 -16.761 1.00 67.88  ? 161 VAL A CA  1 
ATOM   502  C C   . VAL A 1 65 ? -10.490 -14.919 -17.004 1.00 74.21  ? 161 VAL A C   1 
ATOM   503  O O   . VAL A 1 65 ? -10.465 -15.618 -18.025 1.00 74.70  ? 161 VAL A O   1 
ATOM   504  C CB  . VAL A 1 65 ? -8.419  -14.395 -15.699 1.00 68.97  ? 161 VAL A CB  1 
ATOM   505  C CG1 . VAL A 1 65 ? -8.087  -15.860 -16.000 1.00 66.77  ? 161 VAL A CG1 1 
ATOM   506  C CG2 . VAL A 1 65 ? -7.152  -13.560 -15.667 1.00 68.08  ? 161 VAL A CG2 1 
ATOM   507  N N   . ASP A 1 66 ? -11.430 -15.023 -16.060 1.00 73.18  ? 162 ASP A N   1 
ATOM   508  C CA  . ASP A 1 66 ? -12.548 -15.958 -16.139 1.00 74.45  ? 162 ASP A CA  1 
ATOM   509  C C   . ASP A 1 66 ? -13.331 -15.735 -17.437 1.00 79.86  ? 162 ASP A C   1 
ATOM   510  O O   . ASP A 1 66 ? -13.367 -16.610 -18.293 1.00 77.30  ? 162 ASP A O   1 
ATOM   511  C CB  . ASP A 1 66 ? -13.459 -15.809 -14.917 1.00 82.66  ? 162 ASP A CB  1 
ATOM   512  C CG  . ASP A 1 66 ? -14.608 -16.822 -14.901 1.00 97.66  ? 162 ASP A CG  1 
ATOM   513  O OD1 . ASP A 1 66 ? -14.337 -18.043 -14.830 1.00 114.39 ? 162 ASP A OD1 1 
ATOM   514  O OD2 . ASP A 1 66 ? -15.787 -16.403 -14.933 1.00 91.20  ? 162 ASP A OD2 1 
ATOM   515  N N   . GLN A 1 67 ? -13.921 -14.549 -17.578 1.00 76.88  ? 163 GLN A N   1 
ATOM   516  C CA  . GLN A 1 67 ? -14.574 -14.124 -18.813 1.00 78.23  ? 163 GLN A CA  1 
ATOM   517  C C   . GLN A 1 67 ? -13.832 -14.565 -20.082 1.00 75.96  ? 163 GLN A C   1 
ATOM   518  O O   . GLN A 1 67 ? -14.375 -15.334 -20.874 1.00 81.10  ? 163 GLN A O   1 
ATOM   519  C CB  . GLN A 1 67 ? -14.792 -12.603 -18.820 1.00 80.40  ? 163 GLN A CB  1 
ATOM   520  C CG  . GLN A 1 67 ? -15.576 -12.071 -20.024 1.00 85.82  ? 163 GLN A CG  1 
ATOM   521  C CD  . GLN A 1 67 ? -15.555 -10.563 -20.140 1.00 107.03 ? 163 GLN A CD  1 
ATOM   522  O OE1 . GLN A 1 67 ? -15.047 -9.859  -19.266 1.00 129.89 ? 163 GLN A OE1 1 
ATOM   523  N NE2 . GLN A 1 67 ? -16.110 -10.056 -21.224 1.00 110.61 ? 163 GLN A NE2 1 
ATOM   524  N N   . LEU A 1 68 ? -12.597 -14.098 -20.269 1.00 73.90  ? 164 LEU A N   1 
ATOM   525  C CA  . LEU A 1 68 ? -11.820 -14.426 -21.475 1.00 71.76  ? 164 LEU A CA  1 
ATOM   526  C C   . LEU A 1 68 ? -11.604 -15.926 -21.692 1.00 72.93  ? 164 LEU A C   1 
ATOM   527  O O   . LEU A 1 68 ? -11.691 -16.388 -22.820 1.00 74.57  ? 164 LEU A O   1 
ATOM   528  C CB  . LEU A 1 68 ? -10.473 -13.685 -21.519 1.00 71.25  ? 164 LEU A CB  1 
ATOM   529  C CG  . LEU A 1 68 ? -10.502 -12.182 -21.837 1.00 75.67  ? 164 LEU A CG  1 
ATOM   530  C CD1 . LEU A 1 68 ? -9.306  -11.425 -21.204 1.00 65.12  ? 164 LEU A CD1 1 
ATOM   531  C CD2 . LEU A 1 68 ? -10.587 -11.923 -23.336 1.00 60.26  ? 164 LEU A CD2 1 
ATOM   532  N N   . THR A 1 69 ? -11.339 -16.674 -20.618 1.00 73.62  ? 165 THR A N   1 
ATOM   533  C CA  . THR A 1 69 ? -11.103 -18.128 -20.700 1.00 73.25  ? 165 THR A CA  1 
ATOM   534  C C   . THR A 1 69 ? -12.323 -18.897 -21.273 1.00 78.25  ? 165 THR A C   1 
ATOM   535  O O   . THR A 1 69 ? -12.159 -19.894 -21.998 1.00 71.89  ? 165 THR A O   1 
ATOM   536  C CB  . THR A 1 69 ? -10.680 -18.742 -19.312 1.00 76.90  ? 165 THR A CB  1 
ATOM   537  O OG1 . THR A 1 69 ? -9.464  -18.138 -18.821 1.00 66.79  ? 165 THR A OG1 1 
ATOM   538  C CG2 . THR A 1 69 ? -10.471 -20.252 -19.436 1.00 73.07  ? 165 THR A CG2 1 
ATOM   539  N N   . ASN A 1 70 ? -13.526 -18.425 -20.927 1.00 76.03  ? 166 ASN A N   1 
ATOM   540  C CA  . ASN A 1 70 ? -14.785 -18.953 -21.449 1.00 81.53  ? 166 ASN A CA  1 
ATOM   541  C C   . ASN A 1 70 ? -15.073 -18.458 -22.865 1.00 80.02  ? 166 ASN A C   1 
ATOM   542  O O   . ASN A 1 70 ? -15.431 -19.237 -23.736 1.00 79.21  ? 166 ASN A O   1 
ATOM   543  C CB  . ASN A 1 70 ? -15.959 -18.602 -20.521 1.00 80.95  ? 166 ASN A CB  1 
ATOM   544  C CG  . ASN A 1 70 ? -15.769 -19.141 -19.112 1.00 93.13  ? 166 ASN A CG  1 
ATOM   545  O OD1 . ASN A 1 70 ? -14.932 -20.021 -18.886 1.00 92.15  ? 166 ASN A OD1 1 
ATOM   546  N ND2 . ASN A 1 70 ? -16.545 -18.615 -18.154 1.00 91.10  ? 166 ASN A ND2 1 
ATOM   547  N N   . ASP A 1 71 ? -14.921 -17.159 -23.083 1.00 79.05  ? 167 ASP A N   1 
ATOM   548  C CA  . ASP A 1 71 ? -15.075 -16.579 -24.402 1.00 79.07  ? 167 ASP A CA  1 
ATOM   549  C C   . ASP A 1 71 ? -14.203 -17.261 -25.457 1.00 79.43  ? 167 ASP A C   1 
ATOM   550  O O   . ASP A 1 71 ? -14.631 -17.459 -26.603 1.00 83.09  ? 167 ASP A O   1 
ATOM   551  C CB  . ASP A 1 71 ? -14.781 -15.083 -24.356 1.00 80.99  ? 167 ASP A CB  1 
ATOM   552  C CG  . ASP A 1 71 ? -16.037 -14.261 -24.272 1.00 92.43  ? 167 ASP A CG  1 
ATOM   553  O OD1 . ASP A 1 71 ? -17.026 -14.769 -23.707 1.00 92.54  ? 167 ASP A OD1 1 
ATOM   554  O OD2 . ASP A 1 71 ? -16.042 -13.121 -24.779 1.00 100.38 ? 167 ASP A OD2 1 
ATOM   555  N N   . LYS A 1 72 ? -12.987 -17.619 -25.059 1.00 71.93  ? 168 LYS A N   1 
ATOM   556  C CA  . LYS A 1 72 ? -12.041 -18.267 -25.950 1.00 75.01  ? 168 LYS A CA  1 
ATOM   557  C C   . LYS A 1 72 ? -12.419 -19.718 -26.190 1.00 79.10  ? 168 LYS A C   1 
ATOM   558  O O   . LYS A 1 72 ? -12.192 -20.239 -27.286 1.00 78.29  ? 168 LYS A O   1 
ATOM   559  C CB  . LYS A 1 72 ? -10.622 -18.200 -25.396 1.00 73.79  ? 168 LYS A CB  1 
ATOM   560  C CG  . LYS A 1 72 ? -9.545  -18.828 -26.287 1.00 74.58  ? 168 LYS A CG  1 
ATOM   561  C CD  . LYS A 1 72 ? -8.185  -18.871 -25.563 1.00 78.88  ? 168 LYS A CD  1 
ATOM   562  C CE  . LYS A 1 72 ? -7.675  -20.300 -25.401 1.00 86.66  ? 168 LYS A CE  1 
ATOM   563  N NZ  . LYS A 1 72 ? -6.504  -20.399 -24.475 1.00 75.22  ? 168 LYS A NZ  1 
ATOM   564  N N   . ALA A 1 73 ? -12.982 -20.381 -25.176 1.00 73.49  ? 169 ALA A N   1 
ATOM   565  C CA  . ALA A 1 73 ? -13.392 -21.775 -25.361 1.00 72.13  ? 169 ALA A CA  1 
ATOM   566  C C   . ALA A 1 73 ? -14.604 -21.903 -26.316 1.00 82.30  ? 169 ALA A C   1 
ATOM   567  O O   . ALA A 1 73 ? -14.665 -22.825 -27.150 1.00 75.27  ? 169 ALA A O   1 
ATOM   568  C CB  . ALA A 1 73 ? -13.654 -22.455 -24.045 1.00 59.36  ? 169 ALA A CB  1 
ATOM   569  N N   . ARG A 1 74 ? -15.550 -20.971 -26.195 1.00 80.76  ? 170 ARG A N   1 
ATOM   570  C CA  . ARG A 1 74 ? -16.662 -20.877 -27.135 1.00 79.68  ? 170 ARG A CA  1 
ATOM   571  C C   . ARG A 1 74 ? -16.173 -20.711 -28.562 1.00 76.74  ? 170 ARG A C   1 
ATOM   572  O O   . ARG A 1 74 ? -16.466 -21.530 -29.419 1.00 87.89  ? 170 ARG A O   1 
ATOM   573  C CB  . ARG A 1 74 ? -17.537 -19.671 -26.819 1.00 88.20  ? 170 ARG A CB  1 
ATOM   574  C CG  . ARG A 1 74 ? -18.548 -19.870 -25.710 1.00 101.06 ? 170 ARG A CG  1 
ATOM   575  C CD  . ARG A 1 74 ? -19.710 -18.876 -25.864 1.00 112.28 ? 170 ARG A CD  1 
ATOM   576  N NE  . ARG A 1 74 ? -19.266 -17.493 -26.076 1.00 113.61 ? 170 ARG A NE  1 
ATOM   577  C CZ  . ARG A 1 74 ? -19.176 -16.905 -27.267 1.00 110.07 ? 170 ARG A CZ  1 
ATOM   578  N NH1 . ARG A 1 74 ? -19.499 -17.581 -28.362 1.00 109.27 ? 170 ARG A NH1 1 
ATOM   579  N NH2 . ARG A 1 74 ? -18.765 -15.643 -27.368 1.00 101.05 ? 170 ARG A NH2 1 
ATOM   580  N N   . VAL A 1 75 ? -15.458 -19.618 -28.813 1.00 77.63  ? 171 VAL A N   1 
ATOM   581  C CA  . VAL A 1 75 ? -14.979 -19.281 -30.154 1.00 76.34  ? 171 VAL A CA  1 
ATOM   582  C C   . VAL A 1 75 ? -14.170 -20.432 -30.788 1.00 78.20  ? 171 VAL A C   1 
ATOM   583  O O   . VAL A 1 75 ? -14.267 -20.680 -32.001 1.00 76.80  ? 171 VAL A O   1 
ATOM   584  C CB  . VAL A 1 75 ? -14.214 -17.921 -30.179 1.00 70.44  ? 171 VAL A CB  1 
ATOM   585  C CG1 . VAL A 1 75 ? -13.045 -17.955 -29.232 1.00 70.96  ? 171 VAL A CG1 1 
ATOM   586  C CG2 . VAL A 1 75 ? -13.744 -17.575 -31.567 1.00 77.45  ? 171 VAL A CG2 1 
ATOM   587  N N   . GLU A 1 76 ? -13.415 -21.163 -29.968 1.00 71.62  ? 172 GLU A N   1 
ATOM   588  C CA  . GLU A 1 76 ? -12.787 -22.393 -30.443 1.00 76.82  ? 172 GLU A CA  1 
ATOM   589  C C   . GLU A 1 76 ? -13.840 -23.401 -30.925 1.00 76.65  ? 172 GLU A C   1 
ATOM   590  O O   . GLU A 1 76 ? -13.665 -24.050 -31.926 1.00 74.44  ? 172 GLU A O   1 
ATOM   591  C CB  . GLU A 1 76 ? -11.913 -23.021 -29.365 1.00 75.09  ? 172 GLU A CB  1 
ATOM   592  C CG  . GLU A 1 76 ? -10.512 -22.412 -29.280 1.00 87.24  ? 172 GLU A CG  1 
ATOM   593  C CD  . GLU A 1 76 ? -9.674  -23.009 -28.156 1.00 92.31  ? 172 GLU A CD  1 
ATOM   594  O OE1 . GLU A 1 76 ? -10.024 -24.104 -27.661 1.00 87.82  ? 172 GLU A OE1 1 
ATOM   595  O OE2 . GLU A 1 76 ? -8.664  -22.385 -27.764 1.00 101.87 ? 172 GLU A OE2 1 
ATOM   596  N N   . VAL A 1 77 ? -14.921 -23.526 -30.176 1.00 76.95  ? 173 VAL A N   1 
ATOM   597  C CA  . VAL A 1 77 ? -15.995 -24.428 -30.511 1.00 72.69  ? 173 VAL A CA  1 
ATOM   598  C C   . VAL A 1 77 ? -16.660 -23.981 -31.824 1.00 80.78  ? 173 VAL A C   1 
ATOM   599  O O   . VAL A 1 77 ? -16.794 -24.792 -32.755 1.00 77.48  ? 173 VAL A O   1 
ATOM   600  C CB  . VAL A 1 77 ? -17.018 -24.543 -29.336 1.00 78.62  ? 173 VAL A CB  1 
ATOM   601  C CG1 . VAL A 1 77 ? -18.425 -24.803 -29.845 1.00 80.94  ? 173 VAL A CG1 1 
ATOM   602  C CG2 . VAL A 1 77 ? -16.578 -25.606 -28.325 1.00 65.99  ? 173 VAL A CG2 1 
ATOM   603  N N   . GLU A 1 78 ? -17.043 -22.704 -31.935 1.00 75.32  ? 174 GLU A N   1 
ATOM   604  C CA  . GLU A 1 78 ? -17.606 -22.231 -33.209 1.00 73.90  ? 174 GLU A CA  1 
ATOM   605  C C   . GLU A 1 78 ? -16.688 -22.541 -34.385 1.00 72.48  ? 174 GLU A C   1 
ATOM   606  O O   . GLU A 1 78 ? -17.141 -23.014 -35.436 1.00 78.87  ? 174 GLU A O   1 
ATOM   607  C CB  . GLU A 1 78 ? -17.888 -20.738 -33.204 1.00 79.85  ? 174 GLU A CB  1 
ATOM   608  C CG  . GLU A 1 78 ? -18.911 -20.294 -32.193 1.00 88.57  ? 174 GLU A CG  1 
ATOM   609  C CD  . GLU A 1 78 ? -18.909 -18.788 -32.037 1.00 96.31  ? 174 GLU A CD  1 
ATOM   610  O OE1 . GLU A 1 78 ? -18.285 -18.109 -32.885 1.00 93.22  ? 174 GLU A OE1 1 
ATOM   611  O OE2 . GLU A 1 78 ? -19.519 -18.283 -31.072 1.00 93.27  ? 174 GLU A OE2 1 
ATOM   612  N N   . ARG A 1 79 ? -15.401 -22.258 -34.208 1.00 75.41  ? 175 ARG A N   1 
ATOM   613  C CA  . ARG A 1 79 ? -14.410 -22.507 -35.243 1.00 76.21  ? 175 ARG A CA  1 
ATOM   614  C C   . ARG A 1 79 ? -14.450 -23.956 -35.690 1.00 72.10  ? 175 ARG A C   1 
ATOM   615  O O   . ARG A 1 79 ? -14.385 -24.246 -36.887 1.00 63.97  ? 175 ARG A O   1 
ATOM   616  C CB  . ARG A 1 79 ? -12.994 -22.181 -34.757 1.00 73.28  ? 175 ARG A CB  1 
ATOM   617  C CG  . ARG A 1 79 ? -11.910 -22.801 -35.645 1.00 74.53  ? 175 ARG A CG  1 
ATOM   618  C CD  . ARG A 1 79 ? -10.522 -22.627 -35.082 1.00 85.69  ? 175 ARG A CD  1 
ATOM   619  N NE  . ARG A 1 79 ? -10.440 -23.072 -33.696 1.00 85.76  ? 175 ARG A NE  1 
ATOM   620  C CZ  . ARG A 1 79 ? -10.001 -24.264 -33.312 1.00 88.31  ? 175 ARG A CZ  1 
ATOM   621  N NH1 . ARG A 1 79 ? -9.586  -25.150 -34.212 1.00 92.16  ? 175 ARG A NH1 1 
ATOM   622  N NH2 . ARG A 1 79 ? -9.975  -24.564 -32.019 1.00 88.12  ? 175 ARG A NH2 1 
ATOM   623  N N   . ASP A 1 80 ? -14.529 -24.853 -34.712 1.00 69.42  ? 176 ASP A N   1 
ATOM   624  C CA  . ASP A 1 80 ? -14.545 -26.279 -34.993 1.00 76.52  ? 176 ASP A CA  1 
ATOM   625  C C   . ASP A 1 80 ? -15.818 -26.681 -35.743 1.00 72.77  ? 176 ASP A C   1 
ATOM   626  O O   . ASP A 1 80 ? -15.752 -27.300 -36.791 1.00 66.77  ? 176 ASP A O   1 
ATOM   627  C CB  . ASP A 1 80 ? -14.355 -27.064 -33.696 1.00 73.18  ? 176 ASP A CB  1 
ATOM   628  C CG  . ASP A 1 80 ? -12.964 -26.884 -33.126 1.00 82.84  ? 176 ASP A CG  1 
ATOM   629  O OD1 . ASP A 1 80 ? -11.999 -26.805 -33.918 1.00 81.89  ? 176 ASP A OD1 1 
ATOM   630  O OD2 . ASP A 1 80 ? -12.832 -26.792 -31.884 1.00 93.69  ? 176 ASP A OD2 1 
ATOM   631  N N   . ASN A 1 81 ? -16.959 -26.312 -35.178 1.00 74.51  ? 177 ASN A N   1 
ATOM   632  C CA  . ASN A 1 81 ? -18.231 -26.329 -35.868 1.00 70.86  ? 177 ASN A CA  1 
ATOM   633  C C   . ASN A 1 81 ? -18.181 -25.791 -37.284 1.00 74.57  ? 177 ASN A C   1 
ATOM   634  O O   . ASN A 1 81 ? -18.753 -26.406 -38.184 1.00 77.46  ? 177 ASN A O   1 
ATOM   635  C CB  . ASN A 1 81 ? -19.281 -25.531 -35.096 1.00 71.25  ? 177 ASN A CB  1 
ATOM   636  C CG  . ASN A 1 81 ? -19.817 -26.281 -33.903 1.00 79.06  ? 177 ASN A CG  1 
ATOM   637  O OD1 . ASN A 1 81 ? -19.384 -27.398 -33.613 1.00 74.68  ? 177 ASN A OD1 1 
ATOM   638  N ND2 . ASN A 1 81 ? -20.754 -25.660 -33.189 1.00 85.88  ? 177 ASN A ND2 1 
ATOM   639  N N   . LEU A 1 82 ? -17.549 -24.636 -37.501 1.00 72.17  ? 178 LEU A N   1 
ATOM   640  C CA  . LEU A 1 82 ? -17.513 -24.117 -38.876 1.00 71.11  ? 178 LEU A CA  1 
ATOM   641  C C   . LEU A 1 82 ? -16.668 -25.007 -39.770 1.00 71.74  ? 178 LEU A C   1 
ATOM   642  O O   . LEU A 1 82 ? -17.020 -25.234 -40.934 1.00 72.44  ? 178 LEU A O   1 
ATOM   643  C CB  . LEU A 1 82 ? -17.078 -22.653 -38.974 1.00 70.18  ? 178 LEU A CB  1 
ATOM   644  C CG  . LEU A 1 82 ? -18.176 -21.641 -38.601 1.00 77.28  ? 178 LEU A CG  1 
ATOM   645  C CD1 . LEU A 1 82 ? -17.606 -20.290 -38.175 1.00 70.85  ? 178 LEU A CD1 1 
ATOM   646  C CD2 . LEU A 1 82 ? -19.182 -21.468 -39.746 1.00 71.62  ? 178 LEU A CD2 1 
ATOM   647  N N   . ALA A 1 83 ? -15.572 -25.531 -39.222 1.00 67.25  ? 179 ALA A N   1 
ATOM   648  C CA  . ALA A 1 83 ? -14.763 -26.491 -39.956 1.00 67.14  ? 179 ALA A CA  1 
ATOM   649  C C   . ALA A 1 83 ? -15.608 -27.687 -40.455 1.00 77.59  ? 179 ALA A C   1 
ATOM   650  O O   . ALA A 1 83 ? -15.532 -28.085 -41.639 1.00 67.74  ? 179 ALA A O   1 
ATOM   651  C CB  . ALA A 1 83 ? -13.663 -26.987 -39.126 1.00 59.18  ? 179 ALA A CB  1 
ATOM   652  N N   . GLU A 1 84 ? -16.382 -28.261 -39.531 1.00 72.06  ? 180 GLU A N   1 
ATOM   653  C CA  . GLU A 1 84 ? -17.201 -29.419 -39.809 1.00 77.60  ? 180 GLU A CA  1 
ATOM   654  C C   . GLU A 1 84 ? -18.162 -29.090 -40.940 1.00 82.14  ? 180 GLU A C   1 
ATOM   655  O O   . GLU A 1 84 ? -18.100 -29.694 -42.010 1.00 78.90  ? 180 GLU A O   1 
ATOM   656  C CB  . GLU A 1 84 ? -17.964 -29.835 -38.550 1.00 83.39  ? 180 GLU A CB  1 
ATOM   657  C CG  . GLU A 1 84 ? -18.926 -30.995 -38.771 1.00 92.04  ? 180 GLU A CG  1 
ATOM   658  C CD  . GLU A 1 84 ? -19.528 -31.517 -37.477 1.00 107.60 ? 180 GLU A CD  1 
ATOM   659  O OE1 . GLU A 1 84 ? -19.067 -31.081 -36.387 1.00 100.99 ? 180 GLU A OE1 1 
ATOM   660  O OE2 . GLU A 1 84 ? -20.458 -32.363 -37.559 1.00 98.79  ? 180 GLU A OE2 1 
ATOM   661  N N   . ASP A 1 85 ? -19.030 -28.111 -40.700 1.00 80.23  ? 181 ASP A N   1 
ATOM   662  C CA  . ASP A 1 85 ? -20.016 -27.682 -41.687 1.00 80.77  ? 181 ASP A CA  1 
ATOM   663  C C   . ASP A 1 85 ? -19.469 -27.427 -43.095 1.00 80.59  ? 181 ASP A C   1 
ATOM   664  O O   . ASP A 1 85 ? -20.110 -27.786 -44.083 1.00 89.80  ? 181 ASP A O   1 
ATOM   665  C CB  . ASP A 1 85 ? -20.774 -26.451 -41.200 1.00 76.10  ? 181 ASP A CB  1 
ATOM   666  C CG  . ASP A 1 85 ? -21.611 -26.742 -39.969 1.00 85.33  ? 181 ASP A CG  1 
ATOM   667  O OD1 . ASP A 1 85 ? -21.676 -27.938 -39.594 1.00 88.66  ? 181 ASP A OD1 1 
ATOM   668  O OD2 . ASP A 1 85 ? -22.212 -25.796 -39.395 1.00 83.13  ? 181 ASP A OD2 1 
ATOM   669  N N   . ILE A 1 86 ? -18.313 -26.789 -43.188 1.00 75.73  ? 182 ILE A N   1 
ATOM   670  C CA  . ILE A 1 86 ? -17.688 -26.507 -44.469 1.00 83.06  ? 182 ILE A CA  1 
ATOM   671  C C   . ILE A 1 86 ? -17.247 -27.800 -45.168 1.00 89.31  ? 182 ILE A C   1 
ATOM   672  O O   . ILE A 1 86 ? -17.509 -28.003 -46.361 1.00 87.80  ? 182 ILE A O   1 
ATOM   673  C CB  . ILE A 1 86 ? -16.461 -25.607 -44.291 1.00 85.04  ? 182 ILE A CB  1 
ATOM   674  C CG1 . ILE A 1 86 ? -16.874 -24.137 -44.232 1.00 90.92  ? 182 ILE A CG1 1 
ATOM   675  C CG2 . ILE A 1 86 ? -15.480 -25.828 -45.412 1.00 87.37  ? 182 ILE A CG2 1 
ATOM   676  C CD1 . ILE A 1 86 ? -15.773 -23.212 -43.794 1.00 87.03  ? 182 ILE A CD1 1 
ATOM   677  N N   . MET A 1 87 ? -16.575 -28.670 -44.422 1.00 87.23  ? 183 MET A N   1 
ATOM   678  C CA  . MET A 1 87 ? -16.094 -29.926 -44.971 1.00 83.20  ? 183 MET A CA  1 
ATOM   679  C C   . MET A 1 87 ? -17.250 -30.736 -45.557 1.00 89.80  ? 183 MET A C   1 
ATOM   680  O O   . MET A 1 87 ? -17.193 -31.154 -46.715 1.00 98.36  ? 183 MET A O   1 
ATOM   681  C CB  . MET A 1 87 ? -15.345 -30.727 -43.908 1.00 81.90  ? 183 MET A CB  1 
ATOM   682  C CG  . MET A 1 87 ? -15.087 -32.163 -44.287 1.00 90.97  ? 183 MET A CG  1 
ATOM   683  S SD  . MET A 1 87 ? -14.432 -33.080 -42.897 1.00 103.48 ? 183 MET A SD  1 
ATOM   684  C CE  . MET A 1 87 ? -12.904 -32.184 -42.592 1.00 95.90  ? 183 MET A CE  1 
ATOM   685  N N   . ARG A 1 88 ? -18.306 -30.920 -44.773 1.00 87.02  ? 184 ARG A N   1 
ATOM   686  C CA  . ARG A 1 88 ? -19.482 -31.653 -45.231 1.00 83.34  ? 184 ARG A CA  1 
ATOM   687  C C   . ARG A 1 88 ? -20.281 -30.876 -46.280 1.00 90.03  ? 184 ARG A C   1 
ATOM   688  O O   . ARG A 1 88 ? -21.167 -31.432 -46.928 1.00 98.04  ? 184 ARG A O   1 
ATOM   689  C CB  . ARG A 1 88 ? -20.383 -32.010 -44.047 1.00 82.68  ? 184 ARG A CB  1 
ATOM   690  C CG  . ARG A 1 88 ? -21.809 -32.367 -44.436 1.00 91.92  ? 184 ARG A CG  1 
ATOM   691  C CD  . ARG A 1 88 ? -22.672 -32.609 -43.208 1.00 98.91  ? 184 ARG A CD  1 
ATOM   692  N NE  . ARG A 1 88 ? -23.675 -33.644 -43.440 1.00 122.37 ? 184 ARG A NE  1 
ATOM   693  C CZ  . ARG A 1 88 ? -24.086 -34.507 -42.517 1.00 132.92 ? 184 ARG A CZ  1 
ATOM   694  N NH1 . ARG A 1 88 ? -23.579 -34.462 -41.293 1.00 133.35 ? 184 ARG A NH1 1 
ATOM   695  N NH2 . ARG A 1 88 ? -25.004 -35.416 -42.817 1.00 123.03 ? 184 ARG A NH2 1 
ATOM   696  N N   . LEU A 1 89 ? -19.965 -29.595 -46.443 1.00 87.36  ? 185 LEU A N   1 
ATOM   697  C CA  . LEU A 1 89 ? -20.669 -28.745 -47.410 1.00 90.07  ? 185 LEU A CA  1 
ATOM   698  C C   . LEU A 1 89 ? -19.986 -28.870 -48.768 1.00 98.32  ? 185 LEU A C   1 
ATOM   699  O O   . LEU A 1 89 ? -20.627 -28.773 -49.819 1.00 102.05 ? 185 LEU A O   1 
ATOM   700  C CB  . LEU A 1 89 ? -20.725 -27.281 -46.950 1.00 97.04  ? 185 LEU A CB  1 
ATOM   701  C CG  . LEU A 1 89 ? -21.376 -26.228 -47.861 1.00 100.72 ? 185 LEU A CG  1 
ATOM   702  C CD1 . LEU A 1 89 ? -22.674 -26.736 -48.491 1.00 90.51  ? 185 LEU A CD1 1 
ATOM   703  C CD2 . LEU A 1 89 ? -21.615 -24.916 -47.097 1.00 98.04  ? 185 LEU A CD2 1 
ATOM   704  N N   . ARG A 1 90 ? -18.679 -29.098 -48.731 1.00 95.43  ? 186 ARG A N   1 
ATOM   705  C CA  . ARG A 1 90 ? -17.938 -29.478 -49.917 1.00 101.64 ? 186 ARG A CA  1 
ATOM   706  C C   . ARG A 1 90 ? -18.313 -30.885 -50.356 1.00 102.18 ? 186 ARG A C   1 
ATOM   707  O O   . ARG A 1 90 ? -18.242 -31.207 -51.542 1.00 97.53  ? 186 ARG A O   1 
ATOM   708  C CB  . ARG A 1 90 ? -16.441 -29.380 -49.657 1.00 97.03  ? 186 ARG A CB  1 
ATOM   709  C CG  . ARG A 1 90 ? -15.983 -27.946 -49.563 1.00 93.05  ? 186 ARG A CG  1 
ATOM   710  C CD  . ARG A 1 90 ? -14.506 -27.781 -49.905 1.00 99.64  ? 186 ARG A CD  1 
ATOM   711  N NE  . ARG A 1 90 ? -14.140 -26.364 -49.958 1.00 108.30 ? 186 ARG A NE  1 
ATOM   712  C CZ  . ARG A 1 90 ? -13.721 -25.658 -48.911 1.00 107.45 ? 186 ARG A CZ  1 
ATOM   713  N NH1 . ARG A 1 90 ? -13.603 -26.240 -47.720 1.00 102.04 ? 186 ARG A NH1 1 
ATOM   714  N NH2 . ARG A 1 90 ? -13.414 -24.372 -49.053 1.00 105.54 ? 186 ARG A NH2 1 
ATOM   715  N N   . GLU A 1 91 ? -18.722 -31.707 -49.390 1.00 101.46 ? 187 GLU A N   1 
ATOM   716  C CA  . GLU A 1 91 ? -19.178 -33.069 -49.654 1.00 104.80 ? 187 GLU A CA  1 
ATOM   717  C C   . GLU A 1 91 ? -20.395 -33.089 -50.596 1.00 106.10 ? 187 GLU A C   1 
ATOM   718  O O   . GLU A 1 91 ? -20.482 -33.932 -51.488 1.00 100.65 ? 187 GLU A O   1 
ATOM   719  C CB  . GLU A 1 91 ? -19.518 -33.785 -48.338 1.00 103.81 ? 187 GLU A CB  1 
ATOM   720  C CG  . GLU A 1 91 ? -18.329 -34.034 -47.400 1.00 104.70 ? 187 GLU A CG  1 
ATOM   721  C CD  . GLU A 1 91 ? -17.363 -35.103 -47.911 1.00 115.41 ? 187 GLU A CD  1 
ATOM   722  O OE1 . GLU A 1 91 ? -17.465 -35.491 -49.100 1.00 120.96 ? 187 GLU A OE1 1 
ATOM   723  O OE2 . GLU A 1 91 ? -16.503 -35.559 -47.117 1.00 111.56 ? 187 GLU A OE2 1 
ATOM   724  N N   . LYS A 1 92 ? -21.331 -32.163 -50.397 1.00 102.48 ? 188 LYS A N   1 
ATOM   725  C CA  . LYS A 1 92 ? -22.545 -32.122 -51.211 1.00 103.33 ? 188 LYS A CA  1 
ATOM   726  C C   . LYS A 1 92 ? -22.305 -31.545 -52.614 1.00 108.65 ? 188 LYS A C   1 
ATOM   727  O O   . LYS A 1 92 ? -22.735 -32.119 -53.617 1.00 115.60 ? 188 LYS A O   1 
ATOM   728  C CB  . LYS A 1 92 ? -23.672 -31.345 -50.510 1.00 87.03  ? 188 LYS A CB  1 
ATOM   729  C CG  . LYS A 1 92 ? -24.255 -32.008 -49.241 1.00 86.69  ? 188 LYS A CG  1 
ATOM   730  C CD  . LYS A 1 92 ? -25.122 -30.997 -48.439 1.00 80.80  ? 188 LYS A CD  1 
ATOM   731  C CE  . LYS A 1 92 ? -25.697 -31.573 -47.138 1.00 94.32  ? 188 LYS A CE  1 
ATOM   732  N NZ  . LYS A 1 92 ? -26.913 -32.406 -47.339 1.00 91.56  ? 188 LYS A NZ  1 
ATOM   733  N N   . LEU A 1 93 ? -21.627 -30.411 -52.699 1.00 105.36 ? 189 LEU A N   1 
ATOM   734  C CA  . LEU A 1 93 ? -21.562 -29.720 -53.985 1.00 113.66 ? 189 LEU A CA  1 
ATOM   735  C C   . LEU A 1 93 ? -20.296 -30.024 -54.788 1.00 113.29 ? 189 LEU A C   1 
ATOM   736  O O   . LEU A 1 93 ? -20.373 -30.467 -55.934 1.00 107.61 ? 189 LEU A O   1 
ATOM   737  C CB  . LEU A 1 93 ? -21.785 -28.207 -53.809 1.00 115.44 ? 189 LEU A CB  1 
ATOM   738  C CG  . LEU A 1 93 ? -20.846 -27.354 -52.967 1.00 103.47 ? 189 LEU A CG  1 
ATOM   739  C CD1 . LEU A 1 93 ? -19.673 -26.949 -53.804 1.00 104.06 ? 189 LEU A CD1 1 
ATOM   740  C CD2 . LEU A 1 93 ? -21.584 -26.121 -52.468 1.00 102.84 ? 189 LEU A CD2 1 
ATOM   741  N N   . THR B 1 3  ? 29.527  13.939  62.262  1.00 130.06 ? 99  THR B N   1 
ATOM   742  C CA  . THR B 1 3  ? 29.754  15.317  61.845  1.00 127.60 ? 99  THR B CA  1 
ATOM   743  C C   . THR B 1 3  ? 29.385  15.518  60.377  1.00 126.76 ? 99  THR B C   1 
ATOM   744  O O   . THR B 1 3  ? 29.042  14.566  59.667  1.00 116.32 ? 99  THR B O   1 
ATOM   745  C CB  . THR B 1 3  ? 31.217  15.762  62.091  1.00 131.26 ? 99  THR B CB  1 
ATOM   746  O OG1 . THR B 1 3  ? 32.114  14.892  61.388  1.00 125.78 ? 99  THR B OG1 1 
ATOM   747  C CG2 . THR B 1 3  ? 31.548  15.740  63.593  1.00 116.69 ? 99  THR B CG2 1 
ATOM   748  N N   . ARG B 1 4  ? 29.447  16.770  59.933  1.00 130.37 ? 100 ARG B N   1 
ATOM   749  C CA  . ARG B 1 4  ? 29.070  17.131  58.569  1.00 118.10 ? 100 ARG B CA  1 
ATOM   750  C C   . ARG B 1 4  ? 30.234  16.951  57.605  1.00 107.72 ? 100 ARG B C   1 
ATOM   751  O O   . ARG B 1 4  ? 30.209  17.460  56.489  1.00 100.58 ? 100 ARG B O   1 
ATOM   752  C CB  . ARG B 1 4  ? 28.564  18.574  58.502  1.00 118.47 ? 100 ARG B CB  1 
ATOM   753  C CG  . ARG B 1 4  ? 29.513  19.637  59.054  1.00 124.69 ? 100 ARG B CG  1 
ATOM   754  C CD  . ARG B 1 4  ? 28.834  21.011  59.035  1.00 123.63 ? 100 ARG B CD  1 
ATOM   755  N NE  . ARG B 1 4  ? 29.655  22.098  59.575  1.00 127.24 ? 100 ARG B NE  1 
ATOM   756  C CZ  . ARG B 1 4  ? 30.550  22.794  58.870  1.00 114.44 ? 100 ARG B CZ  1 
ATOM   757  N NH1 . ARG B 1 4  ? 31.236  23.782  59.454  1.00 98.78  ? 100 ARG B NH1 1 
ATOM   758  N NH2 . ARG B 1 4  ? 30.771  22.494  57.588  1.00 96.11  ? 100 ARG B NH2 1 
ATOM   759  N N   . THR B 1 5  ? 31.258  16.226  58.037  1.00 106.87 ? 101 THR B N   1 
ATOM   760  C CA  . THR B 1 5  ? 32.370  15.886  57.161  1.00 102.58 ? 101 THR B CA  1 
ATOM   761  C C   . THR B 1 5  ? 31.981  14.647  56.348  1.00 101.65 ? 101 THR B C   1 
ATOM   762  O O   . THR B 1 5  ? 32.369  14.504  55.180  1.00 86.60  ? 101 THR B O   1 
ATOM   763  C CB  . THR B 1 5  ? 33.623  15.580  57.971  1.00 106.73 ? 101 THR B CB  1 
ATOM   764  O OG1 . THR B 1 5  ? 33.407  14.373  58.713  1.00 110.35 ? 101 THR B OG1 1 
ATOM   765  C CG2 . THR B 1 5  ? 33.940  16.738  58.940  1.00 117.66 ? 101 THR B CG2 1 
ATOM   766  N N   . ASN B 1 6  ? 31.218  13.751  56.982  1.00 103.31 ? 102 ASN B N   1 
ATOM   767  C CA  . ASN B 1 6  ? 30.591  12.641  56.284  1.00 92.33  ? 102 ASN B CA  1 
ATOM   768  C C   . ASN B 1 6  ? 29.841  13.245  55.124  1.00 87.61  ? 102 ASN B C   1 
ATOM   769  O O   . ASN B 1 6  ? 30.192  13.027  53.970  1.00 87.71  ? 102 ASN B O   1 
ATOM   770  C CB  . ASN B 1 6  ? 29.605  11.905  57.196  1.00 99.68  ? 102 ASN B CB  1 
ATOM   771  C CG  . ASN B 1 6  ? 30.268  11.356  58.453  1.00 118.94 ? 102 ASN B CG  1 
ATOM   772  O OD1 . ASN B 1 6  ? 31.322  10.719  58.380  1.00 124.84 ? 102 ASN B OD1 1 
ATOM   773  N ND2 . ASN B 1 6  ? 29.659  11.611  59.616  1.00 112.71 ? 102 ASN B ND2 1 
ATOM   774  N N   . GLU B 1 7  ? 28.824  14.038  55.446  1.00 79.74  ? 103 GLU B N   1 
ATOM   775  C CA  . GLU B 1 7  ? 28.037  14.740  54.442  1.00 78.66  ? 103 GLU B CA  1 
ATOM   776  C C   . GLU B 1 7  ? 28.890  15.170  53.254  1.00 79.59  ? 103 GLU B C   1 
ATOM   777  O O   . GLU B 1 7  ? 28.648  14.742  52.125  1.00 74.50  ? 103 GLU B O   1 
ATOM   778  C CB  . GLU B 1 7  ? 27.346  15.957  55.060  1.00 74.87  ? 103 GLU B CB  1 
ATOM   779  C CG  . GLU B 1 7  ? 26.352  16.642  54.136  1.00 68.40  ? 103 GLU B CG  1 
ATOM   780  C CD  . GLU B 1 7  ? 24.918  16.236  54.420  1.00 94.67  ? 103 GLU B CD  1 
ATOM   781  O OE1 . GLU B 1 7  ? 24.598  15.960  55.595  1.00 97.87  ? 103 GLU B OE1 1 
ATOM   782  O OE2 . GLU B 1 7  ? 24.113  16.191  53.466  1.00 85.07  ? 103 GLU B OE2 1 
ATOM   783  N N   . LYS B 1 8  ? 29.885  16.018  53.502  1.00 73.66  ? 104 LYS B N   1 
ATOM   784  C CA  . LYS B 1 8  ? 30.728  16.505  52.409  1.00 75.15  ? 104 LYS B CA  1 
ATOM   785  C C   . LYS B 1 8  ? 31.280  15.396  51.502  1.00 76.54  ? 104 LYS B C   1 
ATOM   786  O O   . LYS B 1 8  ? 31.276  15.541  50.283  1.00 74.55  ? 104 LYS B O   1 
ATOM   787  C CB  . LYS B 1 8  ? 31.870  17.339  52.939  1.00 76.29  ? 104 LYS B CB  1 
ATOM   788  C CG  . LYS B 1 8  ? 31.439  18.699  53.439  1.00 83.78  ? 104 LYS B CG  1 
ATOM   789  C CD  . LYS B 1 8  ? 32.466  19.240  54.419  1.00 79.97  ? 104 LYS B CD  1 
ATOM   790  C CE  . LYS B 1 8  ? 33.858  19.182  53.839  1.00 76.55  ? 104 LYS B CE  1 
ATOM   791  N NZ  . LYS B 1 8  ? 34.863  19.195  54.935  1.00 83.08  ? 104 LYS B NZ  1 
ATOM   792  N N   . VAL B 1 9  ? 31.760  14.308  52.103  1.00 73.06  ? 105 VAL B N   1 
ATOM   793  C CA  . VAL B 1 9  ? 32.220  13.129  51.364  1.00 74.65  ? 105 VAL B CA  1 
ATOM   794  C C   . VAL B 1 9  ? 31.139  12.481  50.479  1.00 75.19  ? 105 VAL B C   1 
ATOM   795  O O   . VAL B 1 9  ? 31.275  12.453  49.251  1.00 64.81  ? 105 VAL B O   1 
ATOM   796  C CB  . VAL B 1 9  ? 32.734  12.033  52.310  1.00 77.13  ? 105 VAL B CB  1 
ATOM   797  C CG1 . VAL B 1 9  ? 32.741  10.658  51.578  1.00 65.25  ? 105 VAL B CG1 1 
ATOM   798  C CG2 . VAL B 1 9  ? 34.102  12.410  52.876  1.00 70.00  ? 105 VAL B CG2 1 
ATOM   799  N N   . GLU B 1 10 ? 30.096  11.943  51.122  1.00 72.49  ? 106 GLU B N   1 
ATOM   800  C CA  . GLU B 1 10 ? 28.981  11.305  50.436  1.00 75.06  ? 106 GLU B CA  1 
ATOM   801  C C   . GLU B 1 10 ? 28.451  12.166  49.283  1.00 73.08  ? 106 GLU B C   1 
ATOM   802  O O   . GLU B 1 10 ? 28.363  11.695  48.144  1.00 72.57  ? 106 GLU B O   1 
ATOM   803  C CB  . GLU B 1 10 ? 27.875  10.932  51.433  1.00 73.33  ? 106 GLU B CB  1 
ATOM   804  C CG  . GLU B 1 10 ? 28.351  9.935   52.501  1.00 81.00  ? 106 GLU B CG  1 
ATOM   805  C CD  . GLU B 1 10 ? 28.588  8.528   51.954  1.00 83.23  ? 106 GLU B CD  1 
ATOM   806  O OE1 . GLU B 1 10 ? 27.722  8.045   51.213  1.00 86.37  ? 106 GLU B OE1 1 
ATOM   807  O OE2 . GLU B 1 10 ? 29.633  7.904   52.249  1.00 82.36  ? 106 GLU B OE2 1 
ATOM   808  N N   . LEU B 1 11 ? 28.122  13.420  49.580  1.00 70.03  ? 107 LEU B N   1 
ATOM   809  C CA  . LEU B 1 11 ? 27.704  14.376  48.555  1.00 65.76  ? 107 LEU B CA  1 
ATOM   810  C C   . LEU B 1 11 ? 28.648  14.448  47.326  1.00 69.28  ? 107 LEU B C   1 
ATOM   811  O O   . LEU B 1 11 ? 28.168  14.533  46.175  1.00 62.14  ? 107 LEU B O   1 
ATOM   812  C CB  . LEU B 1 11 ? 27.557  15.792  49.136  1.00 61.85  ? 107 LEU B CB  1 
ATOM   813  C CG  . LEU B 1 11 ? 26.356  16.106  50.025  1.00 67.94  ? 107 LEU B CG  1 
ATOM   814  C CD1 . LEU B 1 11 ? 26.351  17.602  50.449  1.00 76.50  ? 107 LEU B CD1 1 
ATOM   815  C CD2 . LEU B 1 11 ? 25.051  15.744  49.403  1.00 61.59  ? 107 LEU B CD2 1 
ATOM   816  N N   . GLN B 1 12 ? 29.957  14.474  47.546  1.00 68.57  ? 108 GLN B N   1 
ATOM   817  C CA  . GLN B 1 12 ? 30.898  14.608  46.436  1.00 70.16  ? 108 GLN B CA  1 
ATOM   818  C C   . GLN B 1 12 ? 30.863  13.353  45.573  1.00 70.08  ? 108 GLN B C   1 
ATOM   819  O O   . GLN B 1 12 ? 30.883  13.414  44.343  1.00 72.95  ? 108 GLN B O   1 
ATOM   820  C CB  . GLN B 1 12 ? 32.315  14.844  46.960  1.00 69.09  ? 108 GLN B CB  1 
ATOM   821  C CG  . GLN B 1 12 ? 33.389  14.805  45.885  1.00 74.87  ? 108 GLN B CG  1 
ATOM   822  C CD  . GLN B 1 12 ? 34.578  15.684  46.218  1.00 101.30 ? 108 GLN B CD  1 
ATOM   823  O OE1 . GLN B 1 12 ? 34.748  16.112  47.360  1.00 95.40  ? 108 GLN B OE1 1 
ATOM   824  N NE2 . GLN B 1 12 ? 35.410  15.957  45.220  1.00 102.57 ? 108 GLN B NE2 1 
ATOM   825  N N   . GLU B 1 13 ? 30.808  12.218  46.253  1.00 66.62  ? 109 GLU B N   1 
ATOM   826  C CA  . GLU B 1 13 ? 30.745  10.924  45.648  1.00 70.49  ? 109 GLU B CA  1 
ATOM   827  C C   . GLU B 1 13 ? 29.486  10.876  44.793  1.00 71.96  ? 109 GLU B C   1 
ATOM   828  O O   . GLU B 1 13 ? 29.526  10.543  43.612  1.00 73.11  ? 109 GLU B O   1 
ATOM   829  C CB  . GLU B 1 13 ? 30.663  9.856   46.744  1.00 71.13  ? 109 GLU B CB  1 
ATOM   830  C CG  . GLU B 1 13 ? 31.989  9.475   47.353  1.00 74.84  ? 109 GLU B CG  1 
ATOM   831  C CD  . GLU B 1 13 ? 31.927  8.151   48.104  1.00 83.26  ? 109 GLU B CD  1 
ATOM   832  O OE1 . GLU B 1 13 ? 30.853  7.501   48.103  1.00 82.81  ? 109 GLU B OE1 1 
ATOM   833  O OE2 . GLU B 1 13 ? 32.964  7.758   48.685  1.00 81.93  ? 109 GLU B OE2 1 
ATOM   834  N N   . LEU B 1 14 ? 28.378  11.237  45.422  1.00 71.06  ? 110 LEU B N   1 
ATOM   835  C CA  . LEU B 1 14 ? 27.055  11.158  44.840  1.00 68.06  ? 110 LEU B CA  1 
ATOM   836  C C   . LEU B 1 14 ? 26.918  12.069  43.625  1.00 72.39  ? 110 LEU B C   1 
ATOM   837  O O   . LEU B 1 14 ? 26.303  11.683  42.617  1.00 67.88  ? 110 LEU B O   1 
ATOM   838  C CB  . LEU B 1 14 ? 26.012  11.546  45.886  1.00 68.61  ? 110 LEU B CB  1 
ATOM   839  C CG  . LEU B 1 14 ? 24.576  11.336  45.447  1.00 74.66  ? 110 LEU B CG  1 
ATOM   840  C CD1 . LEU B 1 14 ? 24.476  9.985   44.785  1.00 68.08  ? 110 LEU B CD1 1 
ATOM   841  C CD2 . LEU B 1 14 ? 23.611  11.435  46.609  1.00 62.92  ? 110 LEU B CD2 1 
ATOM   842  N N   . ASN B 1 15 ? 27.475  13.278  43.702  1.00 67.48  ? 111 ASN B N   1 
ATOM   843  C CA  . ASN B 1 15 ? 27.348  14.181  42.559  1.00 67.31  ? 111 ASN B CA  1 
ATOM   844  C C   . ASN B 1 15 ? 28.128  13.636  41.372  1.00 75.05  ? 111 ASN B C   1 
ATOM   845  O O   . ASN B 1 15 ? 27.673  13.722  40.225  1.00 66.80  ? 111 ASN B O   1 
ATOM   846  C CB  . ASN B 1 15 ? 27.779  15.602  42.878  1.00 69.84  ? 111 ASN B CB  1 
ATOM   847  C CG  . ASN B 1 15 ? 26.911  16.260  43.953  1.00 76.64  ? 111 ASN B CG  1 
ATOM   848  O OD1 . ASN B 1 15 ? 25.703  16.018  44.069  1.00 69.19  ? 111 ASN B OD1 1 
ATOM   849  N ND2 . ASN B 1 15 ? 27.540  17.103  44.742  1.00 71.12  ? 111 ASN B ND2 1 
ATOM   850  N N   . ASP B 1 16 ? 29.292  13.056  41.652  1.00 72.76  ? 112 ASP B N   1 
ATOM   851  C CA  . ASP B 1 16 ? 30.044  12.370  40.609  1.00 70.62  ? 112 ASP B CA  1 
ATOM   852  C C   . ASP B 1 16 ? 29.249  11.194  40.046  1.00 70.28  ? 112 ASP B C   1 
ATOM   853  O O   . ASP B 1 16 ? 29.331  10.885  38.847  1.00 73.83  ? 112 ASP B O   1 
ATOM   854  C CB  . ASP B 1 16 ? 31.395  11.884  41.124  1.00 68.48  ? 112 ASP B CB  1 
ATOM   855  C CG  . ASP B 1 16 ? 32.370  13.018  41.381  1.00 75.65  ? 112 ASP B CG  1 
ATOM   856  O OD1 . ASP B 1 16 ? 32.218  14.108  40.779  1.00 72.25  ? 112 ASP B OD1 1 
ATOM   857  O OD2 . ASP B 1 16 ? 33.297  12.813  42.199  1.00 88.02  ? 112 ASP B OD2 1 
ATOM   858  N N   . ARG B 1 17 ? 28.473  10.531  40.894  1.00 66.45  ? 113 ARG B N   1 
ATOM   859  C CA  . ARG B 1 17 ? 27.646  9.448   40.392  1.00 70.38  ? 113 ARG B CA  1 
ATOM   860  C C   . ARG B 1 17 ? 26.549  9.940   39.447  1.00 69.52  ? 113 ARG B C   1 
ATOM   861  O O   . ARG B 1 17 ? 26.339  9.363   38.386  1.00 68.36  ? 113 ARG B O   1 
ATOM   862  C CB  . ARG B 1 17 ? 27.090  8.596   41.529  1.00 68.76  ? 113 ARG B CB  1 
ATOM   863  C CG  . ARG B 1 17 ? 28.138  7.644   42.059  1.00 67.11  ? 113 ARG B CG  1 
ATOM   864  C CD  . ARG B 1 17 ? 27.516  6.524   42.873  1.00 71.56  ? 113 ARG B CD  1 
ATOM   865  N NE  . ARG B 1 17 ? 28.263  6.354   44.116  1.00 86.90  ? 113 ARG B NE  1 
ATOM   866  C CZ  . ARG B 1 17 ? 29.168  5.409   44.324  1.00 85.94  ? 113 ARG B CZ  1 
ATOM   867  N NH1 . ARG B 1 17 ? 29.422  4.518   43.369  1.00 99.35  ? 113 ARG B NH1 1 
ATOM   868  N NH2 . ARG B 1 17 ? 29.803  5.348   45.487  1.00 73.12  ? 113 ARG B NH2 1 
ATOM   869  N N   . PHE B 1 18 ? 25.865  11.014  39.831  1.00 69.93  ? 114 PHE B N   1 
ATOM   870  C CA  . PHE B 1 18 ? 24.869  11.625  38.954  1.00 70.65  ? 114 PHE B CA  1 
ATOM   871  C C   . PHE B 1 18 ? 25.468  11.989  37.607  1.00 70.39  ? 114 PHE B C   1 
ATOM   872  O O   . PHE B 1 18 ? 24.912  11.687  36.534  1.00 68.30  ? 114 PHE B O   1 
ATOM   873  C CB  . PHE B 1 18 ? 24.338  12.903  39.578  1.00 61.10  ? 114 PHE B CB  1 
ATOM   874  C CG  . PHE B 1 18 ? 23.472  12.678  40.777  1.00 69.75  ? 114 PHE B CG  1 
ATOM   875  C CD1 . PHE B 1 18 ? 22.623  11.582  40.843  1.00 68.27  ? 114 PHE B CD1 1 
ATOM   876  C CD2 . PHE B 1 18 ? 23.493  13.573  41.842  1.00 66.44  ? 114 PHE B CD2 1 
ATOM   877  C CE1 . PHE B 1 18 ? 21.807  11.376  41.955  1.00 76.73  ? 114 PHE B CE1 1 
ATOM   878  C CE2 . PHE B 1 18 ? 22.681  13.380  42.950  1.00 63.47  ? 114 PHE B CE2 1 
ATOM   879  C CZ  . PHE B 1 18 ? 21.837  12.282  43.014  1.00 65.56  ? 114 PHE B CZ  1 
ATOM   880  N N   . ALA B 1 19 ? 26.601  12.673  37.690  1.00 63.24  ? 115 ALA B N   1 
ATOM   881  C CA  . ALA B 1 19 ? 27.320  13.155  36.531  1.00 66.09  ? 115 ALA B CA  1 
ATOM   882  C C   . ALA B 1 19 ? 27.604  12.002  35.576  1.00 65.96  ? 115 ALA B C   1 
ATOM   883  O O   . ALA B 1 19 ? 27.465  12.150  34.372  1.00 59.51  ? 115 ALA B O   1 
ATOM   884  C CB  . ALA B 1 19 ? 28.610  13.811  36.972  1.00 68.21  ? 115 ALA B CB  1 
ATOM   885  N N   . ASN B 1 20 ? 27.991  10.865  36.151  1.00 65.81  ? 116 ASN B N   1 
ATOM   886  C CA  . ASN B 1 20 ? 28.234  9.624   35.428  1.00 64.25  ? 116 ASN B CA  1 
ATOM   887  C C   . ASN B 1 20 ? 26.972  9.068   34.744  1.00 69.55  ? 116 ASN B C   1 
ATOM   888  O O   . ASN B 1 20 ? 26.955  8.815   33.512  1.00 68.19  ? 116 ASN B O   1 
ATOM   889  C CB  . ASN B 1 20 ? 28.778  8.592   36.413  1.00 66.46  ? 116 ASN B CB  1 
ATOM   890  C CG  . ASN B 1 20 ? 29.199  7.309   35.744  1.00 72.27  ? 116 ASN B CG  1 
ATOM   891  O OD1 . ASN B 1 20 ? 28.385  6.419   35.506  1.00 76.20  ? 116 ASN B OD1 1 
ATOM   892  N ND2 . ASN B 1 20 ? 30.490  7.191   35.464  1.00 67.46  ? 116 ASN B ND2 1 
ATOM   893  N N   . LEU B 1 21 ? 25.919  8.863   35.539  1.00 66.38  ? 117 LEU B N   1 
ATOM   894  C CA  . LEU B 1 21 ? 24.657  8.386   34.975  1.00 67.90  ? 117 LEU B CA  1 
ATOM   895  C C   . LEU B 1 21 ? 24.231  9.277   33.815  1.00 64.83  ? 117 LEU B C   1 
ATOM   896  O O   . LEU B 1 21 ? 24.031  8.808   32.712  1.00 66.22  ? 117 LEU B O   1 
ATOM   897  C CB  . LEU B 1 21 ? 23.559  8.343   36.025  1.00 64.69  ? 117 LEU B CB  1 
ATOM   898  C CG  . LEU B 1 21 ? 23.720  7.294   37.107  1.00 73.96  ? 117 LEU B CG  1 
ATOM   899  C CD1 . LEU B 1 21 ? 22.761  7.582   38.218  1.00 75.18  ? 117 LEU B CD1 1 
ATOM   900  C CD2 . LEU B 1 21 ? 23.443  5.949   36.518  1.00 73.62  ? 117 LEU B CD2 1 
ATOM   901  N N   . ILE B 1 22 ? 24.126  10.574  34.079  1.00 66.39  ? 118 ILE B N   1 
ATOM   902  C CA  . ILE B 1 22 ? 23.906  11.578  33.039  1.00 59.53  ? 118 ILE B CA  1 
ATOM   903  C C   . ILE B 1 22 ? 24.659  11.259  31.728  1.00 66.14  ? 118 ILE B C   1 
ATOM   904  O O   . ILE B 1 22 ? 24.028  11.097  30.648  1.00 64.48  ? 118 ILE B O   1 
ATOM   905  C CB  . ILE B 1 22 ? 24.284  12.993  33.561  1.00 63.41  ? 118 ILE B CB  1 
ATOM   906  C CG1 . ILE B 1 22 ? 23.230  13.517  34.565  1.00 63.55  ? 118 ILE B CG1 1 
ATOM   907  C CG2 . ILE B 1 22 ? 24.469  13.959  32.431  1.00 50.81  ? 118 ILE B CG2 1 
ATOM   908  C CD1 . ILE B 1 22 ? 23.440  14.935  34.954  1.00 63.35  ? 118 ILE B CD1 1 
ATOM   909  N N   . ASP B 1 23 ? 25.988  11.135  31.805  1.00 60.83  ? 119 ASP B N   1 
ATOM   910  C CA  . ASP B 1 23 ? 26.734  10.769  30.594  1.00 63.79  ? 119 ASP B CA  1 
ATOM   911  C C   . ASP B 1 23 ? 26.169  9.487   29.914  1.00 64.49  ? 119 ASP B C   1 
ATOM   912  O O   . ASP B 1 23 ? 25.829  9.528   28.732  1.00 66.19  ? 119 ASP B O   1 
ATOM   913  C CB  . ASP B 1 23 ? 28.248  10.670  30.815  1.00 65.66  ? 119 ASP B CB  1 
ATOM   914  C CG  . ASP B 1 23 ? 28.912  12.045  31.065  1.00 85.02  ? 119 ASP B CG  1 
ATOM   915  O OD1 . ASP B 1 23 ? 28.237  13.091  30.871  1.00 86.57  ? 119 ASP B OD1 1 
ATOM   916  O OD2 . ASP B 1 23 ? 30.116  12.077  31.445  1.00 72.59  ? 119 ASP B OD2 1 
ATOM   917  N N   . LYS B 1 24 ? 26.070  8.389   30.671  1.00 64.87  ? 120 LYS B N   1 
ATOM   918  C CA  . LYS B 1 24 ? 25.485  7.118   30.217  1.00 62.05  ? 120 LYS B CA  1 
ATOM   919  C C   . LYS B 1 24 ? 24.083  7.212   29.619  1.00 64.75  ? 120 LYS B C   1 
ATOM   920  O O   . LYS B 1 24 ? 23.823  6.590   28.581  1.00 71.90  ? 120 LYS B O   1 
ATOM   921  C CB  . LYS B 1 24 ? 25.440  6.074   31.336  1.00 66.68  ? 120 LYS B CB  1 
ATOM   922  C CG  . LYS B 1 24 ? 26.793  5.567   31.822  1.00 67.04  ? 120 LYS B CG  1 
ATOM   923  C CD  . LYS B 1 24 ? 26.624  4.547   32.953  1.00 63.09  ? 120 LYS B CD  1 
ATOM   924  C CE  . LYS B 1 24 ? 27.926  3.796   33.171  1.00 65.76  ? 120 LYS B CE  1 
ATOM   925  N NZ  . LYS B 1 24 ? 29.111  4.657   32.815  1.00 64.83  ? 120 LYS B NZ  1 
ATOM   926  N N   . VAL B 1 25 ? 23.176  7.955   30.255  1.00 58.42  ? 121 VAL B N   1 
ATOM   927  C CA  . VAL B 1 25 ? 21.823  8.148   29.681  1.00 63.29  ? 121 VAL B CA  1 
ATOM   928  C C   . VAL B 1 25 ? 21.818  8.929   28.352  1.00 64.36  ? 121 VAL B C   1 
ATOM   929  O O   . VAL B 1 25 ? 20.931  8.769   27.520  1.00 63.02  ? 121 VAL B O   1 
ATOM   930  C CB  . VAL B 1 25 ? 20.845  8.799   30.678  1.00 62.45  ? 121 VAL B CB  1 
ATOM   931  C CG1 . VAL B 1 25 ? 19.607  9.341   29.994  1.00 62.99  ? 121 VAL B CG1 1 
ATOM   932  C CG2 . VAL B 1 25 ? 20.444  7.791   31.735  1.00 65.82  ? 121 VAL B CG2 1 
ATOM   933  N N   . ARG B 1 26 ? 22.819  9.775   28.155  1.00 62.69  ? 122 ARG B N   1 
ATOM   934  C CA  . ARG B 1 26 ? 22.953  10.505  26.906  1.00 64.38  ? 122 ARG B CA  1 
ATOM   935  C C   . ARG B 1 26 ? 23.562  9.624   25.822  1.00 68.76  ? 122 ARG B C   1 
ATOM   936  O O   . ARG B 1 26 ? 23.539  9.972   24.640  1.00 64.78  ? 122 ARG B O   1 
ATOM   937  C CB  . ARG B 1 26 ? 23.822  11.736  27.121  1.00 57.65  ? 122 ARG B CB  1 
ATOM   938  C CG  . ARG B 1 26 ? 23.046  12.930  27.588  1.00 66.21  ? 122 ARG B CG  1 
ATOM   939  C CD  . ARG B 1 26 ? 24.007  13.956  28.061  1.00 78.87  ? 122 ARG B CD  1 
ATOM   940  N NE  . ARG B 1 26 ? 23.352  15.049  28.764  1.00 80.66  ? 122 ARG B NE  1 
ATOM   941  C CZ  . ARG B 1 26 ? 24.018  16.060  29.301  1.00 82.63  ? 122 ARG B CZ  1 
ATOM   942  N NH1 . ARG B 1 26 ? 25.351  16.090  29.217  1.00 85.93  ? 122 ARG B NH1 1 
ATOM   943  N NH2 . ARG B 1 26 ? 23.367  17.029  29.930  1.00 102.70 ? 122 ARG B NH2 1 
ATOM   944  N N   . PHE B 1 27 ? 24.131  8.504   26.246  1.00 67.03  ? 123 PHE B N   1 
ATOM   945  C CA  . PHE B 1 27 ? 24.709  7.537   25.340  1.00 70.41  ? 123 PHE B CA  1 
ATOM   946  C C   . PHE B 1 27 ? 23.572  6.610   24.949  1.00 67.14  ? 123 PHE B C   1 
ATOM   947  O O   . PHE B 1 27 ? 23.354  6.293   23.763  1.00 68.68  ? 123 PHE B O   1 
ATOM   948  C CB  . PHE B 1 27 ? 25.792  6.769   26.076  1.00 73.05  ? 123 PHE B CB  1 
ATOM   949  C CG  . PHE B 1 27 ? 26.708  5.996   25.180  1.00 79.12  ? 123 PHE B CG  1 
ATOM   950  C CD1 . PHE B 1 27 ? 27.548  6.660   24.290  1.00 81.92  ? 123 PHE B CD1 1 
ATOM   951  C CD2 . PHE B 1 27 ? 26.754  4.606   25.250  1.00 76.61  ? 123 PHE B CD2 1 
ATOM   952  C CE1 . PHE B 1 27 ? 28.417  5.955   23.476  1.00 76.77  ? 123 PHE B CE1 1 
ATOM   953  C CE2 . PHE B 1 27 ? 27.623  3.882   24.451  1.00 71.64  ? 123 PHE B CE2 1 
ATOM   954  C CZ  . PHE B 1 27 ? 28.456  4.558   23.556  1.00 80.23  ? 123 PHE B CZ  1 
ATOM   955  N N   . LEU B 1 28 ? 22.826  6.197   25.967  1.00 64.15  ? 124 LEU B N   1 
ATOM   956  C CA  . LEU B 1 28 ? 21.554  5.526   25.747  1.00 66.05  ? 124 LEU B CA  1 
ATOM   957  C C   . LEU B 1 28 ? 20.747  6.193   24.620  1.00 63.01  ? 124 LEU B C   1 
ATOM   958  O O   . LEU B 1 28 ? 19.994  5.540   23.925  1.00 63.37  ? 124 LEU B O   1 
ATOM   959  C CB  . LEU B 1 28 ? 20.738  5.527   27.044  1.00 63.34  ? 124 LEU B CB  1 
ATOM   960  C CG  . LEU B 1 28 ? 21.063  4.397   28.027  1.00 64.33  ? 124 LEU B CG  1 
ATOM   961  C CD1 . LEU B 1 28 ? 20.127  4.421   29.245  1.00 51.70  ? 124 LEU B CD1 1 
ATOM   962  C CD2 . LEU B 1 28 ? 20.997  3.039   27.333  1.00 63.47  ? 124 LEU B CD2 1 
ATOM   963  N N   . GLU B 1 29 ? 20.907  7.505   24.470  1.00 62.12  ? 125 GLU B N   1 
ATOM   964  C CA  . GLU B 1 29 ? 20.147  8.274   23.502  1.00 64.55  ? 125 GLU B CA  1 
ATOM   965  C C   . GLU B 1 29 ? 20.723  8.153   22.099  1.00 66.11  ? 125 GLU B C   1 
ATOM   966  O O   . GLU B 1 29 ? 19.967  8.024   21.131  1.00 56.82  ? 125 GLU B O   1 
ATOM   967  C CB  . GLU B 1 29 ? 20.087  9.746   23.892  1.00 51.09  ? 125 GLU B CB  1 
ATOM   968  C CG  . GLU B 1 29 ? 18.814  10.108  24.622  1.00 64.26  ? 125 GLU B CG  1 
ATOM   969  C CD  . GLU B 1 29 ? 18.845  11.513  25.210  1.00 73.61  ? 125 GLU B CD  1 
ATOM   970  O OE1 . GLU B 1 29 ? 19.936  12.147  25.253  1.00 69.77  ? 125 GLU B OE1 1 
ATOM   971  O OE2 . GLU B 1 29 ? 17.763  11.980  25.629  1.00 70.49  ? 125 GLU B OE2 1 
ATOM   972  N N   . GLN B 1 30 ? 22.051  8.236   21.997  1.00 64.80  ? 126 GLN B N   1 
ATOM   973  C CA  . GLN B 1 30 ? 22.744  8.022   20.736  1.00 66.13  ? 126 GLN B CA  1 
ATOM   974  C C   . GLN B 1 30 ? 22.426  6.624   20.224  1.00 64.98  ? 126 GLN B C   1 
ATOM   975  O O   . GLN B 1 30 ? 22.146  6.421   19.048  1.00 66.36  ? 126 GLN B O   1 
ATOM   976  C CB  . GLN B 1 30 ? 24.245  8.081   20.929  1.00 65.83  ? 126 GLN B CB  1 
ATOM   977  C CG  . GLN B 1 30 ? 24.798  9.441   21.294  1.00 85.66  ? 126 GLN B CG  1 
ATOM   978  C CD  . GLN B 1 30 ? 26.296  9.379   21.562  1.00 96.69  ? 126 GLN B CD  1 
ATOM   979  O OE1 . GLN B 1 30 ? 27.045  8.766   20.796  1.00 103.76 ? 126 GLN B OE1 1 
ATOM   980  N NE2 . GLN B 1 30 ? 26.734  9.988   22.663  1.00 91.52  ? 126 GLN B NE2 1 
ATOM   981  N N   . GLN B 1 31 ? 22.533  5.659   21.126  1.00 61.92  ? 127 GLN B N   1 
ATOM   982  C CA  . GLN B 1 31 ? 22.235  4.292   20.814  1.00 62.19  ? 127 GLN B CA  1 
ATOM   983  C C   . GLN B 1 31 ? 20.791  4.152   20.327  1.00 64.58  ? 127 GLN B C   1 
ATOM   984  O O   . GLN B 1 31 ? 20.548  3.496   19.318  1.00 61.26  ? 127 GLN B O   1 
ATOM   985  C CB  . GLN B 1 31 ? 22.476  3.405   22.027  1.00 62.42  ? 127 GLN B CB  1 
ATOM   986  C CG  . GLN B 1 31 ? 23.928  3.144   22.355  1.00 61.90  ? 127 GLN B CG  1 
ATOM   987  C CD  . GLN B 1 31 ? 24.061  2.042   23.413  1.00 68.77  ? 127 GLN B CD  1 
ATOM   988  O OE1 . GLN B 1 31 ? 23.169  1.858   24.261  1.00 60.43  ? 127 GLN B OE1 1 
ATOM   989  N NE2 . GLN B 1 31 ? 25.162  1.282   23.345  1.00 65.33  ? 127 GLN B NE2 1 
ATOM   990  N N   . ASN B 1 32 ? 19.832  4.750   21.035  1.00 64.20  ? 128 ASN B N   1 
ATOM   991  C CA  . ASN B 1 32 ? 18.433  4.618   20.619  1.00 64.07  ? 128 ASN B CA  1 
ATOM   992  C C   . ASN B 1 32 ? 18.202  5.178   19.225  1.00 61.59  ? 128 ASN B C   1 
ATOM   993  O O   . ASN B 1 32 ? 17.437  4.621   18.433  1.00 60.38  ? 128 ASN B O   1 
ATOM   994  C CB  . ASN B 1 32 ? 17.490  5.334   21.584  1.00 63.57  ? 128 ASN B CB  1 
ATOM   995  C CG  . ASN B 1 32 ? 17.315  4.584   22.883  1.00 64.66  ? 128 ASN B CG  1 
ATOM   996  O OD1 . ASN B 1 32 ? 17.491  3.369   22.940  1.00 57.50  ? 128 ASN B OD1 1 
ATOM   997  N ND2 . ASN B 1 32 ? 16.980  5.319   23.947  1.00 66.96  ? 128 ASN B ND2 1 
ATOM   998  N N   . LYS B 1 33 ? 18.855  6.302   18.962  1.00 61.64  ? 129 LYS B N   1 
ATOM   999  C CA  . LYS B 1 33 ? 18.701  7.039   17.729  1.00 59.36  ? 129 LYS B CA  1 
ATOM   1000 C C   . LYS B 1 33 ? 19.099  6.119   16.570  1.00 66.14  ? 129 LYS B C   1 
ATOM   1001 O O   . LYS B 1 33 ? 18.375  5.969   15.557  1.00 62.33  ? 129 LYS B O   1 
ATOM   1002 C CB  . LYS B 1 33 ? 19.626  8.253   17.752  1.00 69.65  ? 129 LYS B CB  1 
ATOM   1003 C CG  . LYS B 1 33 ? 18.988  9.605   18.076  1.00 78.92  ? 129 LYS B CG  1 
ATOM   1004 C CD  . LYS B 1 33 ? 19.886  10.742  17.561  1.00 83.32  ? 129 LYS B CD  1 
ATOM   1005 C CE  . LYS B 1 33 ? 20.216  10.549  16.054  1.00 93.95  ? 129 LYS B CE  1 
ATOM   1006 N NZ  . LYS B 1 33 ? 21.240  11.490  15.464  1.00 80.72  ? 129 LYS B NZ  1 
ATOM   1007 N N   . ILE B 1 34 ? 20.261  5.500   16.739  1.00 63.54  ? 130 ILE B N   1 
ATOM   1008 C CA  . ILE B 1 34 ? 20.791  4.592   15.747  1.00 59.75  ? 130 ILE B CA  1 
ATOM   1009 C C   . ILE B 1 34 ? 19.884  3.377   15.595  1.00 63.45  ? 130 ILE B C   1 
ATOM   1010 O O   . ILE B 1 34 ? 19.564  2.955   14.471  1.00 63.77  ? 130 ILE B O   1 
ATOM   1011 C CB  . ILE B 1 34 ? 22.223  4.172   16.085  1.00 63.07  ? 130 ILE B CB  1 
ATOM   1012 C CG1 . ILE B 1 34 ? 23.117  5.421   16.182  1.00 57.20  ? 130 ILE B CG1 1 
ATOM   1013 C CG2 . ILE B 1 34 ? 22.749  3.177   15.023  1.00 61.55  ? 130 ILE B CG2 1 
ATOM   1014 C CD1 . ILE B 1 34 ? 24.359  5.234   17.078  1.00 69.70  ? 130 ILE B CD1 1 
ATOM   1015 N N   . LEU B 1 35 ? 19.454  2.833   16.726  1.00 58.35  ? 131 LEU B N   1 
ATOM   1016 C CA  . LEU B 1 35 ? 18.499  1.743   16.721  1.00 60.83  ? 131 LEU B CA  1 
ATOM   1017 C C   . LEU B 1 35 ? 17.320  2.043   15.809  1.00 64.34  ? 131 LEU B C   1 
ATOM   1018 O O   . LEU B 1 35 ? 16.866  1.203   15.032  1.00 66.07  ? 131 LEU B O   1 
ATOM   1019 C CB  . LEU B 1 35 ? 17.951  1.557   18.110  1.00 66.60  ? 131 LEU B CB  1 
ATOM   1020 C CG  . LEU B 1 35 ? 17.962  0.133   18.634  1.00 78.85  ? 131 LEU B CG  1 
ATOM   1021 C CD1 . LEU B 1 35 ? 19.223  -0.578  18.199  1.00 74.99  ? 131 LEU B CD1 1 
ATOM   1022 C CD2 . LEU B 1 35 ? 17.851  0.169   20.155  1.00 76.56  ? 131 LEU B CD2 1 
ATOM   1023 N N   . LEU B 1 36 ? 16.813  3.256   15.945  1.00 60.61  ? 132 LEU B N   1 
ATOM   1024 C CA  . LEU B 1 36 ? 15.648  3.675   15.205  1.00 62.33  ? 132 LEU B CA  1 
ATOM   1025 C C   . LEU B 1 36 ? 15.984  3.750   13.714  1.00 65.40  ? 132 LEU B C   1 
ATOM   1026 O O   . LEU B 1 36 ? 15.132  3.550   12.859  1.00 62.55  ? 132 LEU B O   1 
ATOM   1027 C CB  . LEU B 1 36 ? 15.205  5.042   15.719  1.00 58.65  ? 132 LEU B CB  1 
ATOM   1028 C CG  . LEU B 1 36 ? 14.289  4.935   16.942  1.00 63.98  ? 132 LEU B CG  1 
ATOM   1029 C CD1 . LEU B 1 36 ? 14.135  6.287   17.636  1.00 58.30  ? 132 LEU B CD1 1 
ATOM   1030 C CD2 . LEU B 1 36 ? 12.933  4.360   16.495  1.00 60.73  ? 132 LEU B CD2 1 
ATOM   1031 N N   . ALA B 1 37 ? 17.237  4.055   13.406  1.00 63.77  ? 133 ALA B N   1 
ATOM   1032 C CA  . ALA B 1 37 ? 17.606  4.240   12.020  1.00 61.37  ? 133 ALA B CA  1 
ATOM   1033 C C   . ALA B 1 37 ? 17.623  2.851   11.325  1.00 64.86  ? 133 ALA B C   1 
ATOM   1034 O O   . ALA B 1 37 ? 16.932  2.637   10.337  1.00 68.98  ? 133 ALA B O   1 
ATOM   1035 C CB  . ALA B 1 37 ? 18.942  4.974   11.917  1.00 53.73  ? 133 ALA B CB  1 
ATOM   1036 N N   . GLU B 1 38 ? 18.393  1.917   11.885  1.00 64.45  ? 134 GLU B N   1 
ATOM   1037 C CA  . GLU B 1 38 ? 18.294  0.489   11.600  1.00 65.14  ? 134 GLU B CA  1 
ATOM   1038 C C   . GLU B 1 38 ? 16.873  -0.023  11.449  1.00 64.89  ? 134 GLU B C   1 
ATOM   1039 O O   . GLU B 1 38 ? 16.550  -0.633  10.435  1.00 63.44  ? 134 GLU B O   1 
ATOM   1040 C CB  . GLU B 1 38 ? 18.942  -0.317  12.708  1.00 67.65  ? 134 GLU B CB  1 
ATOM   1041 C CG  . GLU B 1 38 ? 20.333  0.117   13.005  1.00 82.88  ? 134 GLU B CG  1 
ATOM   1042 C CD  . GLU B 1 38 ? 21.308  -0.540  12.090  1.00 83.33  ? 134 GLU B CD  1 
ATOM   1043 O OE1 . GLU B 1 38 ? 21.505  -1.760  12.262  1.00 82.61  ? 134 GLU B OE1 1 
ATOM   1044 O OE2 . GLU B 1 38 ? 21.859  0.147   11.202  1.00 89.20  ? 134 GLU B OE2 1 
ATOM   1045 N N   . LEU B 1 39 ? 16.044  0.178   12.470  1.00 61.92  ? 135 LEU B N   1 
ATOM   1046 C CA  . LEU B 1 39 ? 14.655  -0.252  12.381  1.00 60.56  ? 135 LEU B CA  1 
ATOM   1047 C C   . LEU B 1 39 ? 13.947  0.329   11.162  1.00 63.68  ? 135 LEU B C   1 
ATOM   1048 O O   . LEU B 1 39 ? 13.162  -0.361  10.504  1.00 54.79  ? 135 LEU B O   1 
ATOM   1049 C CB  . LEU B 1 39 ? 13.854  0.102   13.632  1.00 51.33  ? 135 LEU B CB  1 
ATOM   1050 C CG  . LEU B 1 39 ? 14.227  -0.717  14.879  1.00 62.24  ? 135 LEU B CG  1 
ATOM   1051 C CD1 . LEU B 1 39 ? 13.340  -0.391  16.115  1.00 58.94  ? 135 LEU B CD1 1 
ATOM   1052 C CD2 . LEU B 1 39 ? 14.209  -2.213  14.581  1.00 57.66  ? 135 LEU B CD2 1 
ATOM   1053 N N   . GLU B 1 40 ? 14.194  1.602   10.879  1.00 64.31  ? 136 GLU B N   1 
ATOM   1054 C CA  . GLU B 1 40 ? 13.565  2.224   9.725   1.00 59.18  ? 136 GLU B CA  1 
ATOM   1055 C C   . GLU B 1 40 ? 13.994  1.507   8.422   1.00 64.48  ? 136 GLU B C   1 
ATOM   1056 O O   . GLU B 1 40 ? 13.148  1.154   7.565   1.00 57.61  ? 136 GLU B O   1 
ATOM   1057 C CB  . GLU B 1 40 ? 13.865  3.735   9.698   1.00 61.23  ? 136 GLU B CB  1 
ATOM   1058 C CG  . GLU B 1 40 ? 13.216  4.531   10.840  1.00 76.63  ? 136 GLU B CG  1 
ATOM   1059 C CD  . GLU B 1 40 ? 11.700  4.375   10.911  1.00 86.19  ? 136 GLU B CD  1 
ATOM   1060 O OE1 . GLU B 1 40 ? 11.077  4.024   9.888   1.00 87.41  ? 136 GLU B OE1 1 
ATOM   1061 O OE2 . GLU B 1 40 ? 11.127  4.600   11.997  1.00 83.89  ? 136 GLU B OE2 1 
ATOM   1062 N N   . GLN B 1 41 ? 15.307  1.290   8.304   1.00 63.40  ? 137 GLN B N   1 
ATOM   1063 C CA  . GLN B 1 41 ? 15.913  0.511   7.228   1.00 60.30  ? 137 GLN B CA  1 
ATOM   1064 C C   . GLN B 1 41 ? 15.318  -0.891  7.079   1.00 62.11  ? 137 GLN B C   1 
ATOM   1065 O O   . GLN B 1 41 ? 14.961  -1.292  5.977   1.00 66.10  ? 137 GLN B O   1 
ATOM   1066 C CB  . GLN B 1 41 ? 17.433  0.432   7.408   1.00 68.13  ? 137 GLN B CB  1 
ATOM   1067 C CG  . GLN B 1 41 ? 18.164  1.762   7.155   1.00 70.77  ? 137 GLN B CG  1 
ATOM   1068 C CD  . GLN B 1 41 ? 18.230  2.141   5.664   1.00 95.72  ? 137 GLN B CD  1 
ATOM   1069 O OE1 . GLN B 1 41 ? 18.821  1.417   4.850   1.00 88.50  ? 137 GLN B OE1 1 
ATOM   1070 N NE2 . GLN B 1 41 ? 17.622  3.280   5.305   1.00 91.98  ? 137 GLN B NE2 1 
ATOM   1071 N N   . LEU B 1 42 ? 15.201  -1.636  8.171   1.00 58.03  ? 138 LEU B N   1 
ATOM   1072 C CA  . LEU B 1 42 ? 14.613  -2.969  8.095   1.00 60.67  ? 138 LEU B CA  1 
ATOM   1073 C C   . LEU B 1 42 ? 13.135  -2.953  7.710   1.00 59.55  ? 138 LEU B C   1 
ATOM   1074 O O   . LEU B 1 42 ? 12.701  -3.811  6.934   1.00 62.10  ? 138 LEU B O   1 
ATOM   1075 C CB  . LEU B 1 42 ? 14.829  -3.779  9.378   1.00 66.94  ? 138 LEU B CB  1 
ATOM   1076 C CG  . LEU B 1 42 ? 16.137  -4.555  9.543   1.00 70.33  ? 138 LEU B CG  1 
ATOM   1077 C CD1 . LEU B 1 42 ? 16.313  -5.491  8.380   1.00 74.31  ? 138 LEU B CD1 1 
ATOM   1078 C CD2 . LEU B 1 42 ? 17.337  -3.619  9.650   1.00 74.47  ? 138 LEU B CD2 1 
ATOM   1079 N N   . LYS B 1 43 ? 12.365  -1.992  8.229   1.00 53.88  ? 139 LYS B N   1 
ATOM   1080 C CA  . LYS B 1 43 ? 10.942  -1.893  7.877   1.00 55.72  ? 139 LYS B CA  1 
ATOM   1081 C C   . LYS B 1 43 ? 10.784  -1.675  6.362   1.00 60.58  ? 139 LYS B C   1 
ATOM   1082 O O   . LYS B 1 43 ? 9.978   -2.321  5.718   1.00 56.26  ? 139 LYS B O   1 
ATOM   1083 C CB  . LYS B 1 43 ? 10.288  -0.728  8.579   1.00 54.78  ? 139 LYS B CB  1 
ATOM   1084 C CG  . LYS B 1 43 ? 8.766   -0.711  8.539   1.00 65.23  ? 139 LYS B CG  1 
ATOM   1085 C CD  . LYS B 1 43 ? 8.232   0.513   9.314   1.00 58.84  ? 139 LYS B CD  1 
ATOM   1086 C CE  . LYS B 1 43 ? 6.700   0.496   9.343   1.00 65.35  ? 139 LYS B CE  1 
ATOM   1087 N NZ  . LYS B 1 43 ? 6.095   1.765   8.826   1.00 69.68  ? 139 LYS B NZ  1 
ATOM   1088 N N   . GLY B 1 44 ? 11.575  -0.748  5.836   1.00 60.04  ? 140 GLY B N   1 
ATOM   1089 C CA  . GLY B 1 44 ? 11.537  -0.302  4.462   1.00 44.78  ? 140 GLY B CA  1 
ATOM   1090 C C   . GLY B 1 44 ? 11.829  -1.436  3.472   1.00 60.57  ? 140 GLY B C   1 
ATOM   1091 O O   . GLY B 1 44 ? 11.166  -1.507  2.436   1.00 54.94  ? 140 GLY B O   1 
ATOM   1092 N N   . GLN B 1 45 ? 12.804  -2.301  3.781   1.00 59.67  ? 141 GLN B N   1 
ATOM   1093 C CA  . GLN B 1 45 ? 13.045  -3.551  3.031   1.00 60.29  ? 141 GLN B CA  1 
ATOM   1094 C C   . GLN B 1 45 ? 11.863  -4.498  3.070   1.00 63.45  ? 141 GLN B C   1 
ATOM   1095 O O   . GLN B 1 45 ? 11.411  -5.000  2.043   1.00 68.44  ? 141 GLN B O   1 
ATOM   1096 C CB  . GLN B 1 45 ? 14.230  -4.323  3.593   1.00 56.95  ? 141 GLN B CB  1 
ATOM   1097 C CG  . GLN B 1 45 ? 15.533  -3.585  3.603   1.00 63.03  ? 141 GLN B CG  1 
ATOM   1098 C CD  . GLN B 1 45 ? 16.647  -4.455  4.137   1.00 66.68  ? 141 GLN B CD  1 
ATOM   1099 O OE1 . GLN B 1 45 ? 16.400  -5.442  4.852   1.00 63.00  ? 141 GLN B OE1 1 
ATOM   1100 N NE2 . GLN B 1 45 ? 17.883  -4.113  3.774   1.00 63.50  ? 141 GLN B NE2 1 
ATOM   1101 N N   . GLY B 1 46 ? 11.383  -4.770  4.274   1.00 59.91  ? 142 GLY B N   1 
ATOM   1102 C CA  . GLY B 1 46 ? 10.250  -5.652  4.447   1.00 58.02  ? 142 GLY B CA  1 
ATOM   1103 C C   . GLY B 1 46 ? 9.062   -5.167  3.640   1.00 61.51  ? 142 GLY B C   1 
ATOM   1104 O O   . GLY B 1 46 ? 8.373   -5.947  2.993   1.00 63.55  ? 142 GLY B O   1 
ATOM   1105 N N   . LYS B 1 47 ? 8.813   -3.860  3.686   1.00 61.13  ? 143 LYS B N   1 
ATOM   1106 C CA  . LYS B 1 47 ? 7.657   -3.299  3.016   1.00 66.86  ? 143 LYS B CA  1 
ATOM   1107 C C   . LYS B 1 47 ? 7.895   -3.258  1.515   1.00 66.25  ? 143 LYS B C   1 
ATOM   1108 O O   . LYS B 1 47 ? 6.962   -3.346  0.725   1.00 63.88  ? 143 LYS B O   1 
ATOM   1109 C CB  . LYS B 1 47 ? 7.347   -1.907  3.570   1.00 58.93  ? 143 LYS B CB  1 
ATOM   1110 C CG  . LYS B 1 47 ? 6.530   -1.965  4.866   1.00 67.63  ? 143 LYS B CG  1 
ATOM   1111 C CD  . LYS B 1 47 ? 6.392   -0.600  5.549   1.00 84.08  ? 143 LYS B CD  1 
ATOM   1112 C CE  . LYS B 1 47 ? 5.410   0.320   4.840   1.00 87.06  ? 143 LYS B CE  1 
ATOM   1113 N NZ  . LYS B 1 47 ? 5.356   1.669   5.475   1.00 90.71  ? 143 LYS B NZ  1 
ATOM   1114 N N   . SER B 1 48 ? 9.165   -3.141  1.146   1.00 63.38  ? 144 SER B N   1 
ATOM   1115 C CA  . SER B 1 48 ? 9.591   -3.012  -0.231  1.00 59.23  ? 144 SER B CA  1 
ATOM   1116 C C   . SER B 1 48 ? 9.230   -4.317  -0.940  1.00 67.40  ? 144 SER B C   1 
ATOM   1117 O O   . SER B 1 48 ? 8.517   -4.339  -1.976  1.00 61.76  ? 144 SER B O   1 
ATOM   1118 C CB  . SER B 1 48 ? 11.102  -2.805  -0.281  1.00 60.09  ? 144 SER B CB  1 
ATOM   1119 O OG  . SER B 1 48 ? 11.564  -2.720  -1.619  1.00 76.46  ? 144 SER B OG  1 
ATOM   1120 N N   . ARG B 1 49 ? 9.729   -5.387  -0.321  1.00 65.05  ? 145 ARG B N   1 
ATOM   1121 C CA  . ARG B 1 49 ? 9.536   -6.766  -0.729  1.00 65.93  ? 145 ARG B CA  1 
ATOM   1122 C C   . ARG B 1 49 ? 8.072   -7.139  -0.748  1.00 61.92  ? 145 ARG B C   1 
ATOM   1123 O O   . ARG B 1 49 ? 7.546   -7.463  -1.794  1.00 68.59  ? 145 ARG B O   1 
ATOM   1124 C CB  . ARG B 1 49 ? 10.309  -7.684  0.213   1.00 66.06  ? 145 ARG B CB  1 
ATOM   1125 C CG  . ARG B 1 49 ? 9.981   -9.118  0.051   1.00 72.82  ? 145 ARG B CG  1 
ATOM   1126 C CD  . ARG B 1 49 ? 10.245  -9.556  -1.382  1.00 64.47  ? 145 ARG B CD  1 
ATOM   1127 N NE  . ARG B 1 49 ? 10.606  -10.961 -1.374  1.00 72.16  ? 145 ARG B NE  1 
ATOM   1128 C CZ  . ARG B 1 49 ? 10.625  -11.738 -2.445  1.00 72.65  ? 145 ARG B CZ  1 
ATOM   1129 N NH1 . ARG B 1 49 ? 10.301  -11.247 -3.628  1.00 54.02  ? 145 ARG B NH1 1 
ATOM   1130 N NH2 . ARG B 1 49 ? 10.968  -13.008 -2.316  1.00 62.38  ? 145 ARG B NH2 1 
ATOM   1131 N N   . LEU B 1 50 ? 7.406   -7.117  0.390   1.00 57.39  ? 146 LEU B N   1 
ATOM   1132 C CA  . LEU B 1 50 ? 5.962   -7.270  0.397   1.00 60.77  ? 146 LEU B CA  1 
ATOM   1133 C C   . LEU B 1 50 ? 5.278   -6.516  -0.762  1.00 65.19  ? 146 LEU B C   1 
ATOM   1134 O O   . LEU B 1 50 ? 4.359   -7.041  -1.404  1.00 65.40  ? 146 LEU B O   1 
ATOM   1135 C CB  . LEU B 1 50 ? 5.387   -6.820  1.725   1.00 65.68  ? 146 LEU B CB  1 
ATOM   1136 C CG  . LEU B 1 50 ? 4.014   -7.364  2.093   1.00 70.85  ? 146 LEU B CG  1 
ATOM   1137 C CD1 . LEU B 1 50 ? 3.857   -8.827  1.681   1.00 73.64  ? 146 LEU B CD1 1 
ATOM   1138 C CD2 . LEU B 1 50 ? 3.820   -7.202  3.586   1.00 71.88  ? 146 LEU B CD2 1 
ATOM   1139 N N   . GLY B 1 51 ? 5.724   -5.298  -1.046  1.00 65.45  ? 147 GLY B N   1 
ATOM   1140 C CA  . GLY B 1 51 ? 5.147   -4.533  -2.145  1.00 59.70  ? 147 GLY B CA  1 
ATOM   1141 C C   . GLY B 1 51 ? 5.469   -5.172  -3.496  1.00 65.10  ? 147 GLY B C   1 
ATOM   1142 O O   . GLY B 1 51 ? 4.750   -5.024  -4.487  1.00 60.10  ? 147 GLY B O   1 
ATOM   1143 N N   . ASP B 1 52 ? 6.581   -5.891  -3.524  1.00 65.52  ? 148 ASP B N   1 
ATOM   1144 C CA  . ASP B 1 52 ? 7.010   -6.621  -4.701  1.00 63.07  ? 148 ASP B CA  1 
ATOM   1145 C C   . ASP B 1 52 ? 6.091   -7.815  -5.005  1.00 62.61  ? 148 ASP B C   1 
ATOM   1146 O O   . ASP B 1 52 ? 5.781   -8.095  -6.159  1.00 69.53  ? 148 ASP B O   1 
ATOM   1147 C CB  . ASP B 1 52 ? 8.445   -7.105  -4.515  1.00 62.63  ? 148 ASP B CB  1 
ATOM   1148 C CG  . ASP B 1 52 ? 9.475   -6.038  -4.841  1.00 64.21  ? 148 ASP B CG  1 
ATOM   1149 O OD1 . ASP B 1 52 ? 9.090   -4.935  -5.295  1.00 64.81  ? 148 ASP B OD1 1 
ATOM   1150 O OD2 . ASP B 1 52 ? 10.680  -6.326  -4.677  1.00 63.20  ? 148 ASP B OD2 1 
ATOM   1151 N N   . LEU B 1 53 ? 5.660   -8.494  -3.950  1.00 60.52  ? 149 LEU B N   1 
ATOM   1152 C CA  . LEU B 1 53 ? 4.858   -9.694  -4.042  1.00 63.41  ? 149 LEU B CA  1 
ATOM   1153 C C   . LEU B 1 53 ? 3.430   -9.366  -4.416  1.00 67.58  ? 149 LEU B C   1 
ATOM   1154 O O   . LEU B 1 53 ? 2.801   -10.091 -5.194  1.00 70.83  ? 149 LEU B O   1 
ATOM   1155 C CB  . LEU B 1 53 ? 4.877   -10.422 -2.708  1.00 74.24  ? 149 LEU B CB  1 
ATOM   1156 C CG  . LEU B 1 53 ? 6.277   -10.770 -2.216  1.00 72.20  ? 149 LEU B CG  1 
ATOM   1157 C CD1 . LEU B 1 53 ? 6.187   -11.338 -0.807  1.00 59.68  ? 149 LEU B CD1 1 
ATOM   1158 C CD2 . LEU B 1 53 ? 6.945   -11.740 -3.216  1.00 70.69  ? 149 LEU B CD2 1 
ATOM   1159 N N   . TYR B 1 54 ? 2.908   -8.270  -3.876  1.00 62.90  ? 150 TYR B N   1 
ATOM   1160 C CA  . TYR B 1 54 ? 1.557   -7.848  -4.252  1.00 68.38  ? 150 TYR B CA  1 
ATOM   1161 C C   . TYR B 1 54 ? 1.487   -7.384  -5.707  1.00 67.24  ? 150 TYR B C   1 
ATOM   1162 O O   . TYR B 1 54 ? 0.464   -7.524  -6.370  1.00 59.77  ? 150 TYR B O   1 
ATOM   1163 C CB  . TYR B 1 54 ? 1.055   -6.734  -3.331  1.00 62.79  ? 150 TYR B CB  1 
ATOM   1164 C CG  . TYR B 1 54 ? 0.783   -7.210  -1.921  1.00 72.12  ? 150 TYR B CG  1 
ATOM   1165 C CD1 . TYR B 1 54 ? -0.142  -8.218  -1.685  1.00 75.44  ? 150 TYR B CD1 1 
ATOM   1166 C CD2 . TYR B 1 54 ? 1.441   -6.658  -0.829  1.00 76.22  ? 150 TYR B CD2 1 
ATOM   1167 C CE1 . TYR B 1 54 ? -0.408  -8.681  -0.411  1.00 78.02  ? 150 TYR B CE1 1 
ATOM   1168 C CE2 . TYR B 1 54 ? 1.178   -7.116  0.469   1.00 86.57  ? 150 TYR B CE2 1 
ATOM   1169 C CZ  . TYR B 1 54 ? 0.246   -8.133  0.663   1.00 85.35  ? 150 TYR B CZ  1 
ATOM   1170 O OH  . TYR B 1 54 ? -0.034  -8.614  1.926   1.00 97.32  ? 150 TYR B OH  1 
ATOM   1171 N N   . GLU B 1 55 ? 2.590   -6.787  -6.153  1.00 67.98  ? 151 GLU B N   1 
ATOM   1172 C CA  . GLU B 1 55 ? 2.725   -6.222  -7.479  1.00 68.99  ? 151 GLU B CA  1 
ATOM   1173 C C   . GLU B 1 55 ? 2.791   -7.383  -8.451  1.00 66.32  ? 151 GLU B C   1 
ATOM   1174 O O   . GLU B 1 55 ? 2.074   -7.397  -9.434  1.00 66.44  ? 151 GLU B O   1 
ATOM   1175 C CB  . GLU B 1 55 ? 4.006   -5.363  -7.554  1.00 66.42  ? 151 GLU B CB  1 
ATOM   1176 C CG  . GLU B 1 55 ? 4.191   -4.520  -8.821  1.00 83.85  ? 151 GLU B CG  1 
ATOM   1177 C CD  . GLU B 1 55 ? 2.948   -3.721  -9.216  1.00 96.31  ? 151 GLU B CD  1 
ATOM   1178 O OE1 . GLU B 1 55 ? 2.252   -3.200  -8.316  1.00 89.01  ? 151 GLU B OE1 1 
ATOM   1179 O OE2 . GLU B 1 55 ? 2.664   -3.615  -10.433 1.00 85.89  ? 151 GLU B OE2 1 
ATOM   1180 N N   . GLU B 1 56 ? 3.643   -8.356  -8.142  1.00 67.01  ? 152 GLU B N   1 
ATOM   1181 C CA  . GLU B 1 56 ? 3.794   -9.555  -8.951  1.00 67.56  ? 152 GLU B CA  1 
ATOM   1182 C C   . GLU B 1 56 ? 2.442   -10.247 -9.204  1.00 71.31  ? 152 GLU B C   1 
ATOM   1183 O O   . GLU B 1 56 ? 2.037   -10.459 -10.357 1.00 66.26  ? 152 GLU B O   1 
ATOM   1184 C CB  . GLU B 1 56 ? 4.765   -10.526 -8.288  1.00 71.18  ? 152 GLU B CB  1 
ATOM   1185 C CG  . GLU B 1 56 ? 5.247   -11.622 -9.215  1.00 81.52  ? 152 GLU B CG  1 
ATOM   1186 C CD  . GLU B 1 56 ? 5.979   -12.730 -8.480  1.00 96.80  ? 152 GLU B CD  1 
ATOM   1187 O OE1 . GLU B 1 56 ? 6.061   -12.682 -7.226  1.00 86.18  ? 152 GLU B OE1 1 
ATOM   1188 O OE2 . GLU B 1 56 ? 6.473   -13.656 -9.162  1.00 92.22  ? 152 GLU B OE2 1 
ATOM   1189 N N   . GLU B 1 57 ? 1.759   -10.594 -8.119  1.00 70.13  ? 153 GLU B N   1 
ATOM   1190 C CA  . GLU B 1 57 ? 0.420   -11.142 -8.207  1.00 66.50  ? 153 GLU B CA  1 
ATOM   1191 C C   . GLU B 1 57 ? -0.428  -10.394 -9.233  1.00 66.15  ? 153 GLU B C   1 
ATOM   1192 O O   . GLU B 1 57 ? -1.073  -11.018 -10.070 1.00 68.75  ? 153 GLU B O   1 
ATOM   1193 C CB  . GLU B 1 57 ? -0.270  -11.137 -6.841  1.00 64.53  ? 153 GLU B CB  1 
ATOM   1194 C CG  . GLU B 1 57 ? 0.247   -12.222 -5.909  1.00 82.26  ? 153 GLU B CG  1 
ATOM   1195 C CD  . GLU B 1 57 ? -0.663  -12.477 -4.720  1.00 96.23  ? 153 GLU B CD  1 
ATOM   1196 O OE1 . GLU B 1 57 ? -1.313  -11.524 -4.232  1.00 89.51  ? 153 GLU B OE1 1 
ATOM   1197 O OE2 . GLU B 1 57 ? -0.728  -13.640 -4.272  1.00 106.26 ? 153 GLU B OE2 1 
ATOM   1198 N N   . MET B 1 58 ? -0.433  -9.065  -9.164  1.00 64.22  ? 154 MET B N   1 
ATOM   1199 C CA  . MET B 1 58 ? -1.208  -8.272  -10.113 1.00 59.98  ? 154 MET B CA  1 
ATOM   1200 C C   . MET B 1 58 ? -0.643  -8.330  -11.536 1.00 67.96  ? 154 MET B C   1 
ATOM   1201 O O   . MET B 1 58 ? -1.393  -8.496  -12.524 1.00 67.29  ? 154 MET B O   1 
ATOM   1202 C CB  . MET B 1 58 ? -1.317  -6.823  -9.654  1.00 58.49  ? 154 MET B CB  1 
ATOM   1203 C CG  . MET B 1 58 ? -2.460  -6.095  -10.325 1.00 62.92  ? 154 MET B CG  1 
ATOM   1204 S SD  . MET B 1 58 ? -2.666  -4.369  -9.857  0.69 77.90  ? 154 MET B SD  1 
ATOM   1205 C CE  . MET B 1 58 ? -3.539  -4.561  -8.310  1.00 63.83  ? 154 MET B CE  1 
ATOM   1206 N N   . ARG B 1 59 ? 0.677   -8.199  -11.638 1.00 60.49  ? 155 ARG B N   1 
ATOM   1207 C CA  . ARG B 1 59 ? 1.344   -8.233  -12.920 1.00 67.14  ? 155 ARG B CA  1 
ATOM   1208 C C   . ARG B 1 59 ? 1.071   -9.561  -13.650 1.00 65.85  ? 155 ARG B C   1 
ATOM   1209 O O   . ARG B 1 59 ? 0.935   -9.570  -14.858 1.00 63.55  ? 155 ARG B O   1 
ATOM   1210 C CB  . ARG B 1 59 ? 2.849   -8.011  -12.759 1.00 63.38  ? 155 ARG B CB  1 
ATOM   1211 C CG  . ARG B 1 59 ? 3.659   -8.258  -14.048 1.00 62.22  ? 155 ARG B CG  1 
ATOM   1212 C CD  . ARG B 1 59 ? 5.158   -8.048  -13.890 1.00 61.48  ? 155 ARG B CD  1 
ATOM   1213 N NE  . ARG B 1 59 ? 5.612   -8.219  -12.506 1.00 78.50  ? 155 ARG B NE  1 
ATOM   1214 C CZ  . ARG B 1 59 ? 5.791   -7.220  -11.645 1.00 73.26  ? 155 ARG B CZ  1 
ATOM   1215 N NH1 . ARG B 1 59 ? 5.553   -5.957  -12.010 1.00 68.81  ? 155 ARG B NH1 1 
ATOM   1216 N NH2 . ARG B 1 59 ? 6.197   -7.502  -10.418 1.00 74.23  ? 155 ARG B NH2 1 
ATOM   1217 N N   . GLU B 1 60 ? 0.984   -10.662 -12.900 1.00 69.71  ? 156 GLU B N   1 
ATOM   1218 C CA  . GLU B 1 60 ? 0.704   -11.979 -13.472 1.00 68.33  ? 156 GLU B CA  1 
ATOM   1219 C C   . GLU B 1 60 ? -0.676  -12.031 -14.079 1.00 69.84  ? 156 GLU B C   1 
ATOM   1220 O O   . GLU B 1 60 ? -0.839  -12.446 -15.221 1.00 69.92  ? 156 GLU B O   1 
ATOM   1221 C CB  . GLU B 1 60 ? 0.856   -13.095 -12.438 1.00 71.27  ? 156 GLU B CB  1 
ATOM   1222 C CG  . GLU B 1 60 ? 2.312   -13.369 -12.102 1.00 85.13  ? 156 GLU B CG  1 
ATOM   1223 C CD  . GLU B 1 60 ? 3.220   -13.204 -13.319 1.00 91.56  ? 156 GLU B CD  1 
ATOM   1224 O OE1 . GLU B 1 60 ? 3.019   -13.931 -14.320 1.00 95.03  ? 156 GLU B OE1 1 
ATOM   1225 O OE2 . GLU B 1 60 ? 4.124   -12.336 -13.278 1.00 90.10  ? 156 GLU B OE2 1 
ATOM   1226 N N   . LEU B 1 61 ? -1.667  -11.588 -13.317 1.00 68.35  ? 157 LEU B N   1 
ATOM   1227 C CA  . LEU B 1 61 ? -3.042  -11.550 -13.810 1.00 65.11  ? 157 LEU B CA  1 
ATOM   1228 C C   . LEU B 1 61 ? -3.168  -10.706 -15.074 1.00 66.11  ? 157 LEU B C   1 
ATOM   1229 O O   . LEU B 1 61 ? -3.990  -10.969 -15.930 1.00 67.87  ? 157 LEU B O   1 
ATOM   1230 C CB  . LEU B 1 61 ? -3.965  -11.021 -12.712 1.00 72.69  ? 157 LEU B CB  1 
ATOM   1231 C CG  . LEU B 1 61 ? -4.253  -12.112 -11.684 1.00 73.18  ? 157 LEU B CG  1 
ATOM   1232 C CD1 . LEU B 1 61 ? -4.833  -11.584 -10.379 1.00 63.09  ? 157 LEU B CD1 1 
ATOM   1233 C CD2 . LEU B 1 61 ? -5.193  -13.122 -12.324 1.00 63.39  ? 157 LEU B CD2 1 
ATOM   1234 N N   . ARG B 1 62 ? -2.330  -9.686  -15.190 1.00 70.30  ? 158 ARG B N   1 
ATOM   1235 C CA  . ARG B 1 62 ? -2.395  -8.758  -16.310 1.00 64.18  ? 158 ARG B CA  1 
ATOM   1236 C C   . ARG B 1 62 ? -1.806  -9.409  -17.560 1.00 61.71  ? 158 ARG B C   1 
ATOM   1237 O O   . ARG B 1 62 ? -2.407  -9.381  -18.626 1.00 64.78  ? 158 ARG B O   1 
ATOM   1238 C CB  . ARG B 1 62 ? -1.611  -7.481  -15.947 1.00 65.04  ? 158 ARG B CB  1 
ATOM   1239 C CG  . ARG B 1 62 ? -2.214  -6.662  -14.811 1.00 71.99  ? 158 ARG B CG  1 
ATOM   1240 C CD  . ARG B 1 62 ? -1.441  -5.351  -14.524 1.00 77.59  ? 158 ARG B CD  1 
ATOM   1241 N NE  . ARG B 1 62 ? -1.999  -4.594  -13.439 1.00 86.14  ? 158 ARG B NE  1 
ATOM   1242 C CZ  . ARG B 1 62 ? -3.028  -3.762  -13.563 1.00 87.00  ? 158 ARG B CZ  1 
ATOM   1243 N NH1 . ARG B 1 62 ? -3.612  -3.554  -14.769 1.00 80.15  ? 158 ARG B NH1 1 
ATOM   1244 N NH2 . ARG B 1 62 ? -3.477  -3.124  -12.480 1.00 74.63  ? 158 ARG B NH2 1 
ATOM   1245 N N   . ARG B 1 63 ? -0.622  -9.989  -17.401 1.00 58.51  ? 159 ARG B N   1 
ATOM   1246 C CA  . ARG B 1 63 ? 0.099   -10.656 -18.457 1.00 62.49  ? 159 ARG B CA  1 
ATOM   1247 C C   . ARG B 1 63 ? -0.794  -11.758 -19.028 1.00 66.32  ? 159 ARG B C   1 
ATOM   1248 O O   . ARG B 1 63 ? -0.932  -11.898 -20.255 1.00 60.18  ? 159 ARG B O   1 
ATOM   1249 C CB  . ARG B 1 63 ? 1.410   -11.232 -17.914 1.00 62.42  ? 159 ARG B CB  1 
ATOM   1250 C CG  . ARG B 1 63 ? 2.476   -10.165 -17.589 1.00 66.39  ? 159 ARG B CG  1 
ATOM   1251 C CD  . ARG B 1 63 ? 3.787   -10.777 -17.123 1.00 68.77  ? 159 ARG B CD  1 
ATOM   1252 N NE  . ARG B 1 63 ? 4.480   -11.500 -18.186 1.00 74.56  ? 159 ARG B NE  1 
ATOM   1253 C CZ  . ARG B 1 63 ? 5.533   -12.303 -17.991 1.00 84.50  ? 159 ARG B CZ  1 
ATOM   1254 N NH1 . ARG B 1 63 ? 6.011   -12.482 -16.763 1.00 80.54  ? 159 ARG B NH1 1 
ATOM   1255 N NH2 . ARG B 1 63 ? 6.116   -12.938 -19.021 1.00 70.77  ? 159 ARG B NH2 1 
ATOM   1256 N N   . GLN B 1 64 ? -1.419  -12.505 -18.119 1.00 63.06  ? 160 GLN B N   1 
ATOM   1257 C CA  . GLN B 1 64 ? -2.374  -13.536 -18.472 1.00 67.50  ? 160 GLN B CA  1 
ATOM   1258 C C   . GLN B 1 64 ? -3.577  -12.993 -19.250 1.00 64.38  ? 160 GLN B C   1 
ATOM   1259 O O   . GLN B 1 64 ? -4.011  -13.585 -20.220 1.00 67.07  ? 160 GLN B O   1 
ATOM   1260 C CB  . GLN B 1 64 ? -2.853  -14.268 -17.222 1.00 68.97  ? 160 GLN B CB  1 
ATOM   1261 C CG  . GLN B 1 64 ? -3.905  -15.317 -17.526 1.00 67.60  ? 160 GLN B CG  1 
ATOM   1262 C CD  . GLN B 1 64 ? -4.248  -16.165 -16.308 1.00 78.16  ? 160 GLN B CD  1 
ATOM   1263 O OE1 . GLN B 1 64 ? -3.894  -15.826 -15.170 1.00 59.46  ? 160 GLN B OE1 1 
ATOM   1264 N NE2 . GLN B 1 64 ? -4.947  -17.285 -16.543 1.00 66.96  ? 160 GLN B NE2 1 
ATOM   1265 N N   . VAL B 1 65 ? -4.112  -11.855 -18.825 1.00 64.08  ? 161 VAL B N   1 
ATOM   1266 C CA  . VAL B 1 65 ? -5.224  -11.264 -19.557 1.00 58.93  ? 161 VAL B CA  1 
ATOM   1267 C C   . VAL B 1 65 ? -4.827  -10.923 -20.995 1.00 63.27  ? 161 VAL B C   1 
ATOM   1268 O O   . VAL B 1 65 ? -5.558  -11.231 -21.944 1.00 62.20  ? 161 VAL B O   1 
ATOM   1269 C CB  . VAL B 1 65 ? -5.835  -10.061 -18.804 1.00 59.20  ? 161 VAL B CB  1 
ATOM   1270 C CG1 . VAL B 1 65 ? -6.520  -9.096  -19.780 1.00 55.76  ? 161 VAL B CG1 1 
ATOM   1271 C CG2 . VAL B 1 65 ? -6.811  -10.575 -17.757 1.00 59.33  ? 161 VAL B CG2 1 
ATOM   1272 N N   . ASP B 1 66 ? -3.652  -10.329 -21.160 1.00 61.04  ? 162 ASP B N   1 
ATOM   1273 C CA  . ASP B 1 66 ? -3.203  -9.929  -22.492 1.00 61.34  ? 162 ASP B CA  1 
ATOM   1274 C C   . ASP B 1 66 ? -2.956  -11.139 -23.419 1.00 63.03  ? 162 ASP B C   1 
ATOM   1275 O O   . ASP B 1 66 ? -3.203  -11.079 -24.629 1.00 58.72  ? 162 ASP B O   1 
ATOM   1276 C CB  . ASP B 1 66 ? -1.941  -9.054  -22.393 1.00 57.99  ? 162 ASP B CB  1 
ATOM   1277 C CG  . ASP B 1 66 ? -2.161  -7.722  -21.593 1.00 70.52  ? 162 ASP B CG  1 
ATOM   1278 O OD1 . ASP B 1 66 ? -3.313  -7.221  -21.471 1.00 60.13  ? 162 ASP B OD1 1 
ATOM   1279 O OD2 . ASP B 1 66 ? -1.145  -7.157  -21.104 1.00 75.56  ? 162 ASP B OD2 1 
ATOM   1280 N N   . GLN B 1 67 ? -2.432  -12.216 -22.842 1.00 60.97  ? 163 GLN B N   1 
ATOM   1281 C CA  . GLN B 1 67 ? -2.178  -13.437 -23.594 1.00 62.67  ? 163 GLN B CA  1 
ATOM   1282 C C   . GLN B 1 67 ? -3.513  -14.015 -24.033 1.00 63.70  ? 163 GLN B C   1 
ATOM   1283 O O   . GLN B 1 67 ? -3.806  -14.102 -25.225 1.00 61.33  ? 163 GLN B O   1 
ATOM   1284 C CB  . GLN B 1 67 ? -1.418  -14.451 -22.738 1.00 62.12  ? 163 GLN B CB  1 
ATOM   1285 C CG  . GLN B 1 67 ? 0.037   -14.086 -22.491 1.00 67.11  ? 163 GLN B CG  1 
ATOM   1286 C CD  . GLN B 1 67 ? 0.597   -13.169 -23.562 1.00 72.92  ? 163 GLN B CD  1 
ATOM   1287 O OE1 . GLN B 1 67 ? 0.449   -11.950 -23.492 1.00 85.04  ? 163 GLN B OE1 1 
ATOM   1288 N NE2 . GLN B 1 67 ? 1.246   -13.756 -24.562 1.00 71.37  ? 163 GLN B NE2 1 
ATOM   1289 N N   . LEU B 1 68 ? -4.324  -14.397 -23.054 1.00 65.19  ? 164 LEU B N   1 
ATOM   1290 C CA  . LEU B 1 68 ? -5.691  -14.820 -23.316 1.00 61.27  ? 164 LEU B CA  1 
ATOM   1291 C C   . LEU B 1 68 ? -6.346  -13.967 -24.418 1.00 62.02  ? 164 LEU B C   1 
ATOM   1292 O O   . LEU B 1 68 ? -7.005  -14.470 -25.332 1.00 69.06  ? 164 LEU B O   1 
ATOM   1293 C CB  . LEU B 1 68 ? -6.509  -14.718 -22.024 1.00 67.15  ? 164 LEU B CB  1 
ATOM   1294 C CG  . LEU B 1 68 ? -6.464  -15.966 -21.148 1.00 65.10  ? 164 LEU B CG  1 
ATOM   1295 C CD1 . LEU B 1 68 ? -7.273  -15.776 -19.863 1.00 60.75  ? 164 LEU B CD1 1 
ATOM   1296 C CD2 . LEU B 1 68 ? -7.012  -17.117 -21.985 1.00 71.98  ? 164 LEU B CD2 1 
ATOM   1297 N N   . THR B 1 69 ? -6.151  -12.662 -24.323 1.00 61.56  ? 165 THR B N   1 
ATOM   1298 C CA  . THR B 1 69 ? -6.798  -11.752 -25.246 1.00 57.70  ? 165 THR B CA  1 
ATOM   1299 C C   . THR B 1 69 ? -6.296  -11.931 -26.686 1.00 65.85  ? 165 THR B C   1 
ATOM   1300 O O   . THR B 1 69 ? -7.038  -11.694 -27.644 1.00 63.63  ? 165 THR B O   1 
ATOM   1301 C CB  . THR B 1 69 ? -6.591  -10.299 -24.797 1.00 57.84  ? 165 THR B CB  1 
ATOM   1302 O OG1 . THR B 1 69 ? -7.450  -10.001 -23.676 1.00 59.41  ? 165 THR B OG1 1 
ATOM   1303 C CG2 . THR B 1 69 ? -6.887  -9.329  -25.948 1.00 42.38  ? 165 THR B CG2 1 
ATOM   1304 N N   . ASN B 1 70 ? -5.034  -12.327 -26.818 1.00 63.85  ? 166 ASN B N   1 
ATOM   1305 C CA  . ASN B 1 70 ? -4.392  -12.464 -28.102 1.00 57.63  ? 166 ASN B CA  1 
ATOM   1306 C C   . ASN B 1 70 ? -4.706  -13.857 -28.654 1.00 63.57  ? 166 ASN B C   1 
ATOM   1307 O O   . ASN B 1 70 ? -4.906  -14.031 -29.855 1.00 67.49  ? 166 ASN B O   1 
ATOM   1308 C CB  . ASN B 1 70 ? -2.886  -12.303 -27.974 1.00 52.23  ? 166 ASN B CB  1 
ATOM   1309 C CG  . ASN B 1 70 ? -2.435  -10.849 -27.952 1.00 62.31  ? 166 ASN B CG  1 
ATOM   1310 O OD1 . ASN B 1 70 ? -2.949  -10.007 -28.699 1.00 60.34  ? 166 ASN B OD1 1 
ATOM   1311 N ND2 . ASN B 1 70 ? -1.440  -10.549 -27.097 1.00 58.64  ? 166 ASN B ND2 1 
ATOM   1312 N N   . ASP B 1 71 ? -4.739  -14.832 -27.751 1.00 61.89  ? 167 ASP B N   1 
ATOM   1313 C CA  . ASP B 1 71 ? -5.111  -16.190 -28.065 1.00 66.91  ? 167 ASP B CA  1 
ATOM   1314 C C   . ASP B 1 71 ? -6.509  -16.177 -28.687 1.00 71.16  ? 167 ASP B C   1 
ATOM   1315 O O   . ASP B 1 71 ? -6.690  -16.555 -29.852 1.00 65.68  ? 167 ASP B O   1 
ATOM   1316 C CB  . ASP B 1 71 ? -5.115  -17.019 -26.789 1.00 64.72  ? 167 ASP B CB  1 
ATOM   1317 C CG  . ASP B 1 71 ? -5.043  -18.502 -27.058 1.00 79.22  ? 167 ASP B CG  1 
ATOM   1318 O OD1 . ASP B 1 71 ? -5.422  -18.936 -28.176 1.00 90.97  ? 167 ASP B OD1 1 
ATOM   1319 O OD2 . ASP B 1 71 ? -4.607  -19.245 -26.154 1.00 73.52  ? 167 ASP B OD2 1 
ATOM   1320 N N   . LYS B 1 72 ? -7.490  -15.726 -27.903 1.00 73.00  ? 168 LYS B N   1 
ATOM   1321 C CA  . LYS B 1 72 ? -8.845  -15.535 -28.408 1.00 72.22  ? 168 LYS B CA  1 
ATOM   1322 C C   . LYS B 1 72 ? -8.834  -14.771 -29.738 1.00 73.08  ? 168 LYS B C   1 
ATOM   1323 O O   . LYS B 1 72 ? -9.580  -15.105 -30.655 1.00 76.19  ? 168 LYS B O   1 
ATOM   1324 C CB  . LYS B 1 72 ? -9.720  -14.819 -27.384 1.00 71.44  ? 168 LYS B CB  1 
ATOM   1325 C CG  . LYS B 1 72 ? -11.121 -14.499 -27.878 1.00 78.44  ? 168 LYS B CG  1 
ATOM   1326 C CD  . LYS B 1 72 ? -11.854 -13.511 -26.944 1.00 79.47  ? 168 LYS B CD  1 
ATOM   1327 C CE  . LYS B 1 72 ? -13.289 -13.316 -27.436 1.00 90.77  ? 168 LYS B CE  1 
ATOM   1328 N NZ  . LYS B 1 72 ? -14.133 -12.550 -26.476 1.00 98.66  ? 168 LYS B NZ  1 
ATOM   1329 N N   . ALA B 1 73 ? -7.978  -13.765 -29.863 1.00 69.06  ? 169 ALA B N   1 
ATOM   1330 C CA  . ALA B 1 73 ? -7.941  -13.016 -31.106 1.00 68.44  ? 169 ALA B CA  1 
ATOM   1331 C C   . ALA B 1 73 ? -7.457  -13.843 -32.315 1.00 70.23  ? 169 ALA B C   1 
ATOM   1332 O O   . ALA B 1 73 ? -7.940  -13.629 -33.436 1.00 66.94  ? 169 ALA B O   1 
ATOM   1333 C CB  . ALA B 1 73 ? -7.133  -11.768 -30.951 1.00 60.48  ? 169 ALA B CB  1 
ATOM   1334 N N   . ARG B 1 74 ? -6.513  -14.767 -32.092 1.00 66.13  ? 170 ARG B N   1 
ATOM   1335 C CA  . ARG B 1 74 ? -6.077  -15.681 -33.160 1.00 66.96  ? 170 ARG B CA  1 
ATOM   1336 C C   . ARG B 1 74 ? -7.184  -16.664 -33.581 1.00 70.04  ? 170 ARG B C   1 
ATOM   1337 O O   . ARG B 1 74 ? -7.492  -16.793 -34.782 1.00 68.08  ? 170 ARG B O   1 
ATOM   1338 C CB  . ARG B 1 74 ? -4.789  -16.442 -32.800 1.00 61.35  ? 170 ARG B CB  1 
ATOM   1339 C CG  . ARG B 1 74 ? -3.508  -15.579 -32.888 1.00 66.21  ? 170 ARG B CG  1 
ATOM   1340 C CD  . ARG B 1 74 ? -2.224  -16.310 -32.404 1.00 59.74  ? 170 ARG B CD  1 
ATOM   1341 N NE  . ARG B 1 74 ? -2.419  -16.891 -31.077 1.00 68.59  ? 170 ARG B NE  1 
ATOM   1342 C CZ  . ARG B 1 74 ? -2.000  -16.349 -29.926 1.00 66.21  ? 170 ARG B CZ  1 
ATOM   1343 N NH1 . ARG B 1 74 ? -1.311  -15.208 -29.910 1.00 59.20  ? 170 ARG B NH1 1 
ATOM   1344 N NH2 . ARG B 1 74 ? -2.259  -16.972 -28.781 1.00 53.87  ? 170 ARG B NH2 1 
ATOM   1345 N N   . VAL B 1 75 ? -7.750  -17.357 -32.593 1.00 66.23  ? 171 VAL B N   1 
ATOM   1346 C CA  . VAL B 1 75 ? -8.873  -18.272 -32.796 1.00 70.16  ? 171 VAL B CA  1 
ATOM   1347 C C   . VAL B 1 75 ? -10.064 -17.572 -33.441 1.00 73.49  ? 171 VAL B C   1 
ATOM   1348 O O   . VAL B 1 75 ? -10.818 -18.198 -34.158 1.00 72.20  ? 171 VAL B O   1 
ATOM   1349 C CB  . VAL B 1 75 ? -9.302  -18.986 -31.476 1.00 74.00  ? 171 VAL B CB  1 
ATOM   1350 C CG1 . VAL B 1 75 ? -10.610 -19.746 -31.675 1.00 72.18  ? 171 VAL B CG1 1 
ATOM   1351 C CG2 . VAL B 1 75 ? -8.206  -19.932 -30.989 1.00 74.66  ? 171 VAL B CG2 1 
ATOM   1352 N N   . GLU B 1 76 ? -10.232 -16.271 -33.207 1.00 77.26  ? 172 GLU B N   1 
ATOM   1353 C CA  . GLU B 1 76 ? -11.307 -15.533 -33.887 1.00 77.36  ? 172 GLU B CA  1 
ATOM   1354 C C   . GLU B 1 76 ? -10.992 -15.254 -35.364 1.00 77.62  ? 172 GLU B C   1 
ATOM   1355 O O   . GLU B 1 76 ? -11.851 -15.412 -36.231 1.00 79.42  ? 172 GLU B O   1 
ATOM   1356 C CB  . GLU B 1 76 ? -11.686 -14.243 -33.152 1.00 73.39  ? 172 GLU B CB  1 
ATOM   1357 C CG  . GLU B 1 76 ? -12.881 -14.399 -32.202 1.00 79.59  ? 172 GLU B CG  1 
ATOM   1358 C CD  . GLU B 1 76 ? -13.155 -13.148 -31.340 1.00 86.64  ? 172 GLU B CD  1 
ATOM   1359 O OE1 . GLU B 1 76 ? -12.183 -12.482 -30.917 1.00 85.82  ? 172 GLU B OE1 1 
ATOM   1360 O OE2 . GLU B 1 76 ? -14.347 -12.837 -31.074 1.00 78.01  ? 172 GLU B OE2 1 
ATOM   1361 N N   . VAL B 1 77 ? -9.762  -14.844 -35.651 1.00 75.99  ? 173 VAL B N   1 
ATOM   1362 C CA  . VAL B 1 77 ? -9.330  -14.646 -37.031 1.00 75.75  ? 173 VAL B CA  1 
ATOM   1363 C C   . VAL B 1 77 ? -9.593  -15.905 -37.860 1.00 79.47  ? 173 VAL B C   1 
ATOM   1364 O O   . VAL B 1 77 ? -9.934  -15.839 -39.039 1.00 81.93  ? 173 VAL B O   1 
ATOM   1365 C CB  . VAL B 1 77 ? -7.822  -14.320 -37.101 1.00 75.62  ? 173 VAL B CB  1 
ATOM   1366 C CG1 . VAL B 1 77 ? -7.284  -14.597 -38.490 1.00 88.50  ? 173 VAL B CG1 1 
ATOM   1367 C CG2 . VAL B 1 77 ? -7.575  -12.869 -36.720 1.00 74.74  ? 173 VAL B CG2 1 
ATOM   1368 N N   . GLU B 1 78 ? -9.412  -17.049 -37.214 1.00 73.98  ? 174 GLU B N   1 
ATOM   1369 C CA  . GLU B 1 78 ? -9.563  -18.334 -37.831 1.00 74.71  ? 174 GLU B CA  1 
ATOM   1370 C C   . GLU B 1 78 ? -11.061 -18.625 -38.056 1.00 82.08  ? 174 GLU B C   1 
ATOM   1371 O O   . GLU B 1 78 ? -11.489 -18.816 -39.193 1.00 77.84  ? 174 GLU B O   1 
ATOM   1372 C CB  . GLU B 1 78 ? -8.864  -19.407 -36.986 1.00 67.17  ? 174 GLU B CB  1 
ATOM   1373 C CG  . GLU B 1 78 ? -8.976  -20.847 -37.516 1.00 86.94  ? 174 GLU B CG  1 
ATOM   1374 C CD  . GLU B 1 78 ? -7.948  -21.796 -36.873 1.00 94.13  ? 174 GLU B CD  1 
ATOM   1375 O OE1 . GLU B 1 78 ? -7.442  -21.496 -35.750 1.00 75.08  ? 174 GLU B OE1 1 
ATOM   1376 O OE2 . GLU B 1 78 ? -7.652  -22.842 -37.506 1.00 86.79  ? 174 GLU B OE2 1 
ATOM   1377 N N   . ARG B 1 79 ? -11.842 -18.624 -36.978 1.00 79.55  ? 175 ARG B N   1 
ATOM   1378 C CA  . ARG B 1 79 ? -13.294 -18.747 -37.055 1.00 76.39  ? 175 ARG B CA  1 
ATOM   1379 C C   . ARG B 1 79 ? -13.916 -17.781 -38.056 1.00 79.96  ? 175 ARG B C   1 
ATOM   1380 O O   . ARG B 1 79 ? -14.810 -18.169 -38.801 1.00 90.43  ? 175 ARG B O   1 
ATOM   1381 C CB  . ARG B 1 79 ? -13.956 -18.518 -35.688 1.00 75.96  ? 175 ARG B CB  1 
ATOM   1382 C CG  . ARG B 1 79 ? -15.478 -18.413 -35.773 1.00 77.31  ? 175 ARG B CG  1 
ATOM   1383 C CD  . ARG B 1 79 ? -16.074 -17.524 -34.703 1.00 86.16  ? 175 ARG B CD  1 
ATOM   1384 N NE  . ARG B 1 79 ? -15.681 -16.126 -34.865 1.00 90.04  ? 175 ARG B NE  1 
ATOM   1385 C CZ  . ARG B 1 79 ? -15.987 -15.149 -34.005 1.00 91.10  ? 175 ARG B CZ  1 
ATOM   1386 N NH1 . ARG B 1 79 ? -16.703 -15.406 -32.919 1.00 90.38  ? 175 ARG B NH1 1 
ATOM   1387 N NH2 . ARG B 1 79 ? -15.581 -13.909 -34.236 1.00 89.17  ? 175 ARG B NH2 1 
ATOM   1388 N N   . ASP B 1 80 ? -13.484 -16.524 -38.067 1.00 78.08  ? 176 ASP B N   1 
ATOM   1389 C CA  . ASP B 1 80 ? -14.087 -15.542 -38.977 1.00 81.46  ? 176 ASP B CA  1 
ATOM   1390 C C   . ASP B 1 80 ? -13.682 -15.802 -40.416 1.00 86.66  ? 176 ASP B C   1 
ATOM   1391 O O   . ASP B 1 80 ? -14.410 -15.471 -41.357 1.00 85.43  ? 176 ASP B O   1 
ATOM   1392 C CB  . ASP B 1 80 ? -13.747 -14.104 -38.581 1.00 82.86  ? 176 ASP B CB  1 
ATOM   1393 C CG  . ASP B 1 80 ? -14.373 -13.707 -37.259 1.00 90.28  ? 176 ASP B CG  1 
ATOM   1394 O OD1 . ASP B 1 80 ? -15.158 -14.519 -36.719 1.00 89.26  ? 176 ASP B OD1 1 
ATOM   1395 O OD2 . ASP B 1 80 ? -14.094 -12.590 -36.768 1.00 89.78  ? 176 ASP B OD2 1 
ATOM   1396 N N   . ASN B 1 81 ? -12.513 -16.403 -40.585 1.00 84.64  ? 177 ASN B N   1 
ATOM   1397 C CA  . ASN B 1 81 ? -12.083 -16.824 -41.908 1.00 85.91  ? 177 ASN B CA  1 
ATOM   1398 C C   . ASN B 1 81 ? -12.981 -17.940 -42.461 1.00 87.33  ? 177 ASN B C   1 
ATOM   1399 O O   . ASN B 1 81 ? -13.219 -18.032 -43.666 1.00 87.41  ? 177 ASN B O   1 
ATOM   1400 C CB  . ASN B 1 81 ? -10.615 -17.254 -41.873 1.00 85.57  ? 177 ASN B CB  1 
ATOM   1401 C CG  . ASN B 1 81 ? -9.665  -16.077 -41.995 1.00 96.97  ? 177 ASN B CG  1 
ATOM   1402 O OD1 . ASN B 1 81 ? -10.088 -14.910 -42.028 1.00 99.54  ? 177 ASN B OD1 1 
ATOM   1403 N ND2 . ASN B 1 81 ? -8.370  -16.375 -42.061 1.00 93.22  ? 177 ASN B ND2 1 
ATOM   1404 N N   . LEU B 1 82 ? -13.487 -18.778 -41.558 1.00 82.69  ? 178 LEU B N   1 
ATOM   1405 C CA  . LEU B 1 82 ? -14.384 -19.870 -41.924 1.00 82.35  ? 178 LEU B CA  1 
ATOM   1406 C C   . LEU B 1 82 ? -15.833 -19.399 -42.122 1.00 82.22  ? 178 LEU B C   1 
ATOM   1407 O O   . LEU B 1 82 ? -16.608 -20.053 -42.762 1.00 78.32  ? 178 LEU B O   1 
ATOM   1408 C CB  . LEU B 1 82 ? -14.316 -20.996 -40.870 1.00 73.91  ? 178 LEU B CB  1 
ATOM   1409 C CG  . LEU B 1 82 ? -12.946 -21.672 -40.680 1.00 73.85  ? 178 LEU B CG  1 
ATOM   1410 C CD1 . LEU B 1 82 ? -13.001 -22.847 -39.684 1.00 67.82  ? 178 LEU B CD1 1 
ATOM   1411 C CD2 . LEU B 1 82 ? -12.343 -22.112 -42.023 1.00 67.71  ? 178 LEU B CD2 1 
ATOM   1412 N N   . ALA B 1 83 ? -16.198 -18.262 -41.543 1.00 88.79  ? 179 ALA B N   1 
ATOM   1413 C CA  . ALA B 1 83 ? -17.564 -17.756 -41.672 1.00 84.74  ? 179 ALA B CA  1 
ATOM   1414 C C   . ALA B 1 83 ? -17.803 -17.195 -43.062 1.00 86.25  ? 179 ALA B C   1 
ATOM   1415 O O   . ALA B 1 83 ? -18.944 -17.150 -43.534 1.00 86.06  ? 179 ALA B O   1 
ATOM   1416 C CB  . ALA B 1 83 ? -17.853 -16.680 -40.603 1.00 59.41  ? 179 ALA B CB  1 
ATOM   1417 N N   . GLU B 1 84 ? -16.716 -16.751 -43.694 1.00 84.29  ? 180 GLU B N   1 
ATOM   1418 C CA  . GLU B 1 84 ? -16.751 -16.207 -45.044 1.00 89.78  ? 180 GLU B CA  1 
ATOM   1419 C C   . GLU B 1 84 ? -16.776 -17.393 -45.996 1.00 90.91  ? 180 GLU B C   1 
ATOM   1420 O O   . GLU B 1 84 ? -17.382 -17.340 -47.060 1.00 90.66  ? 180 GLU B O   1 
ATOM   1421 C CB  . GLU B 1 84 ? -15.497 -15.384 -45.318 1.00 94.24  ? 180 GLU B CB  1 
ATOM   1422 C CG  . GLU B 1 84 ? -14.255 -16.263 -45.483 1.00 100.37 ? 180 GLU B CG  1 
ATOM   1423 C CD  . GLU B 1 84 ? -12.952 -15.488 -45.573 1.00 107.41 ? 180 GLU B CD  1 
ATOM   1424 O OE1 . GLU B 1 84 ? -12.747 -14.560 -44.750 1.00 106.35 ? 180 GLU B OE1 1 
ATOM   1425 O OE2 . GLU B 1 84 ? -12.134 -15.821 -46.472 1.00 99.36  ? 180 GLU B OE2 1 
ATOM   1426 N N   . ASP B 1 85 ? -16.104 -18.468 -45.594 1.00 91.30  ? 181 ASP B N   1 
ATOM   1427 C CA  . ASP B 1 85 ? -16.104 -19.703 -46.369 1.00 89.18  ? 181 ASP B CA  1 
ATOM   1428 C C   . ASP B 1 85 ? -17.500 -20.329 -46.510 1.00 91.31  ? 181 ASP B C   1 
ATOM   1429 O O   . ASP B 1 85 ? -17.941 -20.544 -47.641 1.00 100.02 ? 181 ASP B O   1 
ATOM   1430 C CB  . ASP B 1 85 ? -15.070 -20.716 -45.843 1.00 90.41  ? 181 ASP B CB  1 
ATOM   1431 C CG  . ASP B 1 85 ? -13.626 -20.249 -46.046 1.00 89.06  ? 181 ASP B CG  1 
ATOM   1432 O OD1 . ASP B 1 85 ? -13.422 -19.113 -46.539 1.00 85.58  ? 181 ASP B OD1 1 
ATOM   1433 O OD2 . ASP B 1 85 ? -12.696 -21.015 -45.699 1.00 88.63  ? 181 ASP B OD2 1 
ATOM   1434 N N   . ILE B 1 86 ? -18.204 -20.621 -45.409 1.00 87.47  ? 182 ILE B N   1 
ATOM   1435 C CA  . ILE B 1 86 ? -19.571 -21.165 -45.536 1.00 95.25  ? 182 ILE B CA  1 
ATOM   1436 C C   . ILE B 1 86 ? -20.519 -20.188 -46.222 1.00 93.65  ? 182 ILE B C   1 
ATOM   1437 O O   . ILE B 1 86 ? -21.483 -20.611 -46.862 1.00 94.21  ? 182 ILE B O   1 
ATOM   1438 C CB  . ILE B 1 86 ? -20.269 -21.570 -44.192 1.00 93.16  ? 182 ILE B CB  1 
ATOM   1439 C CG1 . ILE B 1 86 ? -20.453 -20.353 -43.277 1.00 88.59  ? 182 ILE B CG1 1 
ATOM   1440 C CG2 . ILE B 1 86 ? -19.605 -22.764 -43.524 1.00 85.31  ? 182 ILE B CG2 1 
ATOM   1441 C CD1 . ILE B 1 86 ? -21.784 -19.590 -43.476 1.00 89.81  ? 182 ILE B CD1 1 
ATOM   1442 N N   . MET B 1 87 ? -20.269 -18.889 -46.051 1.00 94.75  ? 183 MET B N   1 
ATOM   1443 C CA  . MET B 1 87 ? -21.133 -17.860 -46.637 1.00 97.95  ? 183 MET B CA  1 
ATOM   1444 C C   . MET B 1 87 ? -21.016 -17.861 -48.168 1.00 97.04  ? 183 MET B C   1 
ATOM   1445 O O   . MET B 1 87 ? -22.007 -17.667 -48.878 1.00 100.94 ? 183 MET B O   1 
ATOM   1446 C CB  . MET B 1 87 ? -20.812 -16.481 -46.053 1.00 96.91  ? 183 MET B CB  1 
ATOM   1447 C CG  . MET B 1 87 ? -21.879 -15.426 -46.308 1.00 96.67  ? 183 MET B CG  1 
ATOM   1448 S SD  . MET B 1 87 ? -21.546 -13.853 -45.482 1.00 142.35 ? 183 MET B SD  1 
ATOM   1449 C CE  . MET B 1 87 ? -21.226 -14.378 -43.789 1.00 106.83 ? 183 MET B CE  1 
ATOM   1450 N N   . ARG B 1 88 ? -19.800 -18.098 -48.657 1.00 95.16  ? 184 ARG B N   1 
ATOM   1451 C CA  . ARG B 1 88 ? -19.547 -18.291 -50.077 1.00 99.34  ? 184 ARG B CA  1 
ATOM   1452 C C   . ARG B 1 88 ? -20.077 -19.624 -50.598 1.00 99.49  ? 184 ARG B C   1 
ATOM   1453 O O   . ARG B 1 88 ? -20.791 -19.658 -51.603 1.00 102.36 ? 184 ARG B O   1 
ATOM   1454 C CB  . ARG B 1 88 ? -18.053 -18.199 -50.375 1.00 97.66  ? 184 ARG B CB  1 
ATOM   1455 C CG  . ARG B 1 88 ? -17.515 -16.791 -50.333 1.00 103.35 ? 184 ARG B CG  1 
ATOM   1456 C CD  . ARG B 1 88 ? -16.275 -16.663 -51.197 1.00 113.94 ? 184 ARG B CD  1 
ATOM   1457 N NE  . ARG B 1 88 ? -15.483 -15.498 -50.819 1.00 111.67 ? 184 ARG B NE  1 
ATOM   1458 C CZ  . ARG B 1 88 ? -14.498 -15.534 -49.930 1.00 115.17 ? 184 ARG B CZ  1 
ATOM   1459 N NH1 . ARG B 1 88 ? -14.186 -16.679 -49.334 1.00 106.20 ? 184 ARG B NH1 1 
ATOM   1460 N NH2 . ARG B 1 88 ? -13.824 -14.431 -49.640 1.00 125.01 ? 184 ARG B NH2 1 
ATOM   1461 N N   . LEU B 1 89 ? -19.714 -20.718 -49.929 1.00 96.98  ? 185 LEU B N   1 
ATOM   1462 C CA  . LEU B 1 89 ? -20.141 -22.055 -50.351 1.00 100.15 ? 185 LEU B CA  1 
ATOM   1463 C C   . LEU B 1 89 ? -21.654 -22.225 -50.326 1.00 101.91 ? 185 LEU B C   1 
ATOM   1464 O O   . LEU B 1 89 ? -22.202 -22.926 -51.166 1.00 99.05  ? 185 LEU B O   1 
ATOM   1465 C CB  . LEU B 1 89 ? -19.482 -23.159 -49.522 1.00 102.67 ? 185 LEU B CB  1 
ATOM   1466 C CG  . LEU B 1 89 ? -17.954 -23.206 -49.549 1.00 108.17 ? 185 LEU B CG  1 
ATOM   1467 C CD1 . LEU B 1 89 ? -17.443 -24.440 -48.794 1.00 100.49 ? 185 LEU B CD1 1 
ATOM   1468 C CD2 . LEU B 1 89 ? -17.439 -23.164 -50.989 1.00 104.93 ? 185 LEU B CD2 1 
ATOM   1469 N N   . ARG B 1 90 ? -22.339 -21.593 -49.377 1.00 103.61 ? 186 ARG B N   1 
ATOM   1470 C CA  . ARG B 1 90 ? -23.801 -21.632 -49.394 1.00 105.42 ? 186 ARG B CA  1 
ATOM   1471 C C   . ARG B 1 90 ? -24.409 -20.918 -50.625 1.00 104.56 ? 186 ARG B C   1 
ATOM   1472 O O   . ARG B 1 90 ? -25.500 -21.270 -51.079 1.00 97.94  ? 186 ARG B O   1 
ATOM   1473 C CB  . ARG B 1 90 ? -24.390 -21.138 -48.069 1.00 98.26  ? 186 ARG B CB  1 
ATOM   1474 C CG  . ARG B 1 90 ? -24.194 -22.147 -46.927 1.00 99.45  ? 186 ARG B CG  1 
ATOM   1475 C CD  . ARG B 1 90 ? -25.106 -21.897 -45.720 1.00 87.24  ? 186 ARG B CD  1 
ATOM   1476 N NE  . ARG B 1 90 ? -25.052 -23.026 -44.795 1.00 89.53  ? 186 ARG B NE  1 
ATOM   1477 C CZ  . ARG B 1 90 ? -24.483 -22.983 -43.590 1.00 94.92  ? 186 ARG B CZ  1 
ATOM   1478 N NH1 . ARG B 1 90 ? -23.920 -21.859 -43.139 1.00 97.91  ? 186 ARG B NH1 1 
ATOM   1479 N NH2 . ARG B 1 90 ? -24.488 -24.061 -42.817 1.00 84.55  ? 186 ARG B NH2 1 
ATOM   1480 N N   . GLU B 1 91 ? -23.681 -19.946 -51.174 1.00 103.06 ? 187 GLU B N   1 
ATOM   1481 C CA  . GLU B 1 91 ? -24.095 -19.232 -52.381 1.00 101.23 ? 187 GLU B CA  1 
ATOM   1482 C C   . GLU B 1 91 ? -23.754 -19.993 -53.677 1.00 105.16 ? 187 GLU B C   1 
ATOM   1483 O O   . GLU B 1 91 ? -24.052 -19.527 -54.780 1.00 101.29 ? 187 GLU B O   1 
ATOM   1484 C CB  . GLU B 1 91 ? -23.477 -17.829 -52.419 1.00 97.68  ? 187 GLU B CB  1 
ATOM   1485 C CG  . GLU B 1 91 ? -23.981 -16.892 -51.338 1.00 101.47 ? 187 GLU B CG  1 
ATOM   1486 C CD  . GLU B 1 91 ? -24.417 -15.538 -51.886 1.00 115.17 ? 187 GLU B CD  1 
ATOM   1487 O OE1 . GLU B 1 91 ? -24.003 -14.495 -51.318 1.00 101.94 ? 187 GLU B OE1 1 
ATOM   1488 O OE2 . GLU B 1 91 ? -25.183 -15.524 -52.879 1.00 115.93 ? 187 GLU B OE2 1 
ATOM   1489 N N   . LYS B 1 92 ? -23.126 -21.158 -53.531 1.00 106.27 ? 188 LYS B N   1 
ATOM   1490 C CA  . LYS B 1 92 ? -22.828 -22.052 -54.656 1.00 98.24  ? 188 LYS B CA  1 
ATOM   1491 C C   . LYS B 1 92 ? -23.814 -23.235 -54.719 1.00 101.00 ? 188 LYS B C   1 
ATOM   1492 O O   . LYS B 1 92 ? -23.755 -24.070 -55.635 1.00 103.29 ? 188 LYS B O   1 
ATOM   1493 C CB  . LYS B 1 92 ? -21.378 -22.574 -54.573 1.00 98.62  ? 188 LYS B CB  1 
ATOM   1494 C CG  . LYS B 1 92 ? -20.320 -21.646 -55.186 1.00 96.99  ? 188 LYS B CG  1 
ATOM   1495 C CD  . LYS B 1 92 ? -18.902 -22.211 -55.013 1.00 102.73 ? 188 LYS B CD  1 
ATOM   1496 C CE  . LYS B 1 92 ? -17.830 -21.153 -55.300 1.00 114.24 ? 188 LYS B CE  1 
ATOM   1497 N NZ  . LYS B 1 92 ? -16.626 -21.264 -54.405 1.00 104.26 ? 188 LYS B NZ  1 
ATOM   1498 N N   . LEU B 1 93 ? -24.725 -23.278 -53.747 1.00 92.04  ? 189 LEU B N   1 
ATOM   1499 C CA  . LEU B 1 93 ? -25.652 -24.392 -53.548 1.00 94.71  ? 189 LEU B CA  1 
ATOM   1500 C C   . LEU B 1 93 ? -27.010 -24.110 -54.180 1.00 88.31  ? 189 LEU B C   1 
ATOM   1501 O O   . LEU B 1 93 ? -27.554 -23.023 -54.012 1.00 83.99  ? 189 LEU B O   1 
ATOM   1502 C CB  . LEU B 1 93 ? -25.805 -24.685 -52.044 1.00 90.86  ? 189 LEU B CB  1 
ATOM   1503 C CG  . LEU B 1 93 ? -26.830 -25.726 -51.580 1.00 83.56  ? 189 LEU B CG  1 
ATOM   1504 C CD1 . LEU B 1 93 ? -26.679 -26.995 -52.385 1.00 80.79  ? 189 LEU B CD1 1 
ATOM   1505 C CD2 . LEU B 1 93 ? -26.712 -26.037 -50.103 1.00 74.50  ? 189 LEU B CD2 1 
HETATM 1506 C C1  . GOL C 2 .  ? -0.924  22.998  16.511  1.00 86.88  ? 202 GOL A C1  1 
HETATM 1507 O O1  . GOL C 2 .  ? 0.086   22.813  15.545  1.00 86.92  ? 202 GOL A O1  1 
HETATM 1508 C C2  . GOL C 2 .  ? -1.743  24.234  16.161  1.00 92.47  ? 202 GOL A C2  1 
HETATM 1509 O O2  . GOL C 2 .  ? -1.395  24.678  14.868  1.00 94.43  ? 202 GOL A O2  1 
HETATM 1510 C C3  . GOL C 2 .  ? -3.227  23.888  16.197  1.00 86.75  ? 202 GOL A C3  1 
HETATM 1511 O O3  . GOL C 2 .  ? -3.964  24.909  15.564  1.00 87.79  ? 202 GOL A O3  1 
HETATM 1512 C C1  . GOL D 2 .  ? 18.490  -10.823 15.099  1.00 86.88  ? 201 GOL B C1  1 
HETATM 1513 O O1  . GOL D 2 .  ? 19.548  -11.626 15.583  1.00 86.92  ? 201 GOL B O1  1 
HETATM 1514 C C2  . GOL D 2 .  ? 17.721  -10.110 16.214  1.00 92.47  ? 201 GOL B C2  1 
HETATM 1515 O O2  . GOL D 2 .  ? 18.411  -10.124 17.447  1.00 94.43  ? 201 GOL B O2  1 
HETATM 1516 C C3  . GOL D 2 .  ? 16.368  -10.778 16.408  1.00 86.75  ? 201 GOL B C3  1 
HETATM 1517 O O3  . GOL D 2 .  ? 15.789  -10.319 17.614  1.00 87.79  ? 201 GOL B O3  1 
HETATM 1518 O O   . HOH E 3 .  ? -14.985 -6.075  -12.132 1.00 70.08  ? 206 HOH A O   1 
HETATM 1519 O O   . HOH F 3 .  ? 15.330  -8.183  5.794   1.00 50.81  ? 203 HOH B O   1 
HETATM 1520 O O   . HOH F 3 .  ? 14.087  -9.446  3.408   1.00 39.70  ? 204 HOH B O   1 
HETATM 1521 O O   . HOH F 3 .  ? -1.121  -12.793 -31.466 0.50 50.14  ? 205 HOH B O   1 
# 
